data_4D0E
# 
_entry.id   4D0E 
# 
_audit_conform.dict_name       mmcif_pdbx.dic 
_audit_conform.dict_version    5.399 
_audit_conform.dict_location   http://mmcif.pdb.org/dictionaries/ascii/mmcif_pdbx.dic 
# 
loop_
_database_2.database_id 
_database_2.database_code 
_database_2.pdbx_database_accession 
_database_2.pdbx_DOI 
PDB   4D0E         pdb_00004d0e 10.2210/pdb4d0e/pdb 
PDBE  EBI-59192    ?            ?                   
WWPDB D_1290059192 ?            ?                   
# 
loop_
_pdbx_audit_revision_history.ordinal 
_pdbx_audit_revision_history.data_content_type 
_pdbx_audit_revision_history.major_revision 
_pdbx_audit_revision_history.minor_revision 
_pdbx_audit_revision_history.revision_date 
1 'Structure model' 1 0 2014-05-21 
2 'Structure model' 1 1 2014-06-04 
3 'Structure model' 1 2 2018-02-07 
4 'Structure model' 2 0 2020-07-29 
5 'Structure model' 2 1 2023-12-20 
6 'Structure model' 2 2 2024-11-20 
# 
loop_
_pdbx_audit_revision_details.ordinal 
_pdbx_audit_revision_details.revision_ordinal 
_pdbx_audit_revision_details.data_content_type 
_pdbx_audit_revision_details.provider 
_pdbx_audit_revision_details.type 
_pdbx_audit_revision_details.description 
_pdbx_audit_revision_details.details 
1 1 'Structure model' repository 'Initial release' ?                          ? 
2 4 'Structure model' repository Remediation       'Carbohydrate remediation' ? 
# 
loop_
_pdbx_audit_revision_group.ordinal 
_pdbx_audit_revision_group.revision_ordinal 
_pdbx_audit_revision_group.data_content_type 
_pdbx_audit_revision_group.group 
1  2 'Structure model' 'Database references'    
2  3 'Structure model' 'Structure summary'      
3  4 'Structure model' 'Atomic model'           
4  4 'Structure model' 'Data collection'        
5  4 'Structure model' 'Derived calculations'   
6  4 'Structure model' Other                    
7  4 'Structure model' 'Structure summary'      
8  5 'Structure model' 'Data collection'        
9  5 'Structure model' 'Database references'    
10 5 'Structure model' 'Refinement description' 
11 5 'Structure model' 'Structure summary'      
12 6 'Structure model' 'Structure summary'      
# 
loop_
_pdbx_audit_revision_category.ordinal 
_pdbx_audit_revision_category.revision_ordinal 
_pdbx_audit_revision_category.data_content_type 
_pdbx_audit_revision_category.category 
1  3 'Structure model' audit_author                  
2  4 'Structure model' atom_site                     
3  4 'Structure model' chem_comp                     
4  4 'Structure model' entity                        
5  4 'Structure model' pdbx_branch_scheme            
6  4 'Structure model' pdbx_chem_comp_identifier     
7  4 'Structure model' pdbx_database_status          
8  4 'Structure model' pdbx_entity_branch            
9  4 'Structure model' pdbx_entity_branch_descriptor 
10 4 'Structure model' pdbx_entity_branch_link       
11 4 'Structure model' pdbx_entity_branch_list       
12 4 'Structure model' pdbx_entity_nonpoly           
13 4 'Structure model' pdbx_nonpoly_scheme           
14 4 'Structure model' pdbx_struct_assembly_gen      
15 4 'Structure model' pdbx_struct_conn_angle        
16 4 'Structure model' pdbx_struct_special_symmetry  
17 4 'Structure model' struct_asym                   
18 4 'Structure model' struct_conn                   
19 4 'Structure model' struct_site                   
20 4 'Structure model' struct_site_gen               
21 5 'Structure model' chem_comp                     
22 5 'Structure model' chem_comp_atom                
23 5 'Structure model' chem_comp_bond                
24 5 'Structure model' database_2                    
25 5 'Structure model' pdbx_initial_refinement_model 
26 6 'Structure model' pdbx_entry_details            
27 6 'Structure model' pdbx_modification_feature     
# 
loop_
_pdbx_audit_revision_item.ordinal 
_pdbx_audit_revision_item.revision_ordinal 
_pdbx_audit_revision_item.data_content_type 
_pdbx_audit_revision_item.item 
1  3 'Structure model' '_audit_author.name'                          
2  4 'Structure model' '_atom_site.B_iso_or_equiv'                   
3  4 'Structure model' '_atom_site.Cartn_x'                          
4  4 'Structure model' '_atom_site.Cartn_y'                          
5  4 'Structure model' '_atom_site.Cartn_z'                          
6  4 'Structure model' '_atom_site.auth_asym_id'                     
7  4 'Structure model' '_atom_site.auth_atom_id'                     
8  4 'Structure model' '_atom_site.auth_comp_id'                     
9  4 'Structure model' '_atom_site.auth_seq_id'                      
10 4 'Structure model' '_atom_site.label_asym_id'                    
11 4 'Structure model' '_atom_site.label_atom_id'                    
12 4 'Structure model' '_atom_site.label_comp_id'                    
13 4 'Structure model' '_atom_site.label_entity_id'                  
14 4 'Structure model' '_atom_site.type_symbol'                      
15 4 'Structure model' '_chem_comp.name'                             
16 4 'Structure model' '_chem_comp.type'                             
17 4 'Structure model' '_pdbx_database_status.status_code_sf'        
18 4 'Structure model' '_pdbx_struct_assembly_gen.asym_id_list'      
19 4 'Structure model' '_pdbx_struct_conn_angle.ptnr1_auth_comp_id'  
20 4 'Structure model' '_pdbx_struct_conn_angle.ptnr1_auth_seq_id'   
21 4 'Structure model' '_pdbx_struct_conn_angle.ptnr1_label_asym_id' 
22 4 'Structure model' '_pdbx_struct_conn_angle.ptnr1_label_atom_id' 
23 4 'Structure model' '_pdbx_struct_conn_angle.ptnr1_label_comp_id' 
24 4 'Structure model' '_pdbx_struct_conn_angle.ptnr1_label_seq_id'  
25 4 'Structure model' '_pdbx_struct_conn_angle.ptnr1_symmetry'      
26 4 'Structure model' '_pdbx_struct_conn_angle.ptnr2_auth_seq_id'   
27 4 'Structure model' '_pdbx_struct_conn_angle.ptnr2_label_asym_id' 
28 4 'Structure model' '_pdbx_struct_conn_angle.ptnr3_auth_comp_id'  
29 4 'Structure model' '_pdbx_struct_conn_angle.ptnr3_auth_seq_id'   
30 4 'Structure model' '_pdbx_struct_conn_angle.ptnr3_label_asym_id' 
31 4 'Structure model' '_pdbx_struct_conn_angle.ptnr3_label_atom_id' 
32 4 'Structure model' '_pdbx_struct_conn_angle.ptnr3_label_comp_id' 
33 4 'Structure model' '_pdbx_struct_conn_angle.ptnr3_label_seq_id'  
34 4 'Structure model' '_pdbx_struct_conn_angle.ptnr3_symmetry'      
35 4 'Structure model' '_pdbx_struct_conn_angle.value'               
36 4 'Structure model' '_pdbx_struct_special_symmetry.label_asym_id' 
37 4 'Structure model' '_struct_conn.pdbx_dist_value'                
38 4 'Structure model' '_struct_conn.pdbx_leaving_atom_flag'         
39 4 'Structure model' '_struct_conn.pdbx_role'                      
40 4 'Structure model' '_struct_conn.ptnr1_auth_asym_id'             
41 4 'Structure model' '_struct_conn.ptnr1_auth_comp_id'             
42 4 'Structure model' '_struct_conn.ptnr1_auth_seq_id'              
43 4 'Structure model' '_struct_conn.ptnr1_label_asym_id'            
44 4 'Structure model' '_struct_conn.ptnr1_label_atom_id'            
45 4 'Structure model' '_struct_conn.ptnr1_label_comp_id'            
46 4 'Structure model' '_struct_conn.ptnr1_label_seq_id'             
47 4 'Structure model' '_struct_conn.ptnr1_symmetry'                 
48 4 'Structure model' '_struct_conn.ptnr2_auth_asym_id'             
49 4 'Structure model' '_struct_conn.ptnr2_auth_comp_id'             
50 4 'Structure model' '_struct_conn.ptnr2_auth_seq_id'              
51 4 'Structure model' '_struct_conn.ptnr2_label_asym_id'            
52 4 'Structure model' '_struct_conn.ptnr2_label_atom_id'            
53 4 'Structure model' '_struct_conn.ptnr2_label_comp_id'            
54 4 'Structure model' '_struct_conn.ptnr2_label_seq_id'             
55 4 'Structure model' '_struct_conn.ptnr2_symmetry'                 
56 5 'Structure model' '_chem_comp.pdbx_synonyms'                    
57 5 'Structure model' '_database_2.pdbx_DOI'                        
58 5 'Structure model' '_database_2.pdbx_database_accession'         
# 
_pdbx_database_status.status_code                     REL 
_pdbx_database_status.entry_id                        4D0E 
_pdbx_database_status.deposit_site                    PDBE 
_pdbx_database_status.process_site                    PDBE 
_pdbx_database_status.SG_entry                        . 
_pdbx_database_status.recvd_initial_deposition_date   2014-04-25 
_pdbx_database_status.pdb_format_compatible           Y 
_pdbx_database_status.status_code_sf                  REL 
_pdbx_database_status.status_code_mr                  ? 
_pdbx_database_status.status_code_cs                  ? 
_pdbx_database_status.methods_development_category    ? 
_pdbx_database_status.status_code_nmr_data            ? 
# 
_pdbx_database_related.db_name        PDB 
_pdbx_database_related.db_id          4D0F 
_pdbx_database_related.content_type   unspecified 
_pdbx_database_related.details        'HUMAN NOTCH-1 EGFS 11-13 T466A' 
# 
loop_
_audit_author.name 
_audit_author.pdbx_ordinal 
_audit_author.identifier_ORCID 
'Taylor, P.'        1 ? 
'Takeuchi, H.'      2 ? 
'Sheppard, D.'      3 ? 
'Chillakuri, C.'    4 ? 
'Lea, S.M.'         5 ? 
'Haltiwanger, R.S.' 6 ? 
'Handford, P.A.'    7 ? 
# 
_citation.id                        primary 
_citation.title                     
'Fringe-Mediated Extension of O-Linked Fucose in the Ligand-Binding Region of Notch1 Increases Binding to Mammalian Notch Ligands.' 
_citation.journal_abbrev            Proc.Natl.Acad.Sci.USA 
_citation.journal_volume            111 
_citation.page_first                7290 
_citation.page_last                 ? 
_citation.year                      2014 
_citation.journal_id_ASTM           PNASA6 
_citation.country                   US 
_citation.journal_id_ISSN           0027-8424 
_citation.journal_id_CSD            0040 
_citation.book_publisher            ? 
_citation.pdbx_database_id_PubMed   24803430 
_citation.pdbx_database_id_DOI      10.1073/PNAS.1319683111 
# 
loop_
_citation_author.citation_id 
_citation_author.name 
_citation_author.ordinal 
_citation_author.identifier_ORCID 
primary 'Taylor, P.'        1 ? 
primary 'Takeuchi, H.'      2 ? 
primary 'Sheppard, D.'      3 ? 
primary 'Chillakuri, C.'    4 ? 
primary 'Lea, S.M.'         5 ? 
primary 'Haltiwanger, R.S.' 6 ? 
primary 'Handford, P.A.'    7 ? 
# 
loop_
_entity.id 
_entity.type 
_entity.src_method 
_entity.pdbx_description 
_entity.formula_weight 
_entity.pdbx_number_of_molecules 
_entity.pdbx_ec 
_entity.pdbx_mutation 
_entity.pdbx_fragment 
_entity.details 
1 polymer     man 'NEUROGENIC LOCUS NOTCH HOMOLOG PROTEIN 1'                            14857.604 1   ? ? 
'EGF 11-13, RESIDUES 411-526' 'GLCNAC, O-FUCOSE DISSACCHARIDE AT T466' 
2 branched    man '2-acetamido-2-deoxy-beta-D-glucopyranose-(1-3)-alpha-L-fucopyranose' 367.349   1   ? ? ? ? 
3 non-polymer syn 'CALCIUM ION'                                                         40.078    4   ? ? ? ? 
4 water       nat water                                                                 18.015    141 ? ? ? ? 
# 
_entity_name_com.entity_id   1 
_entity_name_com.name        'NOTCH 1, HN1, TRANSLOCATION-ASSOCIATED NOTCH PROTEIN TAN-1, NOTCH' 
# 
_entity_poly.entity_id                      1 
_entity_poly.type                           'polypeptide(L)' 
_entity_poly.nstd_linkage                   no 
_entity_poly.nstd_monomer                   no 
_entity_poly.pdbx_seq_one_letter_code       
;SAQDVDECSLGANPCEHAGKCINTLGSFECQCLQGYTGPRCEIDVNECVSNPCQNDATCLDQIGEFQCICMPGYEGVHCE
VNTDECASSPCLHNGRCLDKINEFQCECPTGFTGHLCQVDLHHILDAQKMVWNHR
;
_entity_poly.pdbx_seq_one_letter_code_can   
;SAQDVDECSLGANPCEHAGKCINTLGSFECQCLQGYTGPRCEIDVNECVSNPCQNDATCLDQIGEFQCICMPGYEGVHCE
VNTDECASSPCLHNGRCLDKINEFQCECPTGFTGHLCQVDLHHILDAQKMVWNHR
;
_entity_poly.pdbx_strand_id                 A 
_entity_poly.pdbx_target_identifier         ? 
# 
loop_
_pdbx_entity_nonpoly.entity_id 
_pdbx_entity_nonpoly.name 
_pdbx_entity_nonpoly.comp_id 
3 'CALCIUM ION' CA  
4 water         HOH 
# 
loop_
_entity_poly_seq.entity_id 
_entity_poly_seq.num 
_entity_poly_seq.mon_id 
_entity_poly_seq.hetero 
1 1   SER n 
1 2   ALA n 
1 3   GLN n 
1 4   ASP n 
1 5   VAL n 
1 6   ASP n 
1 7   GLU n 
1 8   CYS n 
1 9   SER n 
1 10  LEU n 
1 11  GLY n 
1 12  ALA n 
1 13  ASN n 
1 14  PRO n 
1 15  CYS n 
1 16  GLU n 
1 17  HIS n 
1 18  ALA n 
1 19  GLY n 
1 20  LYS n 
1 21  CYS n 
1 22  ILE n 
1 23  ASN n 
1 24  THR n 
1 25  LEU n 
1 26  GLY n 
1 27  SER n 
1 28  PHE n 
1 29  GLU n 
1 30  CYS n 
1 31  GLN n 
1 32  CYS n 
1 33  LEU n 
1 34  GLN n 
1 35  GLY n 
1 36  TYR n 
1 37  THR n 
1 38  GLY n 
1 39  PRO n 
1 40  ARG n 
1 41  CYS n 
1 42  GLU n 
1 43  ILE n 
1 44  ASP n 
1 45  VAL n 
1 46  ASN n 
1 47  GLU n 
1 48  CYS n 
1 49  VAL n 
1 50  SER n 
1 51  ASN n 
1 52  PRO n 
1 53  CYS n 
1 54  GLN n 
1 55  ASN n 
1 56  ASP n 
1 57  ALA n 
1 58  THR n 
1 59  CYS n 
1 60  LEU n 
1 61  ASP n 
1 62  GLN n 
1 63  ILE n 
1 64  GLY n 
1 65  GLU n 
1 66  PHE n 
1 67  GLN n 
1 68  CYS n 
1 69  ILE n 
1 70  CYS n 
1 71  MET n 
1 72  PRO n 
1 73  GLY n 
1 74  TYR n 
1 75  GLU n 
1 76  GLY n 
1 77  VAL n 
1 78  HIS n 
1 79  CYS n 
1 80  GLU n 
1 81  VAL n 
1 82  ASN n 
1 83  THR n 
1 84  ASP n 
1 85  GLU n 
1 86  CYS n 
1 87  ALA n 
1 88  SER n 
1 89  SER n 
1 90  PRO n 
1 91  CYS n 
1 92  LEU n 
1 93  HIS n 
1 94  ASN n 
1 95  GLY n 
1 96  ARG n 
1 97  CYS n 
1 98  LEU n 
1 99  ASP n 
1 100 LYS n 
1 101 ILE n 
1 102 ASN n 
1 103 GLU n 
1 104 PHE n 
1 105 GLN n 
1 106 CYS n 
1 107 GLU n 
1 108 CYS n 
1 109 PRO n 
1 110 THR n 
1 111 GLY n 
1 112 PHE n 
1 113 THR n 
1 114 GLY n 
1 115 HIS n 
1 116 LEU n 
1 117 CYS n 
1 118 GLN n 
1 119 VAL n 
1 120 ASP n 
1 121 LEU n 
1 122 HIS n 
1 123 HIS n 
1 124 ILE n 
1 125 LEU n 
1 126 ASP n 
1 127 ALA n 
1 128 GLN n 
1 129 LYS n 
1 130 MET n 
1 131 VAL n 
1 132 TRP n 
1 133 ASN n 
1 134 HIS n 
1 135 ARG n 
# 
_entity_src_gen.entity_id                          1 
_entity_src_gen.pdbx_src_id                        1 
_entity_src_gen.pdbx_alt_source_flag               sample 
_entity_src_gen.pdbx_seq_type                      ? 
_entity_src_gen.pdbx_beg_seq_num                   ? 
_entity_src_gen.pdbx_end_seq_num                   ? 
_entity_src_gen.gene_src_common_name               HUMAN 
_entity_src_gen.gene_src_genus                     ? 
_entity_src_gen.pdbx_gene_src_gene                 ? 
_entity_src_gen.gene_src_species                   ? 
_entity_src_gen.gene_src_strain                    ? 
_entity_src_gen.gene_src_tissue                    ? 
_entity_src_gen.gene_src_tissue_fraction           ? 
_entity_src_gen.gene_src_details                   ? 
_entity_src_gen.pdbx_gene_src_fragment             ? 
_entity_src_gen.pdbx_gene_src_scientific_name      'HOMO SAPIENS' 
_entity_src_gen.pdbx_gene_src_ncbi_taxonomy_id     9606 
_entity_src_gen.pdbx_gene_src_variant              ? 
_entity_src_gen.pdbx_gene_src_cell_line            ? 
_entity_src_gen.pdbx_gene_src_atcc                 ? 
_entity_src_gen.pdbx_gene_src_organ                ? 
_entity_src_gen.pdbx_gene_src_organelle            ? 
_entity_src_gen.pdbx_gene_src_cell                 ? 
_entity_src_gen.pdbx_gene_src_cellular_location    ? 
_entity_src_gen.host_org_common_name               ? 
_entity_src_gen.pdbx_host_org_scientific_name      'ESCHERICHIA COLI' 
_entity_src_gen.pdbx_host_org_ncbi_taxonomy_id     562 
_entity_src_gen.host_org_genus                     ? 
_entity_src_gen.pdbx_host_org_gene                 ? 
_entity_src_gen.pdbx_host_org_organ                ? 
_entity_src_gen.host_org_species                   ? 
_entity_src_gen.pdbx_host_org_tissue               ? 
_entity_src_gen.pdbx_host_org_tissue_fraction      ? 
_entity_src_gen.pdbx_host_org_strain               ? 
_entity_src_gen.pdbx_host_org_variant              ? 
_entity_src_gen.pdbx_host_org_cell_line            ? 
_entity_src_gen.pdbx_host_org_atcc                 ? 
_entity_src_gen.pdbx_host_org_culture_collection   ? 
_entity_src_gen.pdbx_host_org_cell                 ? 
_entity_src_gen.pdbx_host_org_organelle            ? 
_entity_src_gen.pdbx_host_org_cellular_location    ? 
_entity_src_gen.pdbx_host_org_vector_type          PLASMID 
_entity_src_gen.pdbx_host_org_vector               ? 
_entity_src_gen.host_org_details                   ? 
_entity_src_gen.expression_system_id               ? 
_entity_src_gen.plasmid_name                       PQE30 
_entity_src_gen.plasmid_details                    ? 
_entity_src_gen.pdbx_description                   ? 
# 
_pdbx_entity_branch.entity_id   2 
_pdbx_entity_branch.type        oligosaccharide 
# 
loop_
_pdbx_entity_branch_descriptor.ordinal 
_pdbx_entity_branch_descriptor.entity_id 
_pdbx_entity_branch_descriptor.descriptor 
_pdbx_entity_branch_descriptor.type 
_pdbx_entity_branch_descriptor.program 
_pdbx_entity_branch_descriptor.program_version 
1 2 DGlcpNAcb1-3LFucpa1-                                                 'Glycam Condensed Sequence' GMML       1.0   
2 2 'WURCS=2.0/2,2,1/[a1221m-1a_1-5][a2122h-1b_1-5_2*NCC/3=O]/1-2/a3-b1' WURCS                       PDB2Glycan 1.1.0 
3 2 '[]{[(3+1)][a-L-Fucp]{[(3+1)][b-D-GlcpNAc]{}}}'                      LINUCS                      PDB-CARE   ?     
# 
_pdbx_entity_branch_link.link_id                    1 
_pdbx_entity_branch_link.entity_id                  2 
_pdbx_entity_branch_link.entity_branch_list_num_1   2 
_pdbx_entity_branch_link.comp_id_1                  NAG 
_pdbx_entity_branch_link.atom_id_1                  C1 
_pdbx_entity_branch_link.leaving_atom_id_1          O1 
_pdbx_entity_branch_link.entity_branch_list_num_2   1 
_pdbx_entity_branch_link.comp_id_2                  FUC 
_pdbx_entity_branch_link.atom_id_2                  O3 
_pdbx_entity_branch_link.leaving_atom_id_2          HO3 
_pdbx_entity_branch_link.value_order                sing 
_pdbx_entity_branch_link.details                    ? 
# 
loop_
_chem_comp.id 
_chem_comp.type 
_chem_comp.mon_nstd_flag 
_chem_comp.name 
_chem_comp.pdbx_synonyms 
_chem_comp.formula 
_chem_comp.formula_weight 
ALA 'L-peptide linking'           y ALANINE                                  ? 'C3 H7 N O2'     89.093  
ARG 'L-peptide linking'           y ARGININE                                 ? 'C6 H15 N4 O2 1' 175.209 
ASN 'L-peptide linking'           y ASPARAGINE                               ? 'C4 H8 N2 O3'    132.118 
ASP 'L-peptide linking'           y 'ASPARTIC ACID'                          ? 'C4 H7 N O4'     133.103 
CA  non-polymer                   . 'CALCIUM ION'                            ? 'Ca 2'           40.078  
CYS 'L-peptide linking'           y CYSTEINE                                 ? 'C3 H7 N O2 S'   121.158 
FUC 'L-saccharide, alpha linking' . alpha-L-fucopyranose                     
'alpha-L-fucose; 6-deoxy-alpha-L-galactopyranose; L-fucose; fucose' 'C6 H12 O5'      164.156 
GLN 'L-peptide linking'           y GLUTAMINE                                ? 'C5 H10 N2 O3'   146.144 
GLU 'L-peptide linking'           y 'GLUTAMIC ACID'                          ? 'C5 H9 N O4'     147.129 
GLY 'peptide linking'             y GLYCINE                                  ? 'C2 H5 N O2'     75.067  
HIS 'L-peptide linking'           y HISTIDINE                                ? 'C6 H10 N3 O2 1' 156.162 
HOH non-polymer                   . WATER                                    ? 'H2 O'           18.015  
ILE 'L-peptide linking'           y ISOLEUCINE                               ? 'C6 H13 N O2'    131.173 
LEU 'L-peptide linking'           y LEUCINE                                  ? 'C6 H13 N O2'    131.173 
LYS 'L-peptide linking'           y LYSINE                                   ? 'C6 H15 N2 O2 1' 147.195 
MET 'L-peptide linking'           y METHIONINE                               ? 'C5 H11 N O2 S'  149.211 
NAG 'D-saccharide, beta linking'  . 2-acetamido-2-deoxy-beta-D-glucopyranose 
;N-acetyl-beta-D-glucosamine; 2-acetamido-2-deoxy-beta-D-glucose; 2-acetamido-2-deoxy-D-glucose; 2-acetamido-2-deoxy-glucose; N-ACETYL-D-GLUCOSAMINE
;
'C8 H15 N O6'    221.208 
PHE 'L-peptide linking'           y PHENYLALANINE                            ? 'C9 H11 N O2'    165.189 
PRO 'L-peptide linking'           y PROLINE                                  ? 'C5 H9 N O2'     115.130 
SER 'L-peptide linking'           y SERINE                                   ? 'C3 H7 N O3'     105.093 
THR 'L-peptide linking'           y THREONINE                                ? 'C4 H9 N O3'     119.119 
TRP 'L-peptide linking'           y TRYPTOPHAN                               ? 'C11 H12 N2 O2'  204.225 
TYR 'L-peptide linking'           y TYROSINE                                 ? 'C9 H11 N O3'    181.189 
VAL 'L-peptide linking'           y VALINE                                   ? 'C5 H11 N O2'    117.146 
# 
loop_
_pdbx_chem_comp_identifier.comp_id 
_pdbx_chem_comp_identifier.type 
_pdbx_chem_comp_identifier.program 
_pdbx_chem_comp_identifier.program_version 
_pdbx_chem_comp_identifier.identifier 
FUC 'CONDENSED IUPAC CARBOHYDRATE SYMBOL' GMML     1.0 LFucpa                         
FUC 'COMMON NAME'                         GMML     1.0 a-L-fucopyranose               
FUC 'IUPAC CARBOHYDRATE SYMBOL'           PDB-CARE 1.0 a-L-Fucp                       
FUC 'SNFG CARBOHYDRATE SYMBOL'            GMML     1.0 Fuc                            
NAG 'CONDENSED IUPAC CARBOHYDRATE SYMBOL' GMML     1.0 DGlcpNAcb                      
NAG 'COMMON NAME'                         GMML     1.0 N-acetyl-b-D-glucopyranosamine 
NAG 'IUPAC CARBOHYDRATE SYMBOL'           PDB-CARE 1.0 b-D-GlcpNAc                    
NAG 'SNFG CARBOHYDRATE SYMBOL'            GMML     1.0 GlcNAc                         
# 
loop_
_pdbx_poly_seq_scheme.asym_id 
_pdbx_poly_seq_scheme.entity_id 
_pdbx_poly_seq_scheme.seq_id 
_pdbx_poly_seq_scheme.mon_id 
_pdbx_poly_seq_scheme.ndb_seq_num 
_pdbx_poly_seq_scheme.pdb_seq_num 
_pdbx_poly_seq_scheme.auth_seq_num 
_pdbx_poly_seq_scheme.pdb_mon_id 
_pdbx_poly_seq_scheme.auth_mon_id 
_pdbx_poly_seq_scheme.pdb_strand_id 
_pdbx_poly_seq_scheme.pdb_ins_code 
_pdbx_poly_seq_scheme.hetero 
A 1 1   SER 1   409 ?   ?   ?   A . n 
A 1 2   ALA 2   410 ?   ?   ?   A . n 
A 1 3   GLN 3   411 ?   ?   ?   A . n 
A 1 4   ASP 4   412 412 ASP ASP A . n 
A 1 5   VAL 5   413 413 VAL VAL A . n 
A 1 6   ASP 6   414 414 ASP ASP A . n 
A 1 7   GLU 7   415 415 GLU GLU A . n 
A 1 8   CYS 8   416 416 CYS CYS A . n 
A 1 9   SER 9   417 417 SER SER A . n 
A 1 10  LEU 10  418 418 LEU LEU A . n 
A 1 11  GLY 11  419 419 GLY GLY A . n 
A 1 12  ALA 12  420 420 ALA ALA A . n 
A 1 13  ASN 13  421 421 ASN ASN A . n 
A 1 14  PRO 14  422 422 PRO PRO A . n 
A 1 15  CYS 15  423 423 CYS CYS A . n 
A 1 16  GLU 16  424 424 GLU GLU A . n 
A 1 17  HIS 17  425 425 HIS HIS A . n 
A 1 18  ALA 18  426 426 ALA ALA A . n 
A 1 19  GLY 19  427 427 GLY GLY A . n 
A 1 20  LYS 20  428 428 LYS LYS A . n 
A 1 21  CYS 21  429 429 CYS CYS A . n 
A 1 22  ILE 22  430 430 ILE ILE A . n 
A 1 23  ASN 23  431 431 ASN ASN A . n 
A 1 24  THR 24  432 432 THR THR A . n 
A 1 25  LEU 25  433 433 LEU LEU A . n 
A 1 26  GLY 26  434 434 GLY GLY A . n 
A 1 27  SER 27  435 435 SER SER A . n 
A 1 28  PHE 28  436 436 PHE PHE A . n 
A 1 29  GLU 29  437 437 GLU GLU A . n 
A 1 30  CYS 30  438 438 CYS CYS A . n 
A 1 31  GLN 31  439 439 GLN GLN A . n 
A 1 32  CYS 32  440 440 CYS CYS A . n 
A 1 33  LEU 33  441 441 LEU LEU A . n 
A 1 34  GLN 34  442 442 GLN GLN A . n 
A 1 35  GLY 35  443 443 GLY GLY A . n 
A 1 36  TYR 36  444 444 TYR TYR A . n 
A 1 37  THR 37  445 445 THR THR A . n 
A 1 38  GLY 38  446 446 GLY GLY A . n 
A 1 39  PRO 39  447 447 PRO PRO A . n 
A 1 40  ARG 40  448 448 ARG ARG A . n 
A 1 41  CYS 41  449 449 CYS CYS A . n 
A 1 42  GLU 42  450 450 GLU GLU A . n 
A 1 43  ILE 43  451 451 ILE ILE A . n 
A 1 44  ASP 44  452 452 ASP ASP A . n 
A 1 45  VAL 45  453 453 VAL VAL A . n 
A 1 46  ASN 46  454 454 ASN ASN A . n 
A 1 47  GLU 47  455 455 GLU GLU A . n 
A 1 48  CYS 48  456 456 CYS CYS A . n 
A 1 49  VAL 49  457 457 VAL VAL A . n 
A 1 50  SER 50  458 458 SER SER A . n 
A 1 51  ASN 51  459 459 ASN ASN A . n 
A 1 52  PRO 52  460 460 PRO PRO A . n 
A 1 53  CYS 53  461 461 CYS CYS A . n 
A 1 54  GLN 54  462 462 GLN GLN A . n 
A 1 55  ASN 55  463 463 ASN ASN A . n 
A 1 56  ASP 56  464 464 ASP ASP A . n 
A 1 57  ALA 57  465 465 ALA ALA A . n 
A 1 58  THR 58  466 466 THR THR A . n 
A 1 59  CYS 59  467 467 CYS CYS A . n 
A 1 60  LEU 60  468 468 LEU LEU A . n 
A 1 61  ASP 61  469 469 ASP ASP A . n 
A 1 62  GLN 62  470 470 GLN GLN A . n 
A 1 63  ILE 63  471 471 ILE ILE A . n 
A 1 64  GLY 64  472 472 GLY GLY A . n 
A 1 65  GLU 65  473 473 GLU GLU A . n 
A 1 66  PHE 66  474 474 PHE PHE A . n 
A 1 67  GLN 67  475 475 GLN GLN A . n 
A 1 68  CYS 68  476 476 CYS CYS A . n 
A 1 69  ILE 69  477 477 ILE ILE A . n 
A 1 70  CYS 70  478 478 CYS CYS A . n 
A 1 71  MET 71  479 479 MET MET A . n 
A 1 72  PRO 72  480 480 PRO PRO A . n 
A 1 73  GLY 73  481 481 GLY GLY A . n 
A 1 74  TYR 74  482 482 TYR TYR A . n 
A 1 75  GLU 75  483 483 GLU GLU A . n 
A 1 76  GLY 76  484 484 GLY GLY A . n 
A 1 77  VAL 77  485 485 VAL VAL A . n 
A 1 78  HIS 78  486 486 HIS HIS A . n 
A 1 79  CYS 79  487 487 CYS CYS A . n 
A 1 80  GLU 80  488 488 GLU GLU A . n 
A 1 81  VAL 81  489 489 VAL VAL A . n 
A 1 82  ASN 82  490 490 ASN ASN A . n 
A 1 83  THR 83  491 491 THR THR A . n 
A 1 84  ASP 84  492 492 ASP ASP A . n 
A 1 85  GLU 85  493 493 GLU GLU A . n 
A 1 86  CYS 86  494 494 CYS CYS A . n 
A 1 87  ALA 87  495 495 ALA ALA A . n 
A 1 88  SER 88  496 496 SER SER A . n 
A 1 89  SER 89  497 497 SER SER A . n 
A 1 90  PRO 90  498 498 PRO PRO A . n 
A 1 91  CYS 91  499 499 CYS CYS A . n 
A 1 92  LEU 92  500 500 LEU LEU A . n 
A 1 93  HIS 93  501 501 HIS HIS A . n 
A 1 94  ASN 94  502 502 ASN ASN A . n 
A 1 95  GLY 95  503 503 GLY GLY A . n 
A 1 96  ARG 96  504 504 ARG ARG A . n 
A 1 97  CYS 97  505 505 CYS CYS A . n 
A 1 98  LEU 98  506 506 LEU LEU A . n 
A 1 99  ASP 99  507 507 ASP ASP A . n 
A 1 100 LYS 100 508 508 LYS LYS A . n 
A 1 101 ILE 101 509 509 ILE ILE A . n 
A 1 102 ASN 102 510 510 ASN ASN A . n 
A 1 103 GLU 103 511 511 GLU GLU A . n 
A 1 104 PHE 104 512 512 PHE PHE A . n 
A 1 105 GLN 105 513 513 GLN GLN A . n 
A 1 106 CYS 106 514 514 CYS CYS A . n 
A 1 107 GLU 107 515 515 GLU GLU A . n 
A 1 108 CYS 108 516 516 CYS CYS A . n 
A 1 109 PRO 109 517 517 PRO PRO A . n 
A 1 110 THR 110 518 518 THR THR A . n 
A 1 111 GLY 111 519 519 GLY GLY A . n 
A 1 112 PHE 112 520 520 PHE PHE A . n 
A 1 113 THR 113 521 521 THR THR A . n 
A 1 114 GLY 114 522 522 GLY GLY A . n 
A 1 115 HIS 115 523 523 HIS HIS A . n 
A 1 116 LEU 116 524 524 LEU LEU A . n 
A 1 117 CYS 117 525 525 CYS CYS A . n 
A 1 118 GLN 118 526 526 GLN GLN A . n 
A 1 119 VAL 119 527 527 VAL VAL A . n 
A 1 120 ASP 120 528 528 ASP ASP A . n 
A 1 121 LEU 121 529 529 LEU LEU A . n 
A 1 122 HIS 122 530 530 HIS HIS A . n 
A 1 123 HIS 123 531 531 HIS HIS A . n 
A 1 124 ILE 124 532 532 ILE ILE A . n 
A 1 125 LEU 125 533 533 LEU LEU A . n 
A 1 126 ASP 126 534 ?   ?   ?   A . n 
A 1 127 ALA 127 535 ?   ?   ?   A . n 
A 1 128 GLN 128 536 ?   ?   ?   A . n 
A 1 129 LYS 129 537 ?   ?   ?   A . n 
A 1 130 MET 130 538 ?   ?   ?   A . n 
A 1 131 VAL 131 539 ?   ?   ?   A . n 
A 1 132 TRP 132 540 ?   ?   ?   A . n 
A 1 133 ASN 133 541 ?   ?   ?   A . n 
A 1 134 HIS 134 542 ?   ?   ?   A . n 
A 1 135 ARG 135 543 ?   ?   ?   A . n 
# 
loop_
_pdbx_branch_scheme.asym_id 
_pdbx_branch_scheme.entity_id 
_pdbx_branch_scheme.mon_id 
_pdbx_branch_scheme.num 
_pdbx_branch_scheme.pdb_asym_id 
_pdbx_branch_scheme.pdb_mon_id 
_pdbx_branch_scheme.pdb_seq_num 
_pdbx_branch_scheme.auth_asym_id 
_pdbx_branch_scheme.auth_mon_id 
_pdbx_branch_scheme.auth_seq_num 
_pdbx_branch_scheme.hetero 
B 2 FUC 1 B FUC 1 A FUC 1381 n 
B 2 NAG 2 B NAG 2 A NAG 1    n 
# 
loop_
_pdbx_nonpoly_scheme.asym_id 
_pdbx_nonpoly_scheme.entity_id 
_pdbx_nonpoly_scheme.mon_id 
_pdbx_nonpoly_scheme.ndb_seq_num 
_pdbx_nonpoly_scheme.pdb_seq_num 
_pdbx_nonpoly_scheme.auth_seq_num 
_pdbx_nonpoly_scheme.pdb_mon_id 
_pdbx_nonpoly_scheme.auth_mon_id 
_pdbx_nonpoly_scheme.pdb_strand_id 
_pdbx_nonpoly_scheme.pdb_ins_code 
C 3 CA  1   1531 1531 CA  CA  A . 
D 3 CA  1   1532 1532 CA  CA  A . 
E 3 CA  1   1533 1533 CA  CA  A . 
F 3 CA  1   1535 1535 CA  CA  A . 
G 4 HOH 1   2001 2001 HOH HOH A . 
G 4 HOH 2   2002 2002 HOH HOH A . 
G 4 HOH 3   2003 2003 HOH HOH A . 
G 4 HOH 4   2004 2004 HOH HOH A . 
G 4 HOH 5   2005 2005 HOH HOH A . 
G 4 HOH 6   2006 2006 HOH HOH A . 
G 4 HOH 7   2007 2007 HOH HOH A . 
G 4 HOH 8   2008 2008 HOH HOH A . 
G 4 HOH 9   2009 2009 HOH HOH A . 
G 4 HOH 10  2010 2010 HOH HOH A . 
G 4 HOH 11  2011 2011 HOH HOH A . 
G 4 HOH 12  2012 2012 HOH HOH A . 
G 4 HOH 13  2013 2013 HOH HOH A . 
G 4 HOH 14  2014 2014 HOH HOH A . 
G 4 HOH 15  2015 2015 HOH HOH A . 
G 4 HOH 16  2016 2016 HOH HOH A . 
G 4 HOH 17  2017 2017 HOH HOH A . 
G 4 HOH 18  2018 2018 HOH HOH A . 
G 4 HOH 19  2019 2019 HOH HOH A . 
G 4 HOH 20  2020 2020 HOH HOH A . 
G 4 HOH 21  2021 2021 HOH HOH A . 
G 4 HOH 22  2022 2022 HOH HOH A . 
G 4 HOH 23  2023 2023 HOH HOH A . 
G 4 HOH 24  2024 2024 HOH HOH A . 
G 4 HOH 25  2025 2025 HOH HOH A . 
G 4 HOH 26  2026 2026 HOH HOH A . 
G 4 HOH 27  2027 2027 HOH HOH A . 
G 4 HOH 28  2028 2028 HOH HOH A . 
G 4 HOH 29  2029 2029 HOH HOH A . 
G 4 HOH 30  2030 2030 HOH HOH A . 
G 4 HOH 31  2031 2031 HOH HOH A . 
G 4 HOH 32  2032 2032 HOH HOH A . 
G 4 HOH 33  2033 2033 HOH HOH A . 
G 4 HOH 34  2034 2034 HOH HOH A . 
G 4 HOH 35  2035 2035 HOH HOH A . 
G 4 HOH 36  2036 2036 HOH HOH A . 
G 4 HOH 37  2037 2037 HOH HOH A . 
G 4 HOH 38  2038 2038 HOH HOH A . 
G 4 HOH 39  2039 2039 HOH HOH A . 
G 4 HOH 40  2040 2040 HOH HOH A . 
G 4 HOH 41  2041 2041 HOH HOH A . 
G 4 HOH 42  2042 2042 HOH HOH A . 
G 4 HOH 43  2043 2043 HOH HOH A . 
G 4 HOH 44  2044 2044 HOH HOH A . 
G 4 HOH 45  2045 2045 HOH HOH A . 
G 4 HOH 46  2046 2046 HOH HOH A . 
G 4 HOH 47  2047 2047 HOH HOH A . 
G 4 HOH 48  2048 2048 HOH HOH A . 
G 4 HOH 49  2049 2049 HOH HOH A . 
G 4 HOH 50  2050 2050 HOH HOH A . 
G 4 HOH 51  2051 2051 HOH HOH A . 
G 4 HOH 52  2052 2052 HOH HOH A . 
G 4 HOH 53  2053 2053 HOH HOH A . 
G 4 HOH 54  2054 2054 HOH HOH A . 
G 4 HOH 55  2055 2055 HOH HOH A . 
G 4 HOH 56  2056 2056 HOH HOH A . 
G 4 HOH 57  2057 2057 HOH HOH A . 
G 4 HOH 58  2058 2058 HOH HOH A . 
G 4 HOH 59  2059 2059 HOH HOH A . 
G 4 HOH 60  2060 2060 HOH HOH A . 
G 4 HOH 61  2061 2061 HOH HOH A . 
G 4 HOH 62  2062 2062 HOH HOH A . 
G 4 HOH 63  2063 2063 HOH HOH A . 
G 4 HOH 64  2064 2064 HOH HOH A . 
G 4 HOH 65  2065 2065 HOH HOH A . 
G 4 HOH 66  2066 2066 HOH HOH A . 
G 4 HOH 67  2067 2067 HOH HOH A . 
G 4 HOH 68  2068 2068 HOH HOH A . 
G 4 HOH 69  2069 2069 HOH HOH A . 
G 4 HOH 70  2070 2070 HOH HOH A . 
G 4 HOH 71  2071 2071 HOH HOH A . 
G 4 HOH 72  2072 2072 HOH HOH A . 
G 4 HOH 73  2073 2073 HOH HOH A . 
G 4 HOH 74  2074 2074 HOH HOH A . 
G 4 HOH 75  2075 2075 HOH HOH A . 
G 4 HOH 76  2076 2076 HOH HOH A . 
G 4 HOH 77  2077 2077 HOH HOH A . 
G 4 HOH 78  2078 2078 HOH HOH A . 
G 4 HOH 79  2079 2079 HOH HOH A . 
G 4 HOH 80  2080 2080 HOH HOH A . 
G 4 HOH 81  2081 2081 HOH HOH A . 
G 4 HOH 82  2082 2082 HOH HOH A . 
G 4 HOH 83  2083 2083 HOH HOH A . 
G 4 HOH 84  2084 2084 HOH HOH A . 
G 4 HOH 85  2085 2085 HOH HOH A . 
G 4 HOH 86  2086 2086 HOH HOH A . 
G 4 HOH 87  2087 2087 HOH HOH A . 
G 4 HOH 88  2088 2088 HOH HOH A . 
G 4 HOH 89  2089 2089 HOH HOH A . 
G 4 HOH 90  2090 2090 HOH HOH A . 
G 4 HOH 91  2091 2091 HOH HOH A . 
G 4 HOH 92  2092 2092 HOH HOH A . 
G 4 HOH 93  2093 2093 HOH HOH A . 
G 4 HOH 94  2094 2094 HOH HOH A . 
G 4 HOH 95  2095 2095 HOH HOH A . 
G 4 HOH 96  2096 2096 HOH HOH A . 
G 4 HOH 97  2097 2097 HOH HOH A . 
G 4 HOH 98  2098 2098 HOH HOH A . 
G 4 HOH 99  2099 2099 HOH HOH A . 
G 4 HOH 100 2100 2100 HOH HOH A . 
G 4 HOH 101 2101 2101 HOH HOH A . 
G 4 HOH 102 2102 2102 HOH HOH A . 
G 4 HOH 103 2103 2103 HOH HOH A . 
G 4 HOH 104 2104 2104 HOH HOH A . 
G 4 HOH 105 2105 2105 HOH HOH A . 
G 4 HOH 106 2106 2106 HOH HOH A . 
G 4 HOH 107 2107 2107 HOH HOH A . 
G 4 HOH 108 2108 2108 HOH HOH A . 
G 4 HOH 109 2109 2109 HOH HOH A . 
G 4 HOH 110 2110 2110 HOH HOH A . 
G 4 HOH 111 2111 2111 HOH HOH A . 
G 4 HOH 112 2112 2112 HOH HOH A . 
G 4 HOH 113 2113 2113 HOH HOH A . 
G 4 HOH 114 2114 2114 HOH HOH A . 
G 4 HOH 115 2115 2115 HOH HOH A . 
G 4 HOH 116 2116 2116 HOH HOH A . 
G 4 HOH 117 2117 2117 HOH HOH A . 
G 4 HOH 118 2118 2118 HOH HOH A . 
G 4 HOH 119 2119 2119 HOH HOH A . 
G 4 HOH 120 2120 2120 HOH HOH A . 
G 4 HOH 121 2121 2121 HOH HOH A . 
G 4 HOH 122 2122 2122 HOH HOH A . 
G 4 HOH 123 2123 2123 HOH HOH A . 
G 4 HOH 124 2124 2124 HOH HOH A . 
G 4 HOH 125 2125 2125 HOH HOH A . 
G 4 HOH 126 2126 2126 HOH HOH A . 
G 4 HOH 127 2127 2127 HOH HOH A . 
G 4 HOH 128 2128 2128 HOH HOH A . 
G 4 HOH 129 2129 2129 HOH HOH A . 
G 4 HOH 130 2130 2130 HOH HOH A . 
G 4 HOH 131 2131 2131 HOH HOH A . 
G 4 HOH 132 2132 2132 HOH HOH A . 
G 4 HOH 133 2133 2133 HOH HOH A . 
G 4 HOH 134 2134 2134 HOH HOH A . 
G 4 HOH 135 2135 2135 HOH HOH A . 
G 4 HOH 136 2136 2136 HOH HOH A . 
G 4 HOH 137 2137 2137 HOH HOH A . 
G 4 HOH 138 2138 2138 HOH HOH A . 
G 4 HOH 139 2139 2139 HOH HOH A . 
G 4 HOH 140 2140 2140 HOH HOH A . 
G 4 HOH 141 2141 2141 HOH HOH A . 
# 
loop_
_software.name 
_software.classification 
_software.version 
_software.citation_id 
_software.pdbx_ordinal 
REFMAC refinement       5.6.0117 ? 1 
xia2   'data reduction' .        ? 2 
xia2   'data scaling'   .        ? 3 
PHASER phasing          .        ? 4 
# 
_cell.entry_id           4D0E 
_cell.length_a           28.440 
_cell.length_b           28.440 
_cell.length_c           282.390 
_cell.angle_alpha        90.00 
_cell.angle_beta         90.00 
_cell.angle_gamma        120.00 
_cell.Z_PDB              6 
_cell.pdbx_unique_axis   ? 
# 
_symmetry.entry_id                         4D0E 
_symmetry.space_group_name_H-M             'P 31 2 1' 
_symmetry.pdbx_full_space_group_name_H-M   ? 
_symmetry.cell_setting                     ? 
_symmetry.Int_Tables_number                152 
# 
_exptl.entry_id          4D0E 
_exptl.method            'X-RAY DIFFRACTION' 
_exptl.crystals_number   1 
# 
_exptl_crystal.id                    1 
_exptl_crystal.density_meas          ? 
_exptl_crystal.density_Matthews      2.23 
_exptl_crystal.density_percent_sol   44.82 
_exptl_crystal.description           NONE 
# 
_exptl_crystal_grow.crystal_id      1 
_exptl_crystal_grow.method          ? 
_exptl_crystal_grow.temp            ? 
_exptl_crystal_grow.temp_details    ? 
_exptl_crystal_grow.pH              6.0 
_exptl_crystal_grow.pdbx_pH_range   ? 
_exptl_crystal_grow.pdbx_details    'pH 6.0' 
# 
_diffrn.id                     1 
_diffrn.ambient_temp           100 
_diffrn.ambient_temp_details   ? 
_diffrn.crystal_id             1 
# 
_diffrn_detector.diffrn_id              1 
_diffrn_detector.detector               PIXEL 
_diffrn_detector.type                   'DECTRIS PILATUS 6M' 
_diffrn_detector.pdbx_collection_date   2012-03-09 
_diffrn_detector.details                ? 
# 
_diffrn_radiation.diffrn_id                        1 
_diffrn_radiation.wavelength_id                    1 
_diffrn_radiation.pdbx_monochromatic_or_laue_m_l   M 
_diffrn_radiation.monochromator                    ? 
_diffrn_radiation.pdbx_diffrn_protocol             'SINGLE WAVELENGTH' 
_diffrn_radiation.pdbx_scattering_type             x-ray 
# 
_diffrn_radiation_wavelength.id           1 
_diffrn_radiation_wavelength.wavelength   0.917 
_diffrn_radiation_wavelength.wt           1.0 
# 
_diffrn_source.diffrn_id                   1 
_diffrn_source.source                      SYNCHROTRON 
_diffrn_source.type                        'DIAMOND BEAMLINE I04-1' 
_diffrn_source.pdbx_synchrotron_site       Diamond 
_diffrn_source.pdbx_synchrotron_beamline   I04-1 
_diffrn_source.pdbx_wavelength             0.917 
_diffrn_source.pdbx_wavelength_list        ? 
# 
_reflns.pdbx_diffrn_id               1 
_reflns.pdbx_ordinal                 1 
_reflns.entry_id                     4D0E 
_reflns.observed_criterion_sigma_I   . 
_reflns.observed_criterion_sigma_F   ? 
_reflns.d_resolution_low             47.07 
_reflns.d_resolution_high            1.61 
_reflns.number_obs                   16974 
_reflns.number_all                   ? 
_reflns.percent_possible_obs         96.6 
_reflns.pdbx_Rmerge_I_obs            0.04 
_reflns.pdbx_Rsym_value              ? 
_reflns.pdbx_netI_over_sigmaI        15.30 
_reflns.B_iso_Wilson_estimate        ? 
_reflns.pdbx_redundancy              4.1 
# 
_reflns_shell.pdbx_diffrn_id         1 
_reflns_shell.pdbx_ordinal           1 
_reflns_shell.d_res_high             1.61 
_reflns_shell.d_res_low              1.65 
_reflns_shell.percent_possible_all   92.9 
_reflns_shell.Rmerge_I_obs           0.41 
_reflns_shell.pdbx_Rsym_value        ? 
_reflns_shell.meanI_over_sigI_obs    2.30 
_reflns_shell.pdbx_redundancy        6.2 
# 
_refine.pdbx_refine_id                           'X-RAY DIFFRACTION' 
_refine.entry_id                                 4D0E 
_refine.pdbx_diffrn_id                           1 
_refine.pdbx_TLS_residual_ADP_flag               ? 
_refine.ls_number_reflns_obs                     16974 
_refine.ls_number_reflns_all                     ? 
_refine.pdbx_ls_sigma_I                          ? 
_refine.pdbx_ls_sigma_F                          . 
_refine.pdbx_data_cutoff_high_absF               ? 
_refine.pdbx_data_cutoff_low_absF                ? 
_refine.pdbx_data_cutoff_high_rms_absF           ? 
_refine.ls_d_res_low                             47.07 
_refine.ls_d_res_high                            1.61 
_refine.ls_percent_reflns_obs                    95.91 
_refine.ls_R_factor_obs                          0.23238 
_refine.ls_R_factor_all                          ? 
_refine.ls_R_factor_R_work                       0.23052 
_refine.ls_R_factor_R_free                       0.27031 
_refine.ls_R_factor_R_free_error                 ? 
_refine.ls_R_factor_R_free_error_details         ? 
_refine.ls_percent_reflns_R_free                 5.0 
_refine.ls_number_reflns_R_free                  889 
_refine.ls_number_parameters                     ? 
_refine.ls_number_restraints                     ? 
_refine.occupancy_min                            ? 
_refine.occupancy_max                            ? 
_refine.correlation_coeff_Fo_to_Fc               0.954 
_refine.correlation_coeff_Fo_to_Fc_free          0.934 
_refine.B_iso_mean                               30.780 
_refine.aniso_B[1][1]                            -0.06 
_refine.aniso_B[2][2]                            -0.06 
_refine.aniso_B[3][3]                            0.10 
_refine.aniso_B[1][2]                            -0.03 
_refine.aniso_B[1][3]                            0.00 
_refine.aniso_B[2][3]                            0.00 
_refine.solvent_model_details                    MASK 
_refine.solvent_model_param_ksol                 ? 
_refine.solvent_model_param_bsol                 ? 
_refine.pdbx_solvent_vdw_probe_radii             1.20 
_refine.pdbx_solvent_ion_probe_radii             0.80 
_refine.pdbx_solvent_shrinkage_radii             0.80 
_refine.pdbx_ls_cross_valid_method               THROUGHOUT 
_refine.details                                  'HYDROGENS HAVE BEEN ADDED IN THE RIDING POSITIONS.' 
_refine.pdbx_starting_model                      'PDB ENTRY 2VJ3' 
_refine.pdbx_method_to_determine_struct          'MOLECULAR REPLACEMENT' 
_refine.pdbx_isotropic_thermal_model             ? 
_refine.pdbx_stereochemistry_target_values       'MAXIMUM LIKELIHOOD' 
_refine.pdbx_stereochem_target_val_spec_case     ? 
_refine.pdbx_R_Free_selection_details            RANDOM 
_refine.pdbx_overall_ESU_R                       0.112 
_refine.pdbx_overall_ESU_R_Free                  0.113 
_refine.overall_SU_ML                            0.094 
_refine.pdbx_overall_phase_error                 ? 
_refine.overall_SU_B                             2.912 
_refine.overall_SU_R_Cruickshank_DPI             ? 
_refine.pdbx_overall_SU_R_free_Cruickshank_DPI   ? 
_refine.pdbx_overall_SU_R_Blow_DPI               ? 
_refine.pdbx_overall_SU_R_free_Blow_DPI          ? 
# 
_refine_hist.pdbx_refine_id                   'X-RAY DIFFRACTION' 
_refine_hist.cycle_id                         LAST 
_refine_hist.pdbx_number_atoms_protein        914 
_refine_hist.pdbx_number_atoms_nucleic_acid   0 
_refine_hist.pdbx_number_atoms_ligand         28 
_refine_hist.number_atoms_solvent             141 
_refine_hist.number_atoms_total               1083 
_refine_hist.d_res_high                       1.61 
_refine_hist.d_res_low                        47.07 
# 
loop_
_refine_ls_restr.type 
_refine_ls_restr.dev_ideal 
_refine_ls_restr.dev_ideal_target 
_refine_ls_restr.weight 
_refine_ls_restr.number 
_refine_ls_restr.pdbx_refine_id 
_refine_ls_restr.pdbx_restraint_function 
r_bond_refined_d             0.006  0.020  ? 966  'X-RAY DIFFRACTION' ? 
r_bond_other_d               ?      ?      ? ?    'X-RAY DIFFRACTION' ? 
r_angle_refined_deg          1.103  1.974  ? 1319 'X-RAY DIFFRACTION' ? 
r_angle_other_deg            ?      ?      ? ?    'X-RAY DIFFRACTION' ? 
r_dihedral_angle_1_deg       5.625  5.000  ? 121  'X-RAY DIFFRACTION' ? 
r_dihedral_angle_2_deg       40.486 26.667 ? 48   'X-RAY DIFFRACTION' ? 
r_dihedral_angle_3_deg       12.380 15.000 ? 146  'X-RAY DIFFRACTION' ? 
r_dihedral_angle_4_deg       26.665 15.000 ? 2    'X-RAY DIFFRACTION' ? 
r_chiral_restr               0.071  0.200  ? 147  'X-RAY DIFFRACTION' ? 
r_gen_planes_refined         0.004  0.021  ? 739  'X-RAY DIFFRACTION' ? 
r_gen_planes_other           ?      ?      ? ?    'X-RAY DIFFRACTION' ? 
r_nbd_refined                ?      ?      ? ?    'X-RAY DIFFRACTION' ? 
r_nbd_other                  ?      ?      ? ?    'X-RAY DIFFRACTION' ? 
r_nbtor_refined              ?      ?      ? ?    'X-RAY DIFFRACTION' ? 
r_nbtor_other                ?      ?      ? ?    'X-RAY DIFFRACTION' ? 
r_xyhbond_nbd_refined        ?      ?      ? ?    'X-RAY DIFFRACTION' ? 
r_xyhbond_nbd_other          ?      ?      ? ?    'X-RAY DIFFRACTION' ? 
r_metal_ion_refined          ?      ?      ? ?    'X-RAY DIFFRACTION' ? 
r_metal_ion_other            ?      ?      ? ?    'X-RAY DIFFRACTION' ? 
r_symmetry_vdw_refined       ?      ?      ? ?    'X-RAY DIFFRACTION' ? 
r_symmetry_vdw_other         ?      ?      ? ?    'X-RAY DIFFRACTION' ? 
r_symmetry_hbond_refined     ?      ?      ? ?    'X-RAY DIFFRACTION' ? 
r_symmetry_hbond_other       ?      ?      ? ?    'X-RAY DIFFRACTION' ? 
r_symmetry_metal_ion_refined ?      ?      ? ?    'X-RAY DIFFRACTION' ? 
r_symmetry_metal_ion_other   ?      ?      ? ?    'X-RAY DIFFRACTION' ? 
r_mcbond_it                  ?      ?      ? ?    'X-RAY DIFFRACTION' ? 
r_mcbond_other               ?      ?      ? ?    'X-RAY DIFFRACTION' ? 
r_mcangle_it                 ?      ?      ? ?    'X-RAY DIFFRACTION' ? 
r_mcangle_other              ?      ?      ? ?    'X-RAY DIFFRACTION' ? 
r_scbond_it                  ?      ?      ? ?    'X-RAY DIFFRACTION' ? 
r_scbond_other               ?      ?      ? ?    'X-RAY DIFFRACTION' ? 
r_scangle_it                 ?      ?      ? ?    'X-RAY DIFFRACTION' ? 
r_scangle_other              ?      ?      ? ?    'X-RAY DIFFRACTION' ? 
r_long_range_B_refined       ?      ?      ? ?    'X-RAY DIFFRACTION' ? 
r_long_range_B_other         ?      ?      ? ?    'X-RAY DIFFRACTION' ? 
r_rigid_bond_restr           ?      ?      ? ?    'X-RAY DIFFRACTION' ? 
r_sphericity_free            ?      ?      ? ?    'X-RAY DIFFRACTION' ? 
r_sphericity_bonded          ?      ?      ? ?    'X-RAY DIFFRACTION' ? 
# 
_refine_ls_shell.pdbx_refine_id                   'X-RAY DIFFRACTION' 
_refine_ls_shell.pdbx_total_number_of_bins_used   20 
_refine_ls_shell.d_res_high                       1.610 
_refine_ls_shell.d_res_low                        1.652 
_refine_ls_shell.number_reflns_R_work             1031 
_refine_ls_shell.R_factor_R_work                  0.420 
_refine_ls_shell.percent_reflns_obs               92.89 
_refine_ls_shell.R_factor_R_free                  0.404 
_refine_ls_shell.R_factor_R_free_error            ? 
_refine_ls_shell.percent_reflns_R_free            ? 
_refine_ls_shell.number_reflns_R_free             54 
_refine_ls_shell.number_reflns_all                ? 
_refine_ls_shell.R_factor_all                     ? 
# 
_struct.entry_id                  4D0E 
_struct.title                     'Human Notch1 EGF domains 11-13 mutant GlcNAc-fucose disaccharide modified at T466' 
_struct.pdbx_model_details        ? 
_struct.pdbx_CASP_flag            ? 
_struct.pdbx_model_type_details   ? 
# 
_struct_keywords.entry_id        4D0E 
_struct_keywords.pdbx_keywords   TRANSCRIPTION 
_struct_keywords.text            
;TRANSCRIPTION, METAL-BINDING, TRANSMEMBRANE, DEVELOPMENTAL, NOTCH SIGNALING PATHWAY, DIFFERENTIATION, PHOSPHORYLATION, EGF-LIKE DOMAIN, REGULATION, RECEPTOR, ACTIVATOR, ANK REPEAT, SIGNALLING, GLYCOPROTEIN, EXTRACELLULAR, JAGGED, NUCLEUS, MEMBRANE
;
# 
loop_
_struct_asym.id 
_struct_asym.pdbx_blank_PDB_chainid_flag 
_struct_asym.pdbx_modified 
_struct_asym.entity_id 
_struct_asym.details 
A N N 1 ? 
B N N 2 ? 
C N N 3 ? 
D N N 3 ? 
E N N 3 ? 
F N N 3 ? 
G N N 4 ? 
# 
_struct_ref.id                         1 
_struct_ref.db_name                    UNP 
_struct_ref.db_code                    NOTC1_HUMAN 
_struct_ref.entity_id                  1 
_struct_ref.pdbx_seq_one_letter_code   ? 
_struct_ref.pdbx_align_begin           ? 
_struct_ref.pdbx_db_accession          P46531 
_struct_ref.pdbx_db_isoform            ? 
# 
_struct_ref_seq.align_id                      1 
_struct_ref_seq.ref_id                        1 
_struct_ref_seq.pdbx_PDB_id_code              4D0E 
_struct_ref_seq.pdbx_strand_id                A 
_struct_ref_seq.seq_align_beg                 3 
_struct_ref_seq.pdbx_seq_align_beg_ins_code   ? 
_struct_ref_seq.seq_align_end                 118 
_struct_ref_seq.pdbx_seq_align_end_ins_code   ? 
_struct_ref_seq.pdbx_db_accession             P46531 
_struct_ref_seq.db_align_beg                  411 
_struct_ref_seq.pdbx_db_align_beg_ins_code    ? 
_struct_ref_seq.db_align_end                  526 
_struct_ref_seq.pdbx_db_align_end_ins_code    ? 
_struct_ref_seq.pdbx_auth_seq_align_beg       411 
_struct_ref_seq.pdbx_auth_seq_align_end       526 
# 
loop_
_struct_ref_seq_dif.align_id 
_struct_ref_seq_dif.pdbx_pdb_id_code 
_struct_ref_seq_dif.mon_id 
_struct_ref_seq_dif.pdbx_pdb_strand_id 
_struct_ref_seq_dif.seq_num 
_struct_ref_seq_dif.pdbx_pdb_ins_code 
_struct_ref_seq_dif.pdbx_seq_db_name 
_struct_ref_seq_dif.pdbx_seq_db_accession_code 
_struct_ref_seq_dif.db_mon_id 
_struct_ref_seq_dif.pdbx_seq_db_seq_num 
_struct_ref_seq_dif.details 
_struct_ref_seq_dif.pdbx_auth_seq_num 
_struct_ref_seq_dif.pdbx_ordinal 
1 4D0E SER A 1   ? UNP P46531 ? ? 'expression tag' 409 1  
1 4D0E ALA A 2   ? UNP P46531 ? ? 'expression tag' 410 2  
1 4D0E VAL A 119 ? UNP P46531 ? ? 'expression tag' 527 3  
1 4D0E ASP A 120 ? UNP P46531 ? ? 'expression tag' 528 4  
1 4D0E LEU A 121 ? UNP P46531 ? ? 'expression tag' 529 5  
1 4D0E HIS A 122 ? UNP P46531 ? ? 'expression tag' 530 6  
1 4D0E HIS A 123 ? UNP P46531 ? ? 'expression tag' 531 7  
1 4D0E ILE A 124 ? UNP P46531 ? ? 'expression tag' 532 8  
1 4D0E LEU A 125 ? UNP P46531 ? ? 'expression tag' 533 9  
1 4D0E ASP A 126 ? UNP P46531 ? ? 'expression tag' 534 10 
1 4D0E ALA A 127 ? UNP P46531 ? ? 'expression tag' 535 11 
1 4D0E GLN A 128 ? UNP P46531 ? ? 'expression tag' 536 12 
1 4D0E LYS A 129 ? UNP P46531 ? ? 'expression tag' 537 13 
1 4D0E MET A 130 ? UNP P46531 ? ? 'expression tag' 538 14 
1 4D0E VAL A 131 ? UNP P46531 ? ? 'expression tag' 539 15 
1 4D0E TRP A 132 ? UNP P46531 ? ? 'expression tag' 540 16 
1 4D0E ASN A 133 ? UNP P46531 ? ? 'expression tag' 541 17 
1 4D0E HIS A 134 ? UNP P46531 ? ? 'expression tag' 542 18 
1 4D0E ARG A 135 ? UNP P46531 ? ? 'expression tag' 543 19 
# 
_pdbx_struct_assembly.id                   1 
_pdbx_struct_assembly.details              author_and_software_defined_assembly 
_pdbx_struct_assembly.method_details       PISA 
_pdbx_struct_assembly.oligomeric_details   monomeric 
_pdbx_struct_assembly.oligomeric_count     1 
# 
_pdbx_struct_assembly_gen.assembly_id       1 
_pdbx_struct_assembly_gen.oper_expression   1 
_pdbx_struct_assembly_gen.asym_id_list      A,B,C,D,E,F,G 
# 
_pdbx_struct_oper_list.id                   1 
_pdbx_struct_oper_list.type                 'identity operation' 
_pdbx_struct_oper_list.name                 1_555 
_pdbx_struct_oper_list.symmetry_operation   x,y,z 
_pdbx_struct_oper_list.matrix[1][1]         1.0000000000 
_pdbx_struct_oper_list.matrix[1][2]         0.0000000000 
_pdbx_struct_oper_list.matrix[1][3]         0.0000000000 
_pdbx_struct_oper_list.vector[1]            0.0000000000 
_pdbx_struct_oper_list.matrix[2][1]         0.0000000000 
_pdbx_struct_oper_list.matrix[2][2]         1.0000000000 
_pdbx_struct_oper_list.matrix[2][3]         0.0000000000 
_pdbx_struct_oper_list.vector[2]            0.0000000000 
_pdbx_struct_oper_list.matrix[3][1]         0.0000000000 
_pdbx_struct_oper_list.matrix[3][2]         0.0000000000 
_pdbx_struct_oper_list.matrix[3][3]         1.0000000000 
_pdbx_struct_oper_list.vector[3]            0.0000000000 
# 
_struct_conf.conf_type_id            HELX_P 
_struct_conf.id                      HELX_P1 
_struct_conf.pdbx_PDB_helix_id       1 
_struct_conf.beg_label_comp_id       ASP 
_struct_conf.beg_label_asym_id       A 
_struct_conf.beg_label_seq_id        6 
_struct_conf.pdbx_beg_PDB_ins_code   ? 
_struct_conf.end_label_comp_id       LEU 
_struct_conf.end_label_asym_id       A 
_struct_conf.end_label_seq_id        10 
_struct_conf.pdbx_end_PDB_ins_code   ? 
_struct_conf.beg_auth_comp_id        ASP 
_struct_conf.beg_auth_asym_id        A 
_struct_conf.beg_auth_seq_id         414 
_struct_conf.end_auth_comp_id        LEU 
_struct_conf.end_auth_asym_id        A 
_struct_conf.end_auth_seq_id         418 
_struct_conf.pdbx_PDB_helix_class    5 
_struct_conf.details                 ? 
_struct_conf.pdbx_PDB_helix_length   5 
# 
_struct_conf_type.id          HELX_P 
_struct_conf_type.criteria    ? 
_struct_conf_type.reference   ? 
# 
loop_
_struct_conn.id 
_struct_conn.conn_type_id 
_struct_conn.pdbx_leaving_atom_flag 
_struct_conn.pdbx_PDB_id 
_struct_conn.ptnr1_label_asym_id 
_struct_conn.ptnr1_label_comp_id 
_struct_conn.ptnr1_label_seq_id 
_struct_conn.ptnr1_label_atom_id 
_struct_conn.pdbx_ptnr1_label_alt_id 
_struct_conn.pdbx_ptnr1_PDB_ins_code 
_struct_conn.pdbx_ptnr1_standard_comp_id 
_struct_conn.ptnr1_symmetry 
_struct_conn.ptnr2_label_asym_id 
_struct_conn.ptnr2_label_comp_id 
_struct_conn.ptnr2_label_seq_id 
_struct_conn.ptnr2_label_atom_id 
_struct_conn.pdbx_ptnr2_label_alt_id 
_struct_conn.pdbx_ptnr2_PDB_ins_code 
_struct_conn.ptnr1_auth_asym_id 
_struct_conn.ptnr1_auth_comp_id 
_struct_conn.ptnr1_auth_seq_id 
_struct_conn.ptnr2_auth_asym_id 
_struct_conn.ptnr2_auth_comp_id 
_struct_conn.ptnr2_auth_seq_id 
_struct_conn.ptnr2_symmetry 
_struct_conn.pdbx_ptnr3_label_atom_id 
_struct_conn.pdbx_ptnr3_label_seq_id 
_struct_conn.pdbx_ptnr3_label_comp_id 
_struct_conn.pdbx_ptnr3_label_asym_id 
_struct_conn.pdbx_ptnr3_label_alt_id 
_struct_conn.pdbx_ptnr3_PDB_ins_code 
_struct_conn.details 
_struct_conn.pdbx_dist_value 
_struct_conn.pdbx_value_order 
_struct_conn.pdbx_role 
disulf1  disulf ?    ? A CYS 8   SG  ? ? ? 1_555 A CYS 21  SG ? ? A CYS 416  A CYS 429  1_555 ? ? ? ? ? ? ? 2.040 ? ? 
disulf2  disulf ?    ? A CYS 15  SG  ? ? ? 1_555 A CYS 30  SG ? ? A CYS 423  A CYS 438  1_555 ? ? ? ? ? ? ? 2.042 ? ? 
disulf3  disulf ?    ? A CYS 32  SG  ? ? ? 1_555 A CYS 41  SG ? ? A CYS 440  A CYS 449  1_555 ? ? ? ? ? ? ? 2.049 ? ? 
disulf4  disulf ?    ? A CYS 48  SG  ? ? ? 1_555 A CYS 59  SG ? ? A CYS 456  A CYS 467  1_555 ? ? ? ? ? ? ? 2.036 ? ? 
disulf5  disulf ?    ? A CYS 53  SG  ? ? ? 1_555 A CYS 68  SG ? ? A CYS 461  A CYS 476  1_555 ? ? ? ? ? ? ? 2.021 ? ? 
disulf6  disulf ?    ? A CYS 70  SG  ? ? ? 1_555 A CYS 79  SG ? ? A CYS 478  A CYS 487  1_555 ? ? ? ? ? ? ? 2.036 ? ? 
disulf7  disulf ?    ? A CYS 86  SG  ? ? ? 1_555 A CYS 97  SG ? ? A CYS 494  A CYS 505  1_555 ? ? ? ? ? ? ? 2.045 ? ? 
disulf8  disulf ?    ? A CYS 91  SG  ? ? ? 1_555 A CYS 106 SG ? ? A CYS 499  A CYS 514  1_555 ? ? ? ? ? ? ? 2.027 ? ? 
disulf9  disulf ?    ? A CYS 108 SG  ? ? ? 1_555 A CYS 117 SG ? ? A CYS 516  A CYS 525  1_555 ? ? ? ? ? ? ? 2.041 ? ? 
covale1  covale one  ? A THR 58  OG1 ? ? ? 1_555 B FUC .   C1 ? ? A THR 466  B FUC 1    1_555 ? ? ? ? ? ? ? 1.443 ? 
O-Glycosylation 
covale2  covale both ? B FUC .   O3  ? ? ? 1_555 B NAG .   C1 ? ? B FUC 1    B NAG 2    1_555 ? ? ? ? ? ? ? 1.444 ? ? 
metalc1  metalc ?    ? A ASP 4   OD2 ? ? ? 1_555 E CA  .   CA ? ? A ASP 412  A CA  1533 1_555 ? ? ? ? ? ? ? 3.053 ? ? 
metalc2  metalc ?    ? A ASP 4   OD1 ? ? ? 1_555 E CA  .   CA ? ? A ASP 412  A CA  1533 1_555 ? ? ? ? ? ? ? 2.500 ? ? 
metalc3  metalc ?    ? A VAL 5   O   ? ? ? 1_555 E CA  .   CA ? ? A VAL 413  A CA  1533 1_555 ? ? ? ? ? ? ? 2.434 ? ? 
metalc4  metalc ?    ? A GLU 7   OE1 ? ? ? 1_555 E CA  .   CA ? ? A GLU 415  A CA  1533 1_555 ? ? ? ? ? ? ? 2.470 ? ? 
metalc5  metalc ?    ? A ASN 23  OD1 ? ? ? 1_555 E CA  .   CA ? ? A ASN 431  A CA  1533 1_555 ? ? ? ? ? ? ? 2.399 ? ? 
metalc6  metalc ?    ? A THR 24  O   ? ? ? 1_555 E CA  .   CA ? ? A THR 432  A CA  1533 1_555 ? ? ? ? ? ? ? 2.349 ? ? 
metalc7  metalc ?    ? A SER 27  O   ? ? ? 1_555 E CA  .   CA ? ? A SER 435  A CA  1533 1_555 ? ? ? ? ? ? ? 2.414 ? ? 
metalc8  metalc ?    ? A ASP 44  OD1 ? ? ? 1_555 C CA  .   CA ? ? A ASP 452  A CA  1531 1_555 ? ? ? ? ? ? ? 2.433 ? ? 
metalc9  metalc ?    ? A VAL 45  O   ? ? ? 1_555 C CA  .   CA ? ? A VAL 453  A CA  1531 1_555 ? ? ? ? ? ? ? 2.291 ? ? 
metalc10 metalc ?    ? A GLU 47  OE1 ? ? ? 1_555 C CA  .   CA ? ? A GLU 455  A CA  1531 1_555 ? ? ? ? ? ? ? 2.434 ? ? 
metalc11 metalc ?    ? A ASP 61  OD1 ? ? ? 1_555 C CA  .   CA ? ? A ASP 469  A CA  1531 1_555 ? ? ? ? ? ? ? 2.424 ? ? 
metalc12 metalc ?    ? A GLN 62  O   ? ? ? 1_555 C CA  .   CA ? ? A GLN 470  A CA  1531 1_555 ? ? ? ? ? ? ? 2.310 ? ? 
metalc13 metalc ?    ? A ASN 82  OD1 ? ? ? 1_555 D CA  .   CA ? ? A ASN 490  A CA  1532 1_555 ? ? ? ? ? ? ? 2.325 ? ? 
metalc14 metalc ?    ? A THR 83  O   ? ? ? 1_555 D CA  .   CA ? ? A THR 491  A CA  1532 1_555 ? ? ? ? ? ? ? 2.276 ? ? 
metalc15 metalc ?    ? A GLU 85  OE1 ? ? ? 1_555 D CA  .   CA ? ? A GLU 493  A CA  1532 1_555 ? ? ? ? ? ? ? 2.286 ? ? 
metalc16 metalc ?    ? A ASP 99  OD1 ? ? ? 1_555 D CA  .   CA ? ? A ASP 507  A CA  1532 1_555 ? ? ? ? ? ? ? 2.594 ? ? 
metalc17 metalc ?    ? A ASP 99  OD2 ? ? ? 1_555 D CA  .   CA ? ? A ASP 507  A CA  1532 1_555 ? ? ? ? ? ? ? 2.482 ? ? 
metalc18 metalc ?    ? A LYS 100 O   ? ? ? 1_555 D CA  .   CA ? ? A LYS 508  A CA  1532 1_555 ? ? ? ? ? ? ? 2.313 ? ? 
metalc19 metalc ?    ? A GLU 103 OE2 ? ? ? 4_645 F CA  .   CA ? ? A GLU 511  A CA  1535 1_555 ? ? ? ? ? ? ? 2.286 ? ? 
metalc20 metalc ?    ? A GLU 103 OE2 ? ? ? 1_555 F CA  .   CA ? ? A GLU 511  A CA  1535 1_555 ? ? ? ? ? ? ? 2.262 ? ? 
metalc21 metalc ?    ? A GLU 103 OE1 ? ? ? 4_645 F CA  .   CA ? ? A GLU 511  A CA  1535 1_555 ? ? ? ? ? ? ? 2.780 ? ? 
metalc22 metalc ?    ? A GLU 103 OE1 ? ? ? 1_555 F CA  .   CA ? ? A GLU 511  A CA  1535 1_555 ? ? ? ? ? ? ? 2.764 ? ? 
metalc23 metalc ?    ? A HIS 115 NE2 ? ? ? 1_555 F CA  .   CA ? ? A HIS 523  A CA  1535 1_555 ? ? ? ? ? ? ? 2.427 ? ? 
metalc24 metalc ?    ? A HIS 115 NE2 ? ? ? 4_645 F CA  .   CA ? ? A HIS 523  A CA  1535 1_555 ? ? ? ? ? ? ? 2.417 ? ? 
metalc25 metalc ?    ? C CA  .   CA  ? ? ? 1_555 G HOH .   O  ? ? A CA  1531 A HOH 2060 1_555 ? ? ? ? ? ? ? 2.417 ? ? 
metalc26 metalc ?    ? C CA  .   CA  ? ? ? 1_555 G HOH .   O  ? ? A CA  1531 A HOH 2066 1_555 ? ? ? ? ? ? ? 2.376 ? ? 
metalc27 metalc ?    ? D CA  .   CA  ? ? ? 1_555 G HOH .   O  ? ? A CA  1532 A HOH 2095 1_555 ? ? ? ? ? ? ? 2.481 ? ? 
metalc28 metalc ?    ? E CA  .   CA  ? ? ? 1_555 G HOH .   O  ? ? A CA  1533 A HOH 2023 1_555 ? ? ? ? ? ? ? 2.529 ? ? 
# 
loop_
_struct_conn_type.id 
_struct_conn_type.criteria 
_struct_conn_type.reference 
disulf ? ? 
covale ? ? 
metalc ? ? 
# 
loop_
_pdbx_struct_conn_angle.id 
_pdbx_struct_conn_angle.ptnr1_label_atom_id 
_pdbx_struct_conn_angle.ptnr1_label_alt_id 
_pdbx_struct_conn_angle.ptnr1_label_asym_id 
_pdbx_struct_conn_angle.ptnr1_label_comp_id 
_pdbx_struct_conn_angle.ptnr1_label_seq_id 
_pdbx_struct_conn_angle.ptnr1_auth_atom_id 
_pdbx_struct_conn_angle.ptnr1_auth_asym_id 
_pdbx_struct_conn_angle.ptnr1_auth_comp_id 
_pdbx_struct_conn_angle.ptnr1_auth_seq_id 
_pdbx_struct_conn_angle.ptnr1_PDB_ins_code 
_pdbx_struct_conn_angle.ptnr1_symmetry 
_pdbx_struct_conn_angle.ptnr2_label_atom_id 
_pdbx_struct_conn_angle.ptnr2_label_alt_id 
_pdbx_struct_conn_angle.ptnr2_label_asym_id 
_pdbx_struct_conn_angle.ptnr2_label_comp_id 
_pdbx_struct_conn_angle.ptnr2_label_seq_id 
_pdbx_struct_conn_angle.ptnr2_auth_atom_id 
_pdbx_struct_conn_angle.ptnr2_auth_asym_id 
_pdbx_struct_conn_angle.ptnr2_auth_comp_id 
_pdbx_struct_conn_angle.ptnr2_auth_seq_id 
_pdbx_struct_conn_angle.ptnr2_PDB_ins_code 
_pdbx_struct_conn_angle.ptnr2_symmetry 
_pdbx_struct_conn_angle.ptnr3_label_atom_id 
_pdbx_struct_conn_angle.ptnr3_label_alt_id 
_pdbx_struct_conn_angle.ptnr3_label_asym_id 
_pdbx_struct_conn_angle.ptnr3_label_comp_id 
_pdbx_struct_conn_angle.ptnr3_label_seq_id 
_pdbx_struct_conn_angle.ptnr3_auth_atom_id 
_pdbx_struct_conn_angle.ptnr3_auth_asym_id 
_pdbx_struct_conn_angle.ptnr3_auth_comp_id 
_pdbx_struct_conn_angle.ptnr3_auth_seq_id 
_pdbx_struct_conn_angle.ptnr3_PDB_ins_code 
_pdbx_struct_conn_angle.ptnr3_symmetry 
_pdbx_struct_conn_angle.value 
_pdbx_struct_conn_angle.value_esd 
1  OD2 ? A ASP 4   ? A ASP 412  ? 1_555 CA ? E CA . ? A CA 1533 ? 1_555 OD1 ? A ASP 4   ? A ASP 412  ? 1_555 45.2  ? 
2  OD2 ? A ASP 4   ? A ASP 412  ? 1_555 CA ? E CA . ? A CA 1533 ? 1_555 O   ? A VAL 5   ? A VAL 413  ? 1_555 68.6  ? 
3  OD1 ? A ASP 4   ? A ASP 412  ? 1_555 CA ? E CA . ? A CA 1533 ? 1_555 O   ? A VAL 5   ? A VAL 413  ? 1_555 79.0  ? 
4  OD2 ? A ASP 4   ? A ASP 412  ? 1_555 CA ? E CA . ? A CA 1533 ? 1_555 OE1 ? A GLU 7   ? A GLU 415  ? 1_555 136.6 ? 
5  OD1 ? A ASP 4   ? A ASP 412  ? 1_555 CA ? E CA . ? A CA 1533 ? 1_555 OE1 ? A GLU 7   ? A GLU 415  ? 1_555 136.9 ? 
6  O   ? A VAL 5   ? A VAL 413  ? 1_555 CA ? E CA . ? A CA 1533 ? 1_555 OE1 ? A GLU 7   ? A GLU 415  ? 1_555 70.5  ? 
7  OD2 ? A ASP 4   ? A ASP 412  ? 1_555 CA ? E CA . ? A CA 1533 ? 1_555 OD1 ? A ASN 23  ? A ASN 431  ? 1_555 82.0  ? 
8  OD1 ? A ASP 4   ? A ASP 412  ? 1_555 CA ? E CA . ? A CA 1533 ? 1_555 OD1 ? A ASN 23  ? A ASN 431  ? 1_555 126.8 ? 
9  O   ? A VAL 5   ? A VAL 413  ? 1_555 CA ? E CA . ? A CA 1533 ? 1_555 OD1 ? A ASN 23  ? A ASN 431  ? 1_555 88.6  ? 
10 OE1 ? A GLU 7   ? A GLU 415  ? 1_555 CA ? E CA . ? A CA 1533 ? 1_555 OD1 ? A ASN 23  ? A ASN 431  ? 1_555 82.9  ? 
11 OD2 ? A ASP 4   ? A ASP 412  ? 1_555 CA ? E CA . ? A CA 1533 ? 1_555 O   ? A THR 24  ? A THR 432  ? 1_555 78.6  ? 
12 OD1 ? A ASP 4   ? A ASP 412  ? 1_555 CA ? E CA . ? A CA 1533 ? 1_555 O   ? A THR 24  ? A THR 432  ? 1_555 79.9  ? 
13 O   ? A VAL 5   ? A VAL 413  ? 1_555 CA ? E CA . ? A CA 1533 ? 1_555 O   ? A THR 24  ? A THR 432  ? 1_555 147.1 ? 
14 OE1 ? A GLU 7   ? A GLU 415  ? 1_555 CA ? E CA . ? A CA 1533 ? 1_555 O   ? A THR 24  ? A THR 432  ? 1_555 139.5 ? 
15 OD1 ? A ASN 23  ? A ASN 431  ? 1_555 CA ? E CA . ? A CA 1533 ? 1_555 O   ? A THR 24  ? A THR 432  ? 1_555 84.2  ? 
16 OD2 ? A ASP 4   ? A ASP 412  ? 1_555 CA ? E CA . ? A CA 1533 ? 1_555 O   ? A SER 27  ? A SER 435  ? 1_555 144.9 ? 
17 OD1 ? A ASP 4   ? A ASP 412  ? 1_555 CA ? E CA . ? A CA 1533 ? 1_555 O   ? A SER 27  ? A SER 435  ? 1_555 131.5 ? 
18 O   ? A VAL 5   ? A VAL 413  ? 1_555 CA ? E CA . ? A CA 1533 ? 1_555 O   ? A SER 27  ? A SER 435  ? 1_555 143.8 ? 
19 OE1 ? A GLU 7   ? A GLU 415  ? 1_555 CA ? E CA . ? A CA 1533 ? 1_555 O   ? A SER 27  ? A SER 435  ? 1_555 73.3  ? 
20 OD1 ? A ASN 23  ? A ASN 431  ? 1_555 CA ? E CA . ? A CA 1533 ? 1_555 O   ? A SER 27  ? A SER 435  ? 1_555 85.6  ? 
21 O   ? A THR 24  ? A THR 432  ? 1_555 CA ? E CA . ? A CA 1533 ? 1_555 O   ? A SER 27  ? A SER 435  ? 1_555 67.5  ? 
22 OD2 ? A ASP 4   ? A ASP 412  ? 1_555 CA ? E CA . ? A CA 1533 ? 1_555 O   ? G HOH .   ? A HOH 2023 ? 1_555 110.6 ? 
23 OD1 ? A ASP 4   ? A ASP 412  ? 1_555 CA ? E CA . ? A CA 1533 ? 1_555 O   ? G HOH .   ? A HOH 2023 ? 1_555 68.7  ? 
24 O   ? A VAL 5   ? A VAL 413  ? 1_555 CA ? E CA . ? A CA 1533 ? 1_555 O   ? G HOH .   ? A HOH 2023 ? 1_555 82.2  ? 
25 OE1 ? A GLU 7   ? A GLU 415  ? 1_555 CA ? E CA . ? A CA 1533 ? 1_555 O   ? G HOH .   ? A HOH 2023 ? 1_555 77.4  ? 
26 OD1 ? A ASN 23  ? A ASN 431  ? 1_555 CA ? E CA . ? A CA 1533 ? 1_555 O   ? G HOH .   ? A HOH 2023 ? 1_555 160.1 ? 
27 O   ? A THR 24  ? A THR 432  ? 1_555 CA ? E CA . ? A CA 1533 ? 1_555 O   ? G HOH .   ? A HOH 2023 ? 1_555 112.8 ? 
28 O   ? A SER 27  ? A SER 435  ? 1_555 CA ? E CA . ? A CA 1533 ? 1_555 O   ? G HOH .   ? A HOH 2023 ? 1_555 91.5  ? 
29 OD1 ? A ASP 44  ? A ASP 452  ? 1_555 CA ? C CA . ? A CA 1531 ? 1_555 O   ? A VAL 45  ? A VAL 453  ? 1_555 75.8  ? 
30 OD1 ? A ASP 44  ? A ASP 452  ? 1_555 CA ? C CA . ? A CA 1531 ? 1_555 OE1 ? A GLU 47  ? A GLU 455  ? 1_555 142.0 ? 
31 O   ? A VAL 45  ? A VAL 453  ? 1_555 CA ? C CA . ? A CA 1531 ? 1_555 OE1 ? A GLU 47  ? A GLU 455  ? 1_555 74.9  ? 
32 OD1 ? A ASP 44  ? A ASP 452  ? 1_555 CA ? C CA . ? A CA 1531 ? 1_555 OD1 ? A ASP 61  ? A ASP 469  ? 1_555 124.6 ? 
33 O   ? A VAL 45  ? A VAL 453  ? 1_555 CA ? C CA . ? A CA 1531 ? 1_555 OD1 ? A ASP 61  ? A ASP 469  ? 1_555 84.9  ? 
34 OE1 ? A GLU 47  ? A GLU 455  ? 1_555 CA ? C CA . ? A CA 1531 ? 1_555 OD1 ? A ASP 61  ? A ASP 469  ? 1_555 76.1  ? 
35 OD1 ? A ASP 44  ? A ASP 452  ? 1_555 CA ? C CA . ? A CA 1531 ? 1_555 O   ? A GLN 62  ? A GLN 470  ? 1_555 124.1 ? 
36 O   ? A VAL 45  ? A VAL 453  ? 1_555 CA ? C CA . ? A CA 1531 ? 1_555 O   ? A GLN 62  ? A GLN 470  ? 1_555 152.2 ? 
37 OE1 ? A GLU 47  ? A GLU 455  ? 1_555 CA ? C CA . ? A CA 1531 ? 1_555 O   ? A GLN 62  ? A GLN 470  ? 1_555 78.3  ? 
38 OD1 ? A ASP 61  ? A ASP 469  ? 1_555 CA ? C CA . ? A CA 1531 ? 1_555 O   ? A GLN 62  ? A GLN 470  ? 1_555 95.7  ? 
39 OD1 ? A ASP 44  ? A ASP 452  ? 1_555 CA ? C CA . ? A CA 1531 ? 1_555 O   ? G HOH .   ? A HOH 2060 ? 1_555 76.0  ? 
40 O   ? A VAL 45  ? A VAL 453  ? 1_555 CA ? C CA . ? A CA 1531 ? 1_555 O   ? G HOH .   ? A HOH 2060 ? 1_555 84.5  ? 
41 OE1 ? A GLU 47  ? A GLU 455  ? 1_555 CA ? C CA . ? A CA 1531 ? 1_555 O   ? G HOH .   ? A HOH 2060 ? 1_555 77.4  ? 
42 OD1 ? A ASP 61  ? A ASP 469  ? 1_555 CA ? C CA . ? A CA 1531 ? 1_555 O   ? G HOH .   ? A HOH 2060 ? 1_555 153.2 ? 
43 O   ? A GLN 62  ? A GLN 470  ? 1_555 CA ? C CA . ? A CA 1531 ? 1_555 O   ? G HOH .   ? A HOH 2060 ? 1_555 82.6  ? 
44 OD1 ? A ASP 44  ? A ASP 452  ? 1_555 CA ? C CA . ? A CA 1531 ? 1_555 O   ? G HOH .   ? A HOH 2066 ? 1_555 74.9  ? 
45 O   ? A VAL 45  ? A VAL 453  ? 1_555 CA ? C CA . ? A CA 1531 ? 1_555 O   ? G HOH .   ? A HOH 2066 ? 1_555 131.3 ? 
46 OE1 ? A GLU 47  ? A GLU 455  ? 1_555 CA ? C CA . ? A CA 1531 ? 1_555 O   ? G HOH .   ? A HOH 2066 ? 1_555 143.2 ? 
47 OD1 ? A ASP 61  ? A ASP 469  ? 1_555 CA ? C CA . ? A CA 1531 ? 1_555 O   ? G HOH .   ? A HOH 2066 ? 1_555 80.9  ? 
48 O   ? A GLN 62  ? A GLN 470  ? 1_555 CA ? C CA . ? A CA 1531 ? 1_555 O   ? G HOH .   ? A HOH 2066 ? 1_555 75.9  ? 
49 O   ? G HOH .   ? A HOH 2060 ? 1_555 CA ? C CA . ? A CA 1531 ? 1_555 O   ? G HOH .   ? A HOH 2066 ? 1_555 123.9 ? 
50 OD1 ? A ASN 82  ? A ASN 490  ? 1_555 CA ? D CA . ? A CA 1532 ? 1_555 O   ? A THR 83  ? A THR 491  ? 1_555 85.9  ? 
51 OD1 ? A ASN 82  ? A ASN 490  ? 1_555 CA ? D CA . ? A CA 1532 ? 1_555 OE1 ? A GLU 85  ? A GLU 493  ? 1_555 152.6 ? 
52 O   ? A THR 83  ? A THR 491  ? 1_555 CA ? D CA . ? A CA 1532 ? 1_555 OE1 ? A GLU 85  ? A GLU 493  ? 1_555 83.9  ? 
53 OD1 ? A ASN 82  ? A ASN 490  ? 1_555 CA ? D CA . ? A CA 1532 ? 1_555 OD1 ? A ASP 99  ? A ASP 507  ? 1_555 133.3 ? 
54 O   ? A THR 83  ? A THR 491  ? 1_555 CA ? D CA . ? A CA 1532 ? 1_555 OD1 ? A ASP 99  ? A ASP 507  ? 1_555 85.1  ? 
55 OE1 ? A GLU 85  ? A GLU 493  ? 1_555 CA ? D CA . ? A CA 1532 ? 1_555 OD1 ? A ASP 99  ? A ASP 507  ? 1_555 71.0  ? 
56 OD1 ? A ASN 82  ? A ASN 490  ? 1_555 CA ? D CA . ? A CA 1532 ? 1_555 OD2 ? A ASP 99  ? A ASP 507  ? 1_555 84.6  ? 
57 O   ? A THR 83  ? A THR 491  ? 1_555 CA ? D CA . ? A CA 1532 ? 1_555 OD2 ? A ASP 99  ? A ASP 507  ? 1_555 96.3  ? 
58 OE1 ? A GLU 85  ? A GLU 493  ? 1_555 CA ? D CA . ? A CA 1532 ? 1_555 OD2 ? A ASP 99  ? A ASP 507  ? 1_555 121.8 ? 
59 OD1 ? A ASP 99  ? A ASP 507  ? 1_555 CA ? D CA . ? A CA 1532 ? 1_555 OD2 ? A ASP 99  ? A ASP 507  ? 1_555 51.1  ? 
60 OD1 ? A ASN 82  ? A ASN 490  ? 1_555 CA ? D CA . ? A CA 1532 ? 1_555 O   ? A LYS 100 ? A LYS 508  ? 1_555 105.3 ? 
61 O   ? A THR 83  ? A THR 491  ? 1_555 CA ? D CA . ? A CA 1532 ? 1_555 O   ? A LYS 100 ? A LYS 508  ? 1_555 166.3 ? 
62 OE1 ? A GLU 85  ? A GLU 493  ? 1_555 CA ? D CA . ? A CA 1532 ? 1_555 O   ? A LYS 100 ? A LYS 508  ? 1_555 82.5  ? 
63 OD1 ? A ASP 99  ? A ASP 507  ? 1_555 CA ? D CA . ? A CA 1532 ? 1_555 O   ? A LYS 100 ? A LYS 508  ? 1_555 92.5  ? 
64 OD2 ? A ASP 99  ? A ASP 507  ? 1_555 CA ? D CA . ? A CA 1532 ? 1_555 O   ? A LYS 100 ? A LYS 508  ? 1_555 92.6  ? 
65 OD1 ? A ASN 82  ? A ASN 490  ? 1_555 CA ? D CA . ? A CA 1532 ? 1_555 O   ? G HOH .   ? A HOH 2095 ? 1_555 80.2  ? 
66 O   ? A THR 83  ? A THR 491  ? 1_555 CA ? D CA . ? A CA 1532 ? 1_555 O   ? G HOH .   ? A HOH 2095 ? 1_555 84.0  ? 
67 OE1 ? A GLU 85  ? A GLU 493  ? 1_555 CA ? D CA . ? A CA 1532 ? 1_555 O   ? G HOH .   ? A HOH 2095 ? 1_555 73.5  ? 
68 OD1 ? A ASP 99  ? A ASP 507  ? 1_555 CA ? D CA . ? A CA 1532 ? 1_555 O   ? G HOH .   ? A HOH 2095 ? 1_555 143.7 ? 
69 OD2 ? A ASP 99  ? A ASP 507  ? 1_555 CA ? D CA . ? A CA 1532 ? 1_555 O   ? G HOH .   ? A HOH 2095 ? 1_555 164.8 ? 
70 O   ? A LYS 100 ? A LYS 508  ? 1_555 CA ? D CA . ? A CA 1532 ? 1_555 O   ? G HOH .   ? A HOH 2095 ? 1_555 90.2  ? 
71 OE2 ? A GLU 103 ? A GLU 511  ? 4_645 CA ? F CA . ? A CA 1535 ? 1_555 OE2 ? A GLU 103 ? A GLU 511  ? 1_555 158.2 ? 
72 OE2 ? A GLU 103 ? A GLU 511  ? 4_645 CA ? F CA . ? A CA 1535 ? 1_555 OE1 ? A GLU 103 ? A GLU 511  ? 4_645 49.9  ? 
73 OE2 ? A GLU 103 ? A GLU 511  ? 1_555 CA ? F CA . ? A CA 1535 ? 1_555 OE1 ? A GLU 103 ? A GLU 511  ? 4_645 109.2 ? 
74 OE2 ? A GLU 103 ? A GLU 511  ? 4_645 CA ? F CA . ? A CA 1535 ? 1_555 OE1 ? A GLU 103 ? A GLU 511  ? 1_555 109.0 ? 
75 OE2 ? A GLU 103 ? A GLU 511  ? 1_555 CA ? F CA . ? A CA 1535 ? 1_555 OE1 ? A GLU 103 ? A GLU 511  ? 1_555 50.3  ? 
76 OE1 ? A GLU 103 ? A GLU 511  ? 4_645 CA ? F CA . ? A CA 1535 ? 1_555 OE1 ? A GLU 103 ? A GLU 511  ? 1_555 68.2  ? 
77 OE2 ? A GLU 103 ? A GLU 511  ? 4_645 CA ? F CA . ? A CA 1535 ? 1_555 NE2 ? A HIS 115 ? A HIS 523  ? 1_555 98.1  ? 
78 OE2 ? A GLU 103 ? A GLU 511  ? 1_555 CA ? F CA . ? A CA 1535 ? 1_555 NE2 ? A HIS 115 ? A HIS 523  ? 1_555 89.8  ? 
79 OE1 ? A GLU 103 ? A GLU 511  ? 4_645 CA ? F CA . ? A CA 1535 ? 1_555 NE2 ? A HIS 115 ? A HIS 523  ? 1_555 95.8  ? 
80 OE1 ? A GLU 103 ? A GLU 511  ? 1_555 CA ? F CA . ? A CA 1535 ? 1_555 NE2 ? A HIS 115 ? A HIS 523  ? 1_555 121.5 ? 
81 OE2 ? A GLU 103 ? A GLU 511  ? 4_645 CA ? F CA . ? A CA 1535 ? 1_555 NE2 ? A HIS 115 ? A HIS 523  ? 4_645 89.5  ? 
82 OE2 ? A GLU 103 ? A GLU 511  ? 1_555 CA ? F CA . ? A CA 1535 ? 1_555 NE2 ? A HIS 115 ? A HIS 523  ? 4_645 99.0  ? 
83 OE1 ? A GLU 103 ? A GLU 511  ? 4_645 CA ? F CA . ? A CA 1535 ? 1_555 NE2 ? A HIS 115 ? A HIS 523  ? 4_645 121.2 ? 
84 OE1 ? A GLU 103 ? A GLU 511  ? 1_555 CA ? F CA . ? A CA 1535 ? 1_555 NE2 ? A HIS 115 ? A HIS 523  ? 4_645 96.4  ? 
85 NE2 ? A HIS 115 ? A HIS 523  ? 1_555 CA ? F CA . ? A CA 1535 ? 1_555 NE2 ? A HIS 115 ? A HIS 523  ? 4_645 135.5 ? 
# 
loop_
_pdbx_modification_feature.ordinal 
_pdbx_modification_feature.label_comp_id 
_pdbx_modification_feature.label_asym_id 
_pdbx_modification_feature.label_seq_id 
_pdbx_modification_feature.label_alt_id 
_pdbx_modification_feature.modified_residue_label_comp_id 
_pdbx_modification_feature.modified_residue_label_asym_id 
_pdbx_modification_feature.modified_residue_label_seq_id 
_pdbx_modification_feature.modified_residue_label_alt_id 
_pdbx_modification_feature.auth_comp_id 
_pdbx_modification_feature.auth_asym_id 
_pdbx_modification_feature.auth_seq_id 
_pdbx_modification_feature.PDB_ins_code 
_pdbx_modification_feature.symmetry 
_pdbx_modification_feature.modified_residue_auth_comp_id 
_pdbx_modification_feature.modified_residue_auth_asym_id 
_pdbx_modification_feature.modified_residue_auth_seq_id 
_pdbx_modification_feature.modified_residue_PDB_ins_code 
_pdbx_modification_feature.modified_residue_symmetry 
_pdbx_modification_feature.comp_id_linking_atom 
_pdbx_modification_feature.modified_residue_id_linking_atom 
_pdbx_modification_feature.modified_residue_id 
_pdbx_modification_feature.ref_pcm_id 
_pdbx_modification_feature.ref_comp_id 
_pdbx_modification_feature.type 
_pdbx_modification_feature.category 
1  FUC B .   ? THR A 58  ? FUC B 1   ? 1_555 THR A 466 ? 1_555 C1 OG1 THR 2 FUC O-Glycosylation Carbohydrate       
2  CYS A 8   ? CYS A 21  ? CYS A 416 ? 1_555 CYS A 429 ? 1_555 SG SG  .   . .   None            'Disulfide bridge' 
3  CYS A 15  ? CYS A 30  ? CYS A 423 ? 1_555 CYS A 438 ? 1_555 SG SG  .   . .   None            'Disulfide bridge' 
4  CYS A 32  ? CYS A 41  ? CYS A 440 ? 1_555 CYS A 449 ? 1_555 SG SG  .   . .   None            'Disulfide bridge' 
5  CYS A 48  ? CYS A 59  ? CYS A 456 ? 1_555 CYS A 467 ? 1_555 SG SG  .   . .   None            'Disulfide bridge' 
6  CYS A 53  ? CYS A 68  ? CYS A 461 ? 1_555 CYS A 476 ? 1_555 SG SG  .   . .   None            'Disulfide bridge' 
7  CYS A 70  ? CYS A 79  ? CYS A 478 ? 1_555 CYS A 487 ? 1_555 SG SG  .   . .   None            'Disulfide bridge' 
8  CYS A 86  ? CYS A 97  ? CYS A 494 ? 1_555 CYS A 505 ? 1_555 SG SG  .   . .   None            'Disulfide bridge' 
9  CYS A 91  ? CYS A 106 ? CYS A 499 ? 1_555 CYS A 514 ? 1_555 SG SG  .   . .   None            'Disulfide bridge' 
10 CYS A 108 ? CYS A 117 ? CYS A 516 ? 1_555 CYS A 525 ? 1_555 SG SG  .   . .   None            'Disulfide bridge' 
# 
loop_
_struct_sheet.id 
_struct_sheet.type 
_struct_sheet.number_strands 
_struct_sheet.details 
AA ? 2 ? 
AB ? 2 ? 
AC ? 2 ? 
AD ? 2 ? 
AE ? 2 ? 
AF ? 2 ? 
# 
loop_
_struct_sheet_order.sheet_id 
_struct_sheet_order.range_id_1 
_struct_sheet_order.range_id_2 
_struct_sheet_order.offset 
_struct_sheet_order.sense 
AA 1 2 ? anti-parallel 
AB 1 2 ? anti-parallel 
AC 1 2 ? anti-parallel 
AD 1 2 ? anti-parallel 
AE 1 2 ? anti-parallel 
AF 1 2 ? anti-parallel 
# 
loop_
_struct_sheet_range.sheet_id 
_struct_sheet_range.id 
_struct_sheet_range.beg_label_comp_id 
_struct_sheet_range.beg_label_asym_id 
_struct_sheet_range.beg_label_seq_id 
_struct_sheet_range.pdbx_beg_PDB_ins_code 
_struct_sheet_range.end_label_comp_id 
_struct_sheet_range.end_label_asym_id 
_struct_sheet_range.end_label_seq_id 
_struct_sheet_range.pdbx_end_PDB_ins_code 
_struct_sheet_range.beg_auth_comp_id 
_struct_sheet_range.beg_auth_asym_id 
_struct_sheet_range.beg_auth_seq_id 
_struct_sheet_range.end_auth_comp_id 
_struct_sheet_range.end_auth_asym_id 
_struct_sheet_range.end_auth_seq_id 
AA 1 LYS A 20  ? THR A 24  ? LYS A 428 THR A 432 
AA 2 SER A 27  ? GLN A 31  ? SER A 435 GLN A 439 
AB 1 TYR A 36  ? THR A 37  ? TYR A 444 THR A 445 
AB 2 ILE A 43  ? ASP A 44  ? ILE A 451 ASP A 452 
AC 1 THR A 58  ? GLN A 62  ? THR A 466 GLN A 470 
AC 2 GLU A 65  ? ILE A 69  ? GLU A 473 ILE A 477 
AD 1 TYR A 74  ? GLU A 75  ? TYR A 482 GLU A 483 
AD 2 VAL A 81  ? ASN A 82  ? VAL A 489 ASN A 490 
AE 1 ARG A 96  ? ASP A 99  ? ARG A 504 ASP A 507 
AE 2 PHE A 104 ? GLU A 107 ? PHE A 512 GLU A 515 
AF 1 PHE A 112 ? THR A 113 ? PHE A 520 THR A 521 
AF 2 VAL A 119 ? ASP A 120 ? VAL A 527 ASP A 528 
# 
loop_
_pdbx_struct_sheet_hbond.sheet_id 
_pdbx_struct_sheet_hbond.range_id_1 
_pdbx_struct_sheet_hbond.range_id_2 
_pdbx_struct_sheet_hbond.range_1_label_atom_id 
_pdbx_struct_sheet_hbond.range_1_label_comp_id 
_pdbx_struct_sheet_hbond.range_1_label_asym_id 
_pdbx_struct_sheet_hbond.range_1_label_seq_id 
_pdbx_struct_sheet_hbond.range_1_PDB_ins_code 
_pdbx_struct_sheet_hbond.range_1_auth_atom_id 
_pdbx_struct_sheet_hbond.range_1_auth_comp_id 
_pdbx_struct_sheet_hbond.range_1_auth_asym_id 
_pdbx_struct_sheet_hbond.range_1_auth_seq_id 
_pdbx_struct_sheet_hbond.range_2_label_atom_id 
_pdbx_struct_sheet_hbond.range_2_label_comp_id 
_pdbx_struct_sheet_hbond.range_2_label_asym_id 
_pdbx_struct_sheet_hbond.range_2_label_seq_id 
_pdbx_struct_sheet_hbond.range_2_PDB_ins_code 
_pdbx_struct_sheet_hbond.range_2_auth_atom_id 
_pdbx_struct_sheet_hbond.range_2_auth_comp_id 
_pdbx_struct_sheet_hbond.range_2_auth_asym_id 
_pdbx_struct_sheet_hbond.range_2_auth_seq_id 
AA 1 2 N THR A 24  ? N THR A 432 O SER A 27  ? O SER A 435 
AB 1 2 N THR A 37  ? N THR A 445 O ILE A 43  ? O ILE A 451 
AC 1 2 N GLN A 62  ? N GLN A 470 O GLU A 65  ? O GLU A 473 
AD 1 2 N GLU A 75  ? N GLU A 483 O VAL A 81  ? O VAL A 489 
AE 1 2 N LEU A 98  ? N LEU A 506 O GLN A 105 ? O GLN A 513 
AF 1 2 N THR A 113 ? N THR A 521 O VAL A 119 ? O VAL A 527 
# 
_pdbx_entry_details.entry_id                   4D0E 
_pdbx_entry_details.compound_details           ? 
_pdbx_entry_details.source_details             ? 
_pdbx_entry_details.nonpolymer_details         ? 
_pdbx_entry_details.sequence_details           ? 
_pdbx_entry_details.has_ligand_of_interest     ? 
_pdbx_entry_details.has_protein_modification   Y 
# 
_pdbx_validate_close_contact.id               1 
_pdbx_validate_close_contact.PDB_model_num    1 
_pdbx_validate_close_contact.auth_atom_id_1   O 
_pdbx_validate_close_contact.auth_asym_id_1   A 
_pdbx_validate_close_contact.auth_comp_id_1   HOH 
_pdbx_validate_close_contact.auth_seq_id_1    2013 
_pdbx_validate_close_contact.PDB_ins_code_1   ? 
_pdbx_validate_close_contact.label_alt_id_1   ? 
_pdbx_validate_close_contact.auth_atom_id_2   O 
_pdbx_validate_close_contact.auth_asym_id_2   A 
_pdbx_validate_close_contact.auth_comp_id_2   HOH 
_pdbx_validate_close_contact.auth_seq_id_2    2014 
_pdbx_validate_close_contact.PDB_ins_code_2   ? 
_pdbx_validate_close_contact.label_alt_id_2   ? 
_pdbx_validate_close_contact.dist             2.02 
# 
_pdbx_validate_symm_contact.id                1 
_pdbx_validate_symm_contact.PDB_model_num     1 
_pdbx_validate_symm_contact.auth_atom_id_1    O 
_pdbx_validate_symm_contact.auth_asym_id_1    A 
_pdbx_validate_symm_contact.auth_comp_id_1    HOH 
_pdbx_validate_symm_contact.auth_seq_id_1     2042 
_pdbx_validate_symm_contact.PDB_ins_code_1    ? 
_pdbx_validate_symm_contact.label_alt_id_1    ? 
_pdbx_validate_symm_contact.site_symmetry_1   1_555 
_pdbx_validate_symm_contact.auth_atom_id_2    O 
_pdbx_validate_symm_contact.auth_asym_id_2    A 
_pdbx_validate_symm_contact.auth_comp_id_2    HOH 
_pdbx_validate_symm_contact.auth_seq_id_2     2053 
_pdbx_validate_symm_contact.PDB_ins_code_2    ? 
_pdbx_validate_symm_contact.label_alt_id_2    ? 
_pdbx_validate_symm_contact.site_symmetry_2   6_655 
_pdbx_validate_symm_contact.dist              1.86 
# 
loop_
_pdbx_validate_torsion.id 
_pdbx_validate_torsion.PDB_model_num 
_pdbx_validate_torsion.auth_comp_id 
_pdbx_validate_torsion.auth_asym_id 
_pdbx_validate_torsion.auth_seq_id 
_pdbx_validate_torsion.PDB_ins_code 
_pdbx_validate_torsion.label_alt_id 
_pdbx_validate_torsion.phi 
_pdbx_validate_torsion.psi 
1 1 LEU A 418 ? ? -107.70 -165.46 
2 1 SER A 435 ? ? -152.28 -151.72 
3 1 LYS A 508 ? ? -125.65 -165.04 
# 
_pdbx_struct_mod_residue.id               1 
_pdbx_struct_mod_residue.label_asym_id    A 
_pdbx_struct_mod_residue.label_comp_id    THR 
_pdbx_struct_mod_residue.label_seq_id     58 
_pdbx_struct_mod_residue.auth_asym_id     A 
_pdbx_struct_mod_residue.auth_comp_id     THR 
_pdbx_struct_mod_residue.auth_seq_id      466 
_pdbx_struct_mod_residue.PDB_ins_code     ? 
_pdbx_struct_mod_residue.parent_comp_id   THR 
_pdbx_struct_mod_residue.details          'GLYCOSYLATION SITE' 
# 
loop_
_pdbx_struct_special_symmetry.id 
_pdbx_struct_special_symmetry.PDB_model_num 
_pdbx_struct_special_symmetry.auth_asym_id 
_pdbx_struct_special_symmetry.auth_comp_id 
_pdbx_struct_special_symmetry.auth_seq_id 
_pdbx_struct_special_symmetry.PDB_ins_code 
_pdbx_struct_special_symmetry.label_asym_id 
_pdbx_struct_special_symmetry.label_comp_id 
_pdbx_struct_special_symmetry.label_seq_id 
1 1 A CA  1535 ? F CA  . 
2 1 A HOH 2112 ? G HOH . 
# 
loop_
_pdbx_unobs_or_zero_occ_residues.id 
_pdbx_unobs_or_zero_occ_residues.PDB_model_num 
_pdbx_unobs_or_zero_occ_residues.polymer_flag 
_pdbx_unobs_or_zero_occ_residues.occupancy_flag 
_pdbx_unobs_or_zero_occ_residues.auth_asym_id 
_pdbx_unobs_or_zero_occ_residues.auth_comp_id 
_pdbx_unobs_or_zero_occ_residues.auth_seq_id 
_pdbx_unobs_or_zero_occ_residues.PDB_ins_code 
_pdbx_unobs_or_zero_occ_residues.label_asym_id 
_pdbx_unobs_or_zero_occ_residues.label_comp_id 
_pdbx_unobs_or_zero_occ_residues.label_seq_id 
1  1 Y 1 A SER 409 ? A SER 1   
2  1 Y 1 A ALA 410 ? A ALA 2   
3  1 Y 1 A GLN 411 ? A GLN 3   
4  1 Y 1 A ASP 534 ? A ASP 126 
5  1 Y 1 A ALA 535 ? A ALA 127 
6  1 Y 1 A GLN 536 ? A GLN 128 
7  1 Y 1 A LYS 537 ? A LYS 129 
8  1 Y 1 A MET 538 ? A MET 130 
9  1 Y 1 A VAL 539 ? A VAL 131 
10 1 Y 1 A TRP 540 ? A TRP 132 
11 1 Y 1 A ASN 541 ? A ASN 133 
12 1 Y 1 A HIS 542 ? A HIS 134 
13 1 Y 1 A ARG 543 ? A ARG 135 
# 
loop_
_chem_comp_atom.comp_id 
_chem_comp_atom.atom_id 
_chem_comp_atom.type_symbol 
_chem_comp_atom.pdbx_aromatic_flag 
_chem_comp_atom.pdbx_stereo_config 
_chem_comp_atom.pdbx_ordinal 
ALA N    N  N N 1   
ALA CA   C  N S 2   
ALA C    C  N N 3   
ALA O    O  N N 4   
ALA CB   C  N N 5   
ALA OXT  O  N N 6   
ALA H    H  N N 7   
ALA H2   H  N N 8   
ALA HA   H  N N 9   
ALA HB1  H  N N 10  
ALA HB2  H  N N 11  
ALA HB3  H  N N 12  
ALA HXT  H  N N 13  
ARG N    N  N N 14  
ARG CA   C  N S 15  
ARG C    C  N N 16  
ARG O    O  N N 17  
ARG CB   C  N N 18  
ARG CG   C  N N 19  
ARG CD   C  N N 20  
ARG NE   N  N N 21  
ARG CZ   C  N N 22  
ARG NH1  N  N N 23  
ARG NH2  N  N N 24  
ARG OXT  O  N N 25  
ARG H    H  N N 26  
ARG H2   H  N N 27  
ARG HA   H  N N 28  
ARG HB2  H  N N 29  
ARG HB3  H  N N 30  
ARG HG2  H  N N 31  
ARG HG3  H  N N 32  
ARG HD2  H  N N 33  
ARG HD3  H  N N 34  
ARG HE   H  N N 35  
ARG HH11 H  N N 36  
ARG HH12 H  N N 37  
ARG HH21 H  N N 38  
ARG HH22 H  N N 39  
ARG HXT  H  N N 40  
ASN N    N  N N 41  
ASN CA   C  N S 42  
ASN C    C  N N 43  
ASN O    O  N N 44  
ASN CB   C  N N 45  
ASN CG   C  N N 46  
ASN OD1  O  N N 47  
ASN ND2  N  N N 48  
ASN OXT  O  N N 49  
ASN H    H  N N 50  
ASN H2   H  N N 51  
ASN HA   H  N N 52  
ASN HB2  H  N N 53  
ASN HB3  H  N N 54  
ASN HD21 H  N N 55  
ASN HD22 H  N N 56  
ASN HXT  H  N N 57  
ASP N    N  N N 58  
ASP CA   C  N S 59  
ASP C    C  N N 60  
ASP O    O  N N 61  
ASP CB   C  N N 62  
ASP CG   C  N N 63  
ASP OD1  O  N N 64  
ASP OD2  O  N N 65  
ASP OXT  O  N N 66  
ASP H    H  N N 67  
ASP H2   H  N N 68  
ASP HA   H  N N 69  
ASP HB2  H  N N 70  
ASP HB3  H  N N 71  
ASP HD2  H  N N 72  
ASP HXT  H  N N 73  
CA  CA   CA N N 74  
CYS N    N  N N 75  
CYS CA   C  N R 76  
CYS C    C  N N 77  
CYS O    O  N N 78  
CYS CB   C  N N 79  
CYS SG   S  N N 80  
CYS OXT  O  N N 81  
CYS H    H  N N 82  
CYS H2   H  N N 83  
CYS HA   H  N N 84  
CYS HB2  H  N N 85  
CYS HB3  H  N N 86  
CYS HG   H  N N 87  
CYS HXT  H  N N 88  
FUC C1   C  N R 89  
FUC C2   C  N S 90  
FUC C3   C  N R 91  
FUC C4   C  N S 92  
FUC C5   C  N S 93  
FUC C6   C  N N 94  
FUC O1   O  N N 95  
FUC O2   O  N N 96  
FUC O3   O  N N 97  
FUC O4   O  N N 98  
FUC O5   O  N N 99  
FUC H1   H  N N 100 
FUC H2   H  N N 101 
FUC H3   H  N N 102 
FUC H4   H  N N 103 
FUC H5   H  N N 104 
FUC H61  H  N N 105 
FUC H62  H  N N 106 
FUC H63  H  N N 107 
FUC HO1  H  N N 108 
FUC HO2  H  N N 109 
FUC HO3  H  N N 110 
FUC HO4  H  N N 111 
GLN N    N  N N 112 
GLN CA   C  N S 113 
GLN C    C  N N 114 
GLN O    O  N N 115 
GLN CB   C  N N 116 
GLN CG   C  N N 117 
GLN CD   C  N N 118 
GLN OE1  O  N N 119 
GLN NE2  N  N N 120 
GLN OXT  O  N N 121 
GLN H    H  N N 122 
GLN H2   H  N N 123 
GLN HA   H  N N 124 
GLN HB2  H  N N 125 
GLN HB3  H  N N 126 
GLN HG2  H  N N 127 
GLN HG3  H  N N 128 
GLN HE21 H  N N 129 
GLN HE22 H  N N 130 
GLN HXT  H  N N 131 
GLU N    N  N N 132 
GLU CA   C  N S 133 
GLU C    C  N N 134 
GLU O    O  N N 135 
GLU CB   C  N N 136 
GLU CG   C  N N 137 
GLU CD   C  N N 138 
GLU OE1  O  N N 139 
GLU OE2  O  N N 140 
GLU OXT  O  N N 141 
GLU H    H  N N 142 
GLU H2   H  N N 143 
GLU HA   H  N N 144 
GLU HB2  H  N N 145 
GLU HB3  H  N N 146 
GLU HG2  H  N N 147 
GLU HG3  H  N N 148 
GLU HE2  H  N N 149 
GLU HXT  H  N N 150 
GLY N    N  N N 151 
GLY CA   C  N N 152 
GLY C    C  N N 153 
GLY O    O  N N 154 
GLY OXT  O  N N 155 
GLY H    H  N N 156 
GLY H2   H  N N 157 
GLY HA2  H  N N 158 
GLY HA3  H  N N 159 
GLY HXT  H  N N 160 
HIS N    N  N N 161 
HIS CA   C  N S 162 
HIS C    C  N N 163 
HIS O    O  N N 164 
HIS CB   C  N N 165 
HIS CG   C  Y N 166 
HIS ND1  N  Y N 167 
HIS CD2  C  Y N 168 
HIS CE1  C  Y N 169 
HIS NE2  N  Y N 170 
HIS OXT  O  N N 171 
HIS H    H  N N 172 
HIS H2   H  N N 173 
HIS HA   H  N N 174 
HIS HB2  H  N N 175 
HIS HB3  H  N N 176 
HIS HD1  H  N N 177 
HIS HD2  H  N N 178 
HIS HE1  H  N N 179 
HIS HE2  H  N N 180 
HIS HXT  H  N N 181 
HOH O    O  N N 182 
HOH H1   H  N N 183 
HOH H2   H  N N 184 
ILE N    N  N N 185 
ILE CA   C  N S 186 
ILE C    C  N N 187 
ILE O    O  N N 188 
ILE CB   C  N S 189 
ILE CG1  C  N N 190 
ILE CG2  C  N N 191 
ILE CD1  C  N N 192 
ILE OXT  O  N N 193 
ILE H    H  N N 194 
ILE H2   H  N N 195 
ILE HA   H  N N 196 
ILE HB   H  N N 197 
ILE HG12 H  N N 198 
ILE HG13 H  N N 199 
ILE HG21 H  N N 200 
ILE HG22 H  N N 201 
ILE HG23 H  N N 202 
ILE HD11 H  N N 203 
ILE HD12 H  N N 204 
ILE HD13 H  N N 205 
ILE HXT  H  N N 206 
LEU N    N  N N 207 
LEU CA   C  N S 208 
LEU C    C  N N 209 
LEU O    O  N N 210 
LEU CB   C  N N 211 
LEU CG   C  N N 212 
LEU CD1  C  N N 213 
LEU CD2  C  N N 214 
LEU OXT  O  N N 215 
LEU H    H  N N 216 
LEU H2   H  N N 217 
LEU HA   H  N N 218 
LEU HB2  H  N N 219 
LEU HB3  H  N N 220 
LEU HG   H  N N 221 
LEU HD11 H  N N 222 
LEU HD12 H  N N 223 
LEU HD13 H  N N 224 
LEU HD21 H  N N 225 
LEU HD22 H  N N 226 
LEU HD23 H  N N 227 
LEU HXT  H  N N 228 
LYS N    N  N N 229 
LYS CA   C  N S 230 
LYS C    C  N N 231 
LYS O    O  N N 232 
LYS CB   C  N N 233 
LYS CG   C  N N 234 
LYS CD   C  N N 235 
LYS CE   C  N N 236 
LYS NZ   N  N N 237 
LYS OXT  O  N N 238 
LYS H    H  N N 239 
LYS H2   H  N N 240 
LYS HA   H  N N 241 
LYS HB2  H  N N 242 
LYS HB3  H  N N 243 
LYS HG2  H  N N 244 
LYS HG3  H  N N 245 
LYS HD2  H  N N 246 
LYS HD3  H  N N 247 
LYS HE2  H  N N 248 
LYS HE3  H  N N 249 
LYS HZ1  H  N N 250 
LYS HZ2  H  N N 251 
LYS HZ3  H  N N 252 
LYS HXT  H  N N 253 
MET N    N  N N 254 
MET CA   C  N S 255 
MET C    C  N N 256 
MET O    O  N N 257 
MET CB   C  N N 258 
MET CG   C  N N 259 
MET SD   S  N N 260 
MET CE   C  N N 261 
MET OXT  O  N N 262 
MET H    H  N N 263 
MET H2   H  N N 264 
MET HA   H  N N 265 
MET HB2  H  N N 266 
MET HB3  H  N N 267 
MET HG2  H  N N 268 
MET HG3  H  N N 269 
MET HE1  H  N N 270 
MET HE2  H  N N 271 
MET HE3  H  N N 272 
MET HXT  H  N N 273 
NAG C1   C  N R 274 
NAG C2   C  N R 275 
NAG C3   C  N R 276 
NAG C4   C  N S 277 
NAG C5   C  N R 278 
NAG C6   C  N N 279 
NAG C7   C  N N 280 
NAG C8   C  N N 281 
NAG N2   N  N N 282 
NAG O1   O  N N 283 
NAG O3   O  N N 284 
NAG O4   O  N N 285 
NAG O5   O  N N 286 
NAG O6   O  N N 287 
NAG O7   O  N N 288 
NAG H1   H  N N 289 
NAG H2   H  N N 290 
NAG H3   H  N N 291 
NAG H4   H  N N 292 
NAG H5   H  N N 293 
NAG H61  H  N N 294 
NAG H62  H  N N 295 
NAG H81  H  N N 296 
NAG H82  H  N N 297 
NAG H83  H  N N 298 
NAG HN2  H  N N 299 
NAG HO1  H  N N 300 
NAG HO3  H  N N 301 
NAG HO4  H  N N 302 
NAG HO6  H  N N 303 
PHE N    N  N N 304 
PHE CA   C  N S 305 
PHE C    C  N N 306 
PHE O    O  N N 307 
PHE CB   C  N N 308 
PHE CG   C  Y N 309 
PHE CD1  C  Y N 310 
PHE CD2  C  Y N 311 
PHE CE1  C  Y N 312 
PHE CE2  C  Y N 313 
PHE CZ   C  Y N 314 
PHE OXT  O  N N 315 
PHE H    H  N N 316 
PHE H2   H  N N 317 
PHE HA   H  N N 318 
PHE HB2  H  N N 319 
PHE HB3  H  N N 320 
PHE HD1  H  N N 321 
PHE HD2  H  N N 322 
PHE HE1  H  N N 323 
PHE HE2  H  N N 324 
PHE HZ   H  N N 325 
PHE HXT  H  N N 326 
PRO N    N  N N 327 
PRO CA   C  N S 328 
PRO C    C  N N 329 
PRO O    O  N N 330 
PRO CB   C  N N 331 
PRO CG   C  N N 332 
PRO CD   C  N N 333 
PRO OXT  O  N N 334 
PRO H    H  N N 335 
PRO HA   H  N N 336 
PRO HB2  H  N N 337 
PRO HB3  H  N N 338 
PRO HG2  H  N N 339 
PRO HG3  H  N N 340 
PRO HD2  H  N N 341 
PRO HD3  H  N N 342 
PRO HXT  H  N N 343 
SER N    N  N N 344 
SER CA   C  N S 345 
SER C    C  N N 346 
SER O    O  N N 347 
SER CB   C  N N 348 
SER OG   O  N N 349 
SER OXT  O  N N 350 
SER H    H  N N 351 
SER H2   H  N N 352 
SER HA   H  N N 353 
SER HB2  H  N N 354 
SER HB3  H  N N 355 
SER HG   H  N N 356 
SER HXT  H  N N 357 
THR N    N  N N 358 
THR CA   C  N S 359 
THR C    C  N N 360 
THR O    O  N N 361 
THR CB   C  N R 362 
THR OG1  O  N N 363 
THR CG2  C  N N 364 
THR OXT  O  N N 365 
THR H    H  N N 366 
THR H2   H  N N 367 
THR HA   H  N N 368 
THR HB   H  N N 369 
THR HG1  H  N N 370 
THR HG21 H  N N 371 
THR HG22 H  N N 372 
THR HG23 H  N N 373 
THR HXT  H  N N 374 
TRP N    N  N N 375 
TRP CA   C  N S 376 
TRP C    C  N N 377 
TRP O    O  N N 378 
TRP CB   C  N N 379 
TRP CG   C  Y N 380 
TRP CD1  C  Y N 381 
TRP CD2  C  Y N 382 
TRP NE1  N  Y N 383 
TRP CE2  C  Y N 384 
TRP CE3  C  Y N 385 
TRP CZ2  C  Y N 386 
TRP CZ3  C  Y N 387 
TRP CH2  C  Y N 388 
TRP OXT  O  N N 389 
TRP H    H  N N 390 
TRP H2   H  N N 391 
TRP HA   H  N N 392 
TRP HB2  H  N N 393 
TRP HB3  H  N N 394 
TRP HD1  H  N N 395 
TRP HE1  H  N N 396 
TRP HE3  H  N N 397 
TRP HZ2  H  N N 398 
TRP HZ3  H  N N 399 
TRP HH2  H  N N 400 
TRP HXT  H  N N 401 
TYR N    N  N N 402 
TYR CA   C  N S 403 
TYR C    C  N N 404 
TYR O    O  N N 405 
TYR CB   C  N N 406 
TYR CG   C  Y N 407 
TYR CD1  C  Y N 408 
TYR CD2  C  Y N 409 
TYR CE1  C  Y N 410 
TYR CE2  C  Y N 411 
TYR CZ   C  Y N 412 
TYR OH   O  N N 413 
TYR OXT  O  N N 414 
TYR H    H  N N 415 
TYR H2   H  N N 416 
TYR HA   H  N N 417 
TYR HB2  H  N N 418 
TYR HB3  H  N N 419 
TYR HD1  H  N N 420 
TYR HD2  H  N N 421 
TYR HE1  H  N N 422 
TYR HE2  H  N N 423 
TYR HH   H  N N 424 
TYR HXT  H  N N 425 
VAL N    N  N N 426 
VAL CA   C  N S 427 
VAL C    C  N N 428 
VAL O    O  N N 429 
VAL CB   C  N N 430 
VAL CG1  C  N N 431 
VAL CG2  C  N N 432 
VAL OXT  O  N N 433 
VAL H    H  N N 434 
VAL H2   H  N N 435 
VAL HA   H  N N 436 
VAL HB   H  N N 437 
VAL HG11 H  N N 438 
VAL HG12 H  N N 439 
VAL HG13 H  N N 440 
VAL HG21 H  N N 441 
VAL HG22 H  N N 442 
VAL HG23 H  N N 443 
VAL HXT  H  N N 444 
# 
loop_
_chem_comp_bond.comp_id 
_chem_comp_bond.atom_id_1 
_chem_comp_bond.atom_id_2 
_chem_comp_bond.value_order 
_chem_comp_bond.pdbx_aromatic_flag 
_chem_comp_bond.pdbx_stereo_config 
_chem_comp_bond.pdbx_ordinal 
ALA N   CA   sing N N 1   
ALA N   H    sing N N 2   
ALA N   H2   sing N N 3   
ALA CA  C    sing N N 4   
ALA CA  CB   sing N N 5   
ALA CA  HA   sing N N 6   
ALA C   O    doub N N 7   
ALA C   OXT  sing N N 8   
ALA CB  HB1  sing N N 9   
ALA CB  HB2  sing N N 10  
ALA CB  HB3  sing N N 11  
ALA OXT HXT  sing N N 12  
ARG N   CA   sing N N 13  
ARG N   H    sing N N 14  
ARG N   H2   sing N N 15  
ARG CA  C    sing N N 16  
ARG CA  CB   sing N N 17  
ARG CA  HA   sing N N 18  
ARG C   O    doub N N 19  
ARG C   OXT  sing N N 20  
ARG CB  CG   sing N N 21  
ARG CB  HB2  sing N N 22  
ARG CB  HB3  sing N N 23  
ARG CG  CD   sing N N 24  
ARG CG  HG2  sing N N 25  
ARG CG  HG3  sing N N 26  
ARG CD  NE   sing N N 27  
ARG CD  HD2  sing N N 28  
ARG CD  HD3  sing N N 29  
ARG NE  CZ   sing N N 30  
ARG NE  HE   sing N N 31  
ARG CZ  NH1  sing N N 32  
ARG CZ  NH2  doub N N 33  
ARG NH1 HH11 sing N N 34  
ARG NH1 HH12 sing N N 35  
ARG NH2 HH21 sing N N 36  
ARG NH2 HH22 sing N N 37  
ARG OXT HXT  sing N N 38  
ASN N   CA   sing N N 39  
ASN N   H    sing N N 40  
ASN N   H2   sing N N 41  
ASN CA  C    sing N N 42  
ASN CA  CB   sing N N 43  
ASN CA  HA   sing N N 44  
ASN C   O    doub N N 45  
ASN C   OXT  sing N N 46  
ASN CB  CG   sing N N 47  
ASN CB  HB2  sing N N 48  
ASN CB  HB3  sing N N 49  
ASN CG  OD1  doub N N 50  
ASN CG  ND2  sing N N 51  
ASN ND2 HD21 sing N N 52  
ASN ND2 HD22 sing N N 53  
ASN OXT HXT  sing N N 54  
ASP N   CA   sing N N 55  
ASP N   H    sing N N 56  
ASP N   H2   sing N N 57  
ASP CA  C    sing N N 58  
ASP CA  CB   sing N N 59  
ASP CA  HA   sing N N 60  
ASP C   O    doub N N 61  
ASP C   OXT  sing N N 62  
ASP CB  CG   sing N N 63  
ASP CB  HB2  sing N N 64  
ASP CB  HB3  sing N N 65  
ASP CG  OD1  doub N N 66  
ASP CG  OD2  sing N N 67  
ASP OD2 HD2  sing N N 68  
ASP OXT HXT  sing N N 69  
CYS N   CA   sing N N 70  
CYS N   H    sing N N 71  
CYS N   H2   sing N N 72  
CYS CA  C    sing N N 73  
CYS CA  CB   sing N N 74  
CYS CA  HA   sing N N 75  
CYS C   O    doub N N 76  
CYS C   OXT  sing N N 77  
CYS CB  SG   sing N N 78  
CYS CB  HB2  sing N N 79  
CYS CB  HB3  sing N N 80  
CYS SG  HG   sing N N 81  
CYS OXT HXT  sing N N 82  
FUC C1  C2   sing N N 83  
FUC C1  O1   sing N N 84  
FUC C1  O5   sing N N 85  
FUC C1  H1   sing N N 86  
FUC C2  C3   sing N N 87  
FUC C2  O2   sing N N 88  
FUC C2  H2   sing N N 89  
FUC C3  C4   sing N N 90  
FUC C3  O3   sing N N 91  
FUC C3  H3   sing N N 92  
FUC C4  C5   sing N N 93  
FUC C4  O4   sing N N 94  
FUC C4  H4   sing N N 95  
FUC C5  C6   sing N N 96  
FUC C5  O5   sing N N 97  
FUC C5  H5   sing N N 98  
FUC C6  H61  sing N N 99  
FUC C6  H62  sing N N 100 
FUC C6  H63  sing N N 101 
FUC O1  HO1  sing N N 102 
FUC O2  HO2  sing N N 103 
FUC O3  HO3  sing N N 104 
FUC O4  HO4  sing N N 105 
GLN N   CA   sing N N 106 
GLN N   H    sing N N 107 
GLN N   H2   sing N N 108 
GLN CA  C    sing N N 109 
GLN CA  CB   sing N N 110 
GLN CA  HA   sing N N 111 
GLN C   O    doub N N 112 
GLN C   OXT  sing N N 113 
GLN CB  CG   sing N N 114 
GLN CB  HB2  sing N N 115 
GLN CB  HB3  sing N N 116 
GLN CG  CD   sing N N 117 
GLN CG  HG2  sing N N 118 
GLN CG  HG3  sing N N 119 
GLN CD  OE1  doub N N 120 
GLN CD  NE2  sing N N 121 
GLN NE2 HE21 sing N N 122 
GLN NE2 HE22 sing N N 123 
GLN OXT HXT  sing N N 124 
GLU N   CA   sing N N 125 
GLU N   H    sing N N 126 
GLU N   H2   sing N N 127 
GLU CA  C    sing N N 128 
GLU CA  CB   sing N N 129 
GLU CA  HA   sing N N 130 
GLU C   O    doub N N 131 
GLU C   OXT  sing N N 132 
GLU CB  CG   sing N N 133 
GLU CB  HB2  sing N N 134 
GLU CB  HB3  sing N N 135 
GLU CG  CD   sing N N 136 
GLU CG  HG2  sing N N 137 
GLU CG  HG3  sing N N 138 
GLU CD  OE1  doub N N 139 
GLU CD  OE2  sing N N 140 
GLU OE2 HE2  sing N N 141 
GLU OXT HXT  sing N N 142 
GLY N   CA   sing N N 143 
GLY N   H    sing N N 144 
GLY N   H2   sing N N 145 
GLY CA  C    sing N N 146 
GLY CA  HA2  sing N N 147 
GLY CA  HA3  sing N N 148 
GLY C   O    doub N N 149 
GLY C   OXT  sing N N 150 
GLY OXT HXT  sing N N 151 
HIS N   CA   sing N N 152 
HIS N   H    sing N N 153 
HIS N   H2   sing N N 154 
HIS CA  C    sing N N 155 
HIS CA  CB   sing N N 156 
HIS CA  HA   sing N N 157 
HIS C   O    doub N N 158 
HIS C   OXT  sing N N 159 
HIS CB  CG   sing N N 160 
HIS CB  HB2  sing N N 161 
HIS CB  HB3  sing N N 162 
HIS CG  ND1  sing Y N 163 
HIS CG  CD2  doub Y N 164 
HIS ND1 CE1  doub Y N 165 
HIS ND1 HD1  sing N N 166 
HIS CD2 NE2  sing Y N 167 
HIS CD2 HD2  sing N N 168 
HIS CE1 NE2  sing Y N 169 
HIS CE1 HE1  sing N N 170 
HIS NE2 HE2  sing N N 171 
HIS OXT HXT  sing N N 172 
HOH O   H1   sing N N 173 
HOH O   H2   sing N N 174 
ILE N   CA   sing N N 175 
ILE N   H    sing N N 176 
ILE N   H2   sing N N 177 
ILE CA  C    sing N N 178 
ILE CA  CB   sing N N 179 
ILE CA  HA   sing N N 180 
ILE C   O    doub N N 181 
ILE C   OXT  sing N N 182 
ILE CB  CG1  sing N N 183 
ILE CB  CG2  sing N N 184 
ILE CB  HB   sing N N 185 
ILE CG1 CD1  sing N N 186 
ILE CG1 HG12 sing N N 187 
ILE CG1 HG13 sing N N 188 
ILE CG2 HG21 sing N N 189 
ILE CG2 HG22 sing N N 190 
ILE CG2 HG23 sing N N 191 
ILE CD1 HD11 sing N N 192 
ILE CD1 HD12 sing N N 193 
ILE CD1 HD13 sing N N 194 
ILE OXT HXT  sing N N 195 
LEU N   CA   sing N N 196 
LEU N   H    sing N N 197 
LEU N   H2   sing N N 198 
LEU CA  C    sing N N 199 
LEU CA  CB   sing N N 200 
LEU CA  HA   sing N N 201 
LEU C   O    doub N N 202 
LEU C   OXT  sing N N 203 
LEU CB  CG   sing N N 204 
LEU CB  HB2  sing N N 205 
LEU CB  HB3  sing N N 206 
LEU CG  CD1  sing N N 207 
LEU CG  CD2  sing N N 208 
LEU CG  HG   sing N N 209 
LEU CD1 HD11 sing N N 210 
LEU CD1 HD12 sing N N 211 
LEU CD1 HD13 sing N N 212 
LEU CD2 HD21 sing N N 213 
LEU CD2 HD22 sing N N 214 
LEU CD2 HD23 sing N N 215 
LEU OXT HXT  sing N N 216 
LYS N   CA   sing N N 217 
LYS N   H    sing N N 218 
LYS N   H2   sing N N 219 
LYS CA  C    sing N N 220 
LYS CA  CB   sing N N 221 
LYS CA  HA   sing N N 222 
LYS C   O    doub N N 223 
LYS C   OXT  sing N N 224 
LYS CB  CG   sing N N 225 
LYS CB  HB2  sing N N 226 
LYS CB  HB3  sing N N 227 
LYS CG  CD   sing N N 228 
LYS CG  HG2  sing N N 229 
LYS CG  HG3  sing N N 230 
LYS CD  CE   sing N N 231 
LYS CD  HD2  sing N N 232 
LYS CD  HD3  sing N N 233 
LYS CE  NZ   sing N N 234 
LYS CE  HE2  sing N N 235 
LYS CE  HE3  sing N N 236 
LYS NZ  HZ1  sing N N 237 
LYS NZ  HZ2  sing N N 238 
LYS NZ  HZ3  sing N N 239 
LYS OXT HXT  sing N N 240 
MET N   CA   sing N N 241 
MET N   H    sing N N 242 
MET N   H2   sing N N 243 
MET CA  C    sing N N 244 
MET CA  CB   sing N N 245 
MET CA  HA   sing N N 246 
MET C   O    doub N N 247 
MET C   OXT  sing N N 248 
MET CB  CG   sing N N 249 
MET CB  HB2  sing N N 250 
MET CB  HB3  sing N N 251 
MET CG  SD   sing N N 252 
MET CG  HG2  sing N N 253 
MET CG  HG3  sing N N 254 
MET SD  CE   sing N N 255 
MET CE  HE1  sing N N 256 
MET CE  HE2  sing N N 257 
MET CE  HE3  sing N N 258 
MET OXT HXT  sing N N 259 
NAG C1  C2   sing N N 260 
NAG C1  O1   sing N N 261 
NAG C1  O5   sing N N 262 
NAG C1  H1   sing N N 263 
NAG C2  C3   sing N N 264 
NAG C2  N2   sing N N 265 
NAG C2  H2   sing N N 266 
NAG C3  C4   sing N N 267 
NAG C3  O3   sing N N 268 
NAG C3  H3   sing N N 269 
NAG C4  C5   sing N N 270 
NAG C4  O4   sing N N 271 
NAG C4  H4   sing N N 272 
NAG C5  C6   sing N N 273 
NAG C5  O5   sing N N 274 
NAG C5  H5   sing N N 275 
NAG C6  O6   sing N N 276 
NAG C6  H61  sing N N 277 
NAG C6  H62  sing N N 278 
NAG C7  C8   sing N N 279 
NAG C7  N2   sing N N 280 
NAG C7  O7   doub N N 281 
NAG C8  H81  sing N N 282 
NAG C8  H82  sing N N 283 
NAG C8  H83  sing N N 284 
NAG N2  HN2  sing N N 285 
NAG O1  HO1  sing N N 286 
NAG O3  HO3  sing N N 287 
NAG O4  HO4  sing N N 288 
NAG O6  HO6  sing N N 289 
PHE N   CA   sing N N 290 
PHE N   H    sing N N 291 
PHE N   H2   sing N N 292 
PHE CA  C    sing N N 293 
PHE CA  CB   sing N N 294 
PHE CA  HA   sing N N 295 
PHE C   O    doub N N 296 
PHE C   OXT  sing N N 297 
PHE CB  CG   sing N N 298 
PHE CB  HB2  sing N N 299 
PHE CB  HB3  sing N N 300 
PHE CG  CD1  doub Y N 301 
PHE CG  CD2  sing Y N 302 
PHE CD1 CE1  sing Y N 303 
PHE CD1 HD1  sing N N 304 
PHE CD2 CE2  doub Y N 305 
PHE CD2 HD2  sing N N 306 
PHE CE1 CZ   doub Y N 307 
PHE CE1 HE1  sing N N 308 
PHE CE2 CZ   sing Y N 309 
PHE CE2 HE2  sing N N 310 
PHE CZ  HZ   sing N N 311 
PHE OXT HXT  sing N N 312 
PRO N   CA   sing N N 313 
PRO N   CD   sing N N 314 
PRO N   H    sing N N 315 
PRO CA  C    sing N N 316 
PRO CA  CB   sing N N 317 
PRO CA  HA   sing N N 318 
PRO C   O    doub N N 319 
PRO C   OXT  sing N N 320 
PRO CB  CG   sing N N 321 
PRO CB  HB2  sing N N 322 
PRO CB  HB3  sing N N 323 
PRO CG  CD   sing N N 324 
PRO CG  HG2  sing N N 325 
PRO CG  HG3  sing N N 326 
PRO CD  HD2  sing N N 327 
PRO CD  HD3  sing N N 328 
PRO OXT HXT  sing N N 329 
SER N   CA   sing N N 330 
SER N   H    sing N N 331 
SER N   H2   sing N N 332 
SER CA  C    sing N N 333 
SER CA  CB   sing N N 334 
SER CA  HA   sing N N 335 
SER C   O    doub N N 336 
SER C   OXT  sing N N 337 
SER CB  OG   sing N N 338 
SER CB  HB2  sing N N 339 
SER CB  HB3  sing N N 340 
SER OG  HG   sing N N 341 
SER OXT HXT  sing N N 342 
THR N   CA   sing N N 343 
THR N   H    sing N N 344 
THR N   H2   sing N N 345 
THR CA  C    sing N N 346 
THR CA  CB   sing N N 347 
THR CA  HA   sing N N 348 
THR C   O    doub N N 349 
THR C   OXT  sing N N 350 
THR CB  OG1  sing N N 351 
THR CB  CG2  sing N N 352 
THR CB  HB   sing N N 353 
THR OG1 HG1  sing N N 354 
THR CG2 HG21 sing N N 355 
THR CG2 HG22 sing N N 356 
THR CG2 HG23 sing N N 357 
THR OXT HXT  sing N N 358 
TRP N   CA   sing N N 359 
TRP N   H    sing N N 360 
TRP N   H2   sing N N 361 
TRP CA  C    sing N N 362 
TRP CA  CB   sing N N 363 
TRP CA  HA   sing N N 364 
TRP C   O    doub N N 365 
TRP C   OXT  sing N N 366 
TRP CB  CG   sing N N 367 
TRP CB  HB2  sing N N 368 
TRP CB  HB3  sing N N 369 
TRP CG  CD1  doub Y N 370 
TRP CG  CD2  sing Y N 371 
TRP CD1 NE1  sing Y N 372 
TRP CD1 HD1  sing N N 373 
TRP CD2 CE2  doub Y N 374 
TRP CD2 CE3  sing Y N 375 
TRP NE1 CE2  sing Y N 376 
TRP NE1 HE1  sing N N 377 
TRP CE2 CZ2  sing Y N 378 
TRP CE3 CZ3  doub Y N 379 
TRP CE3 HE3  sing N N 380 
TRP CZ2 CH2  doub Y N 381 
TRP CZ2 HZ2  sing N N 382 
TRP CZ3 CH2  sing Y N 383 
TRP CZ3 HZ3  sing N N 384 
TRP CH2 HH2  sing N N 385 
TRP OXT HXT  sing N N 386 
TYR N   CA   sing N N 387 
TYR N   H    sing N N 388 
TYR N   H2   sing N N 389 
TYR CA  C    sing N N 390 
TYR CA  CB   sing N N 391 
TYR CA  HA   sing N N 392 
TYR C   O    doub N N 393 
TYR C   OXT  sing N N 394 
TYR CB  CG   sing N N 395 
TYR CB  HB2  sing N N 396 
TYR CB  HB3  sing N N 397 
TYR CG  CD1  doub Y N 398 
TYR CG  CD2  sing Y N 399 
TYR CD1 CE1  sing Y N 400 
TYR CD1 HD1  sing N N 401 
TYR CD2 CE2  doub Y N 402 
TYR CD2 HD2  sing N N 403 
TYR CE1 CZ   doub Y N 404 
TYR CE1 HE1  sing N N 405 
TYR CE2 CZ   sing Y N 406 
TYR CE2 HE2  sing N N 407 
TYR CZ  OH   sing N N 408 
TYR OH  HH   sing N N 409 
TYR OXT HXT  sing N N 410 
VAL N   CA   sing N N 411 
VAL N   H    sing N N 412 
VAL N   H2   sing N N 413 
VAL CA  C    sing N N 414 
VAL CA  CB   sing N N 415 
VAL CA  HA   sing N N 416 
VAL C   O    doub N N 417 
VAL C   OXT  sing N N 418 
VAL CB  CG1  sing N N 419 
VAL CB  CG2  sing N N 420 
VAL CB  HB   sing N N 421 
VAL CG1 HG11 sing N N 422 
VAL CG1 HG12 sing N N 423 
VAL CG1 HG13 sing N N 424 
VAL CG2 HG21 sing N N 425 
VAL CG2 HG22 sing N N 426 
VAL CG2 HG23 sing N N 427 
VAL OXT HXT  sing N N 428 
# 
loop_
_pdbx_entity_branch_list.entity_id 
_pdbx_entity_branch_list.comp_id 
_pdbx_entity_branch_list.num 
_pdbx_entity_branch_list.hetero 
2 FUC 1 n 
2 NAG 2 n 
# 
_pdbx_initial_refinement_model.id               1 
_pdbx_initial_refinement_model.entity_id_list   ? 
_pdbx_initial_refinement_model.type             'experimental model' 
_pdbx_initial_refinement_model.source_name      PDB 
_pdbx_initial_refinement_model.accession_code   2VJ3 
_pdbx_initial_refinement_model.details          'PDB ENTRY 2VJ3' 
# 
_atom_sites.entry_id                    4D0E 
_atom_sites.fract_transf_matrix[1][1]   0.02058399 
_atom_sites.fract_transf_matrix[1][2]   0.00645971 
_atom_sites.fract_transf_matrix[1][3]   -0.03439576 
_atom_sites.fract_transf_matrix[2][1]   -0.01105881 
_atom_sites.fract_transf_matrix[2][2]   0.03007440 
_atom_sites.fract_transf_matrix[2][3]   -0.02493340 
_atom_sites.fract_transf_matrix[3][1]   0.00216628 
_atom_sites.fract_transf_matrix[3][2]   0.00221647 
_atom_sites.fract_transf_matrix[3][3]   0.00171266 
_atom_sites.fract_transf_vector[1]      0.476759 
_atom_sites.fract_transf_vector[2]      -0.275564 
_atom_sites.fract_transf_vector[3]      0.085477 
# 
loop_
_atom_type.symbol 
C  
CA 
N  
O  
S  
# 
loop_
_atom_site.group_PDB 
_atom_site.id 
_atom_site.type_symbol 
_atom_site.label_atom_id 
_atom_site.label_alt_id 
_atom_site.label_comp_id 
_atom_site.label_asym_id 
_atom_site.label_entity_id 
_atom_site.label_seq_id 
_atom_site.pdbx_PDB_ins_code 
_atom_site.Cartn_x 
_atom_site.Cartn_y 
_atom_site.Cartn_z 
_atom_site.occupancy 
_atom_site.B_iso_or_equiv 
_atom_site.pdbx_formal_charge 
_atom_site.auth_seq_id 
_atom_site.auth_comp_id 
_atom_site.auth_asym_id 
_atom_site.auth_atom_id 
_atom_site.pdbx_PDB_model_num 
ATOM   1    N  N   . ASP A 1 4   ? 25.957  31.678  26.874  1.00 34.15  ? 412  ASP A N   1 
ATOM   2    C  CA  . ASP A 1 4   ? 25.298  30.539  26.172  1.00 32.82  ? 412  ASP A CA  1 
ATOM   3    C  C   . ASP A 1 4   ? 26.278  29.430  25.813  1.00 32.70  ? 412  ASP A C   1 
ATOM   4    O  O   . ASP A 1 4   ? 27.374  29.695  25.313  1.00 34.41  ? 412  ASP A O   1 
ATOM   5    C  CB  . ASP A 1 4   ? 24.620  31.013  24.882  1.00 32.23  ? 412  ASP A CB  1 
ATOM   6    C  CG  . ASP A 1 4   ? 23.946  29.876  24.135  1.00 31.81  ? 412  ASP A CG  1 
ATOM   7    O  OD1 . ASP A 1 4   ? 23.059  29.224  24.729  1.00 31.13  ? 412  ASP A OD1 1 
ATOM   8    O  OD2 . ASP A 1 4   ? 24.307  29.612  22.966  1.00 30.93  ? 412  ASP A OD2 1 
ATOM   9    N  N   . VAL A 1 5   ? 25.863  28.193  26.058  1.00 31.58  ? 413  VAL A N   1 
ATOM   10   C  CA  . VAL A 1 5   ? 26.553  27.028  25.537  1.00 29.75  ? 413  VAL A CA  1 
ATOM   11   C  C   . VAL A 1 5   ? 25.964  26.681  24.169  1.00 28.67  ? 413  VAL A C   1 
ATOM   12   O  O   . VAL A 1 5   ? 24.745  26.682  23.990  1.00 28.94  ? 413  VAL A O   1 
ATOM   13   C  CB  . VAL A 1 5   ? 26.434  25.826  26.502  1.00 31.61  ? 413  VAL A CB  1 
ATOM   14   C  CG1 . VAL A 1 5   ? 26.942  24.546  25.851  1.00 31.54  ? 413  VAL A CG1 1 
ATOM   15   C  CG2 . VAL A 1 5   ? 27.198  26.106  27.792  1.00 32.37  ? 413  VAL A CG2 1 
ATOM   16   N  N   . ASP A 1 6   ? 26.823  26.415  23.193  1.00 25.82  ? 414  ASP A N   1 
ATOM   17   C  CA  . ASP A 1 6   ? 26.355  25.892  21.930  1.00 24.83  ? 414  ASP A CA  1 
ATOM   18   C  C   . ASP A 1 6   ? 26.252  24.368  22.019  1.00 24.88  ? 414  ASP A C   1 
ATOM   19   O  O   . ASP A 1 6   ? 27.244  23.655  21.824  1.00 24.69  ? 414  ASP A O   1 
ATOM   20   C  CB  . ASP A 1 6   ? 27.281  26.314  20.781  1.00 24.62  ? 414  ASP A CB  1 
ATOM   21   C  CG  . ASP A 1 6   ? 26.772  25.862  19.423  1.00 24.70  ? 414  ASP A CG  1 
ATOM   22   O  OD1 . ASP A 1 6   ? 25.795  25.077  19.352  1.00 23.48  ? 414  ASP A OD1 1 
ATOM   23   O  OD2 . ASP A 1 6   ? 27.370  26.276  18.410  1.00 26.62  ? 414  ASP A OD2 1 
ATOM   24   N  N   . GLU A 1 7   ? 25.046  23.874  22.301  1.00 23.85  ? 415  GLU A N   1 
ATOM   25   C  CA  . GLU A 1 7   ? 24.809  22.436  22.387  1.00 23.29  ? 415  GLU A CA  1 
ATOM   26   C  C   . GLU A 1 7   ? 25.056  21.694  21.073  1.00 23.13  ? 415  GLU A C   1 
ATOM   27   O  O   . GLU A 1 7   ? 25.196  20.475  21.074  1.00 25.20  ? 415  GLU A O   1 
ATOM   28   C  CB  . GLU A 1 7   ? 23.403  22.119  22.912  1.00 23.83  ? 415  GLU A CB  1 
ATOM   29   C  CG  . GLU A 1 7   ? 23.150  22.535  24.349  1.00 23.66  ? 415  GLU A CG  1 
ATOM   30   C  CD  . GLU A 1 7   ? 22.607  23.952  24.494  1.00 24.22  ? 415  GLU A CD  1 
ATOM   31   O  OE1 . GLU A 1 7   ? 22.706  24.767  23.551  1.00 22.43  ? 415  GLU A OE1 1 
ATOM   32   O  OE2 . GLU A 1 7   ? 22.081  24.260  25.577  1.00 25.63  ? 415  GLU A OE2 1 
ATOM   33   N  N   . CYS A 1 8   ? 25.117  22.416  19.954  1.00 21.78  ? 416  CYS A N   1 
ATOM   34   C  CA  . CYS A 1 8   ? 25.380  21.781  18.659  1.00 23.29  ? 416  CYS A CA  1 
ATOM   35   C  C   . CYS A 1 8   ? 26.865  21.645  18.337  1.00 24.16  ? 416  CYS A C   1 
ATOM   36   O  O   . CYS A 1 8   ? 27.221  21.075  17.302  1.00 25.59  ? 416  CYS A O   1 
ATOM   37   C  CB  . CYS A 1 8   ? 24.687  22.520  17.521  1.00 22.69  ? 416  CYS A CB  1 
ATOM   38   S  SG  . CYS A 1 8   ? 22.953  22.831  17.871  1.00 22.12  ? 416  CYS A SG  1 
ATOM   39   N  N   . SER A 1 9   ? 27.713  22.188  19.202  1.00 25.00  ? 417  SER A N   1 
ATOM   40   C  CA  . SER A 1 9   ? 29.158  22.100  19.020  1.00 28.54  ? 417  SER A CA  1 
ATOM   41   C  C   . SER A 1 9   ? 29.787  21.498  20.265  1.00 28.44  ? 417  SER A C   1 
ATOM   42   O  O   . SER A 1 9   ? 30.782  22.018  20.788  1.00 30.05  ? 417  SER A O   1 
ATOM   43   C  CB  . SER A 1 9   ? 29.761  23.474  18.734  1.00 30.00  ? 417  SER A CB  1 
ATOM   44   O  OG  . SER A 1 9   ? 29.174  24.057  17.589  1.00 34.86  ? 417  SER A OG  1 
ATOM   45   N  N   . LEU A 1 10  ? 29.176  20.429  20.763  1.00 26.42  ? 418  LEU A N   1 
ATOM   46   C  CA  . LEU A 1 10  ? 29.775  19.644  21.827  1.00 26.24  ? 418  LEU A CA  1 
ATOM   47   C  C   . LEU A 1 10  ? 30.243  18.322  21.203  1.00 26.24  ? 418  LEU A C   1 
ATOM   48   O  O   . LEU A 1 10  ? 30.322  18.209  19.975  1.00 28.61  ? 418  LEU A O   1 
ATOM   49   C  CB  . LEU A 1 10  ? 28.795  19.433  22.983  1.00 26.95  ? 418  LEU A CB  1 
ATOM   50   C  CG  . LEU A 1 10  ? 28.130  20.662  23.643  1.00 27.35  ? 418  LEU A CG  1 
ATOM   51   C  CD1 . LEU A 1 10  ? 27.060  20.209  24.624  1.00 28.26  ? 418  LEU A CD1 1 
ATOM   52   C  CD2 . LEU A 1 10  ? 29.118  21.604  24.328  1.00 26.64  ? 418  LEU A CD2 1 
ATOM   53   N  N   . GLY A 1 11  ? 30.552  17.332  22.030  1.00 25.14  ? 419  GLY A N   1 
ATOM   54   C  CA  . GLY A 1 11  ? 31.083  16.065  21.532  1.00 23.45  ? 419  GLY A CA  1 
ATOM   55   C  C   . GLY A 1 11  ? 30.158  15.259  20.641  1.00 22.42  ? 419  GLY A C   1 
ATOM   56   O  O   . GLY A 1 11  ? 30.598  14.665  19.669  1.00 22.05  ? 419  GLY A O   1 
ATOM   57   N  N   . ALA A 1 12  ? 28.871  15.247  20.964  1.00 22.01  ? 420  ALA A N   1 
ATOM   58   C  CA  . ALA A 1 12  ? 27.904  14.440  20.227  1.00 20.92  ? 420  ALA A CA  1 
ATOM   59   C  C   . ALA A 1 12  ? 26.784  15.357  19.763  1.00 21.65  ? 420  ALA A C   1 
ATOM   60   O  O   . ALA A 1 12  ? 26.465  16.325  20.452  1.00 21.80  ? 420  ALA A O   1 
ATOM   61   C  CB  . ALA A 1 12  ? 27.339  13.352  21.128  1.00 21.71  ? 420  ALA A CB  1 
ATOM   62   N  N   . ASN A 1 13  ? 26.204  15.048  18.604  1.00 21.04  ? 421  ASN A N   1 
ATOM   63   C  CA  . ASN A 1 13  ? 24.978  15.716  18.151  1.00 21.60  ? 421  ASN A CA  1 
ATOM   64   C  C   . ASN A 1 13  ? 23.835  15.340  19.104  1.00 20.87  ? 421  ASN A C   1 
ATOM   65   O  O   . ASN A 1 13  ? 23.488  14.165  19.217  1.00 21.26  ? 421  ASN A O   1 
ATOM   66   C  CB  . ASN A 1 13  ? 24.662  15.299  16.703  1.00 22.45  ? 421  ASN A CB  1 
ATOM   67   C  CG  . ASN A 1 13  ? 23.433  15.995  16.128  1.00 24.32  ? 421  ASN A CG  1 
ATOM   68   O  OD1 . ASN A 1 13  ? 22.789  16.793  16.800  1.00 21.96  ? 421  ASN A OD1 1 
ATOM   69   N  ND2 . ASN A 1 13  ? 23.098  15.672  14.874  1.00 24.85  ? 421  ASN A ND2 1 
ATOM   70   N  N   . PRO A 1 14  ? 23.228  16.336  19.790  1.00 21.00  ? 422  PRO A N   1 
ATOM   71   C  CA  . PRO A 1 14  ? 22.113  15.987  20.679  1.00 20.41  ? 422  PRO A CA  1 
ATOM   72   C  C   . PRO A 1 14  ? 20.849  15.554  19.916  1.00 20.83  ? 422  PRO A C   1 
ATOM   73   O  O   . PRO A 1 14  ? 19.935  15.002  20.516  1.00 22.39  ? 422  PRO A O   1 
ATOM   74   C  CB  . PRO A 1 14  ? 21.855  17.289  21.443  1.00 21.07  ? 422  PRO A CB  1 
ATOM   75   C  CG  . PRO A 1 14  ? 22.290  18.355  20.504  1.00 19.81  ? 422  PRO A CG  1 
ATOM   76   C  CD  . PRO A 1 14  ? 23.471  17.791  19.752  1.00 20.30  ? 422  PRO A CD  1 
ATOM   77   N  N   . CYS A 1 15  ? 20.797  15.805  18.610  1.00 20.27  ? 423  CYS A N   1 
ATOM   78   C  CA  . CYS A 1 15  ? 19.665  15.362  17.800  1.00 21.24  ? 423  CYS A CA  1 
ATOM   79   C  C   . CYS A 1 15  ? 19.924  13.959  17.269  1.00 22.24  ? 423  CYS A C   1 
ATOM   80   O  O   . CYS A 1 15  ? 20.979  13.703  16.686  1.00 22.82  ? 423  CYS A O   1 
ATOM   81   C  CB  . CYS A 1 15  ? 19.416  16.342  16.655  1.00 21.03  ? 423  CYS A CB  1 
ATOM   82   S  SG  . CYS A 1 15  ? 19.285  18.050  17.216  1.00 20.47  ? 423  CYS A SG  1 
ATOM   83   N  N   . GLU A 1 16  ? 18.972  13.062  17.510  1.00 22.37  ? 424  GLU A N   1 
ATOM   84   C  CA  . GLU A 1 16  ? 19.048  11.677  17.046  1.00 23.96  ? 424  GLU A CA  1 
ATOM   85   C  C   . GLU A 1 16  ? 18.689  11.548  15.575  1.00 23.63  ? 424  GLU A C   1 
ATOM   86   O  O   . GLU A 1 16  ? 18.122  12.475  14.957  1.00 21.18  ? 424  GLU A O   1 
ATOM   87   C  CB  . GLU A 1 16  ? 18.113  10.781  17.870  1.00 26.94  ? 424  GLU A CB  1 
ATOM   88   C  CG  . GLU A 1 16  ? 18.208  10.983  19.371  1.00 30.85  ? 424  GLU A CG  1 
ATOM   89   C  CD  . GLU A 1 16  ? 18.887  9.835   20.080  1.00 35.73  ? 424  GLU A CD  1 
ATOM   90   O  OE1 . GLU A 1 16  ? 18.479  8.673   19.850  1.00 39.49  ? 424  GLU A OE1 1 
ATOM   91   O  OE2 . GLU A 1 16  ? 19.809  10.097  20.888  1.00 38.83  ? 424  GLU A OE2 1 
ATOM   92   N  N   . HIS A 1 17  ? 19.023  10.388  15.010  1.00 24.03  ? 425  HIS A N   1 
ATOM   93   C  CA  . HIS A 1 17  ? 18.620  10.021  13.658  1.00 23.81  ? 425  HIS A CA  1 
ATOM   94   C  C   . HIS A 1 17  ? 19.011  11.062  12.646  1.00 23.23  ? 425  HIS A C   1 
ATOM   95   O  O   . HIS A 1 17  ? 18.240  11.377  11.743  1.00 23.36  ? 425  HIS A O   1 
ATOM   96   C  CB  . HIS A 1 17  ? 17.118  9.699   13.613  1.00 24.43  ? 425  HIS A CB  1 
ATOM   97   C  CG  . HIS A 1 17  ? 16.714  8.550   14.516  1.00 25.64  ? 425  HIS A CG  1 
ATOM   98   N  ND1 . HIS A 1 17  ? 17.180  7.287   14.346  1.00 26.36  ? 425  HIS A ND1 1 
ATOM   99   C  CD2 . HIS A 1 17  ? 15.861  8.505   15.612  1.00 25.15  ? 425  HIS A CD2 1 
ATOM   100  C  CE1 . HIS A 1 17  ? 16.654  6.487   15.283  1.00 26.06  ? 425  HIS A CE1 1 
ATOM   101  N  NE2 . HIS A 1 17  ? 15.844  7.229   16.058  1.00 26.45  ? 425  HIS A NE2 1 
ATOM   102  N  N   . ALA A 1 18  ? 20.229  11.592  12.809  1.00 22.83  ? 426  ALA A N   1 
ATOM   103  C  CA  . ALA A 1 18  ? 20.849  12.543  11.896  1.00 22.83  ? 426  ALA A CA  1 
ATOM   104  C  C   . ALA A 1 18  ? 20.062  13.850  11.720  1.00 22.79  ? 426  ALA A C   1 
ATOM   105  O  O   . ALA A 1 18  ? 20.218  14.538  10.713  1.00 23.84  ? 426  ALA A O   1 
ATOM   106  C  CB  . ALA A 1 18  ? 21.146  11.886  10.547  1.00 23.07  ? 426  ALA A CB  1 
ATOM   107  N  N   . GLY A 1 19  ? 19.234  14.196  12.704  1.00 22.67  ? 427  GLY A N   1 
ATOM   108  C  CA  . GLY A 1 19  ? 18.573  15.513  12.718  1.00 21.69  ? 427  GLY A CA  1 
ATOM   109  C  C   . GLY A 1 19  ? 19.575  16.658  12.789  1.00 22.16  ? 427  GLY A C   1 
ATOM   110  O  O   . GLY A 1 19  ? 20.685  16.489  13.299  1.00 22.64  ? 427  GLY A O   1 
ATOM   111  N  N   . LYS A 1 20  ? 19.187  17.826  12.274  1.00 22.25  ? 428  LYS A N   1 
ATOM   112  C  CA  . LYS A 1 20  ? 20.056  19.008  12.286  1.00 22.15  ? 428  LYS A CA  1 
ATOM   113  C  C   . LYS A 1 20  ? 19.926  19.750  13.617  1.00 21.79  ? 428  LYS A C   1 
ATOM   114  O  O   . LYS A 1 20  ? 18.825  20.155  14.012  1.00 20.24  ? 428  LYS A O   1 
ATOM   115  C  CB  . LYS A 1 20  ? 19.734  19.938  11.108  1.00 24.55  ? 428  LYS A CB  1 
ATOM   116  C  CG  . LYS A 1 20  ? 20.678  21.133  10.968  1.00 26.53  ? 428  LYS A CG  1 
ATOM   117  C  CD  . LYS A 1 20  ? 20.511  21.844  9.633   1.00 28.76  ? 428  LYS A CD  1 
ATOM   118  C  CE  . LYS A 1 20  ? 19.485  22.968  9.692   1.00 30.51  ? 428  LYS A CE  1 
ATOM   119  N  NZ  . LYS A 1 20  ? 19.148  23.519  8.339   1.00 33.67  ? 428  LYS A NZ  1 
ATOM   120  N  N   . CYS A 1 21  ? 21.048  19.913  14.313  1.00 20.93  ? 429  CYS A N   1 
ATOM   121  C  CA  . CYS A 1 21  ? 21.058  20.692  15.547  1.00 21.52  ? 429  CYS A CA  1 
ATOM   122  C  C   . CYS A 1 21  ? 21.167  22.182  15.243  1.00 21.60  ? 429  CYS A C   1 
ATOM   123  O  O   . CYS A 1 21  ? 22.029  22.600  14.474  1.00 22.70  ? 429  CYS A O   1 
ATOM   124  C  CB  . CYS A 1 21  ? 22.204  20.250  16.465  1.00 22.07  ? 429  CYS A CB  1 
ATOM   125  S  SG  . CYS A 1 21  ? 22.155  20.970  18.125  1.00 21.70  ? 429  CYS A SG  1 
ATOM   126  N  N   . ILE A 1 22  ? 20.282  22.974  15.849  1.00 22.17  ? 430  ILE A N   1 
ATOM   127  C  CA  . ILE A 1 22  ? 20.269  24.429  15.682  1.00 22.22  ? 430  ILE A CA  1 
ATOM   128  C  C   . ILE A 1 22  ? 20.404  25.104  17.058  1.00 22.00  ? 430  ILE A C   1 
ATOM   129  O  O   . ILE A 1 22  ? 19.588  24.883  17.961  1.00 19.98  ? 430  ILE A O   1 
ATOM   130  C  CB  . ILE A 1 22  ? 18.991  24.874  14.936  1.00 23.92  ? 430  ILE A CB  1 
ATOM   131  C  CG1 . ILE A 1 22  ? 19.046  24.424  13.469  1.00 25.36  ? 430  ILE A CG1 1 
ATOM   132  C  CG2 . ILE A 1 22  ? 18.787  26.389  15.033  1.00 24.50  ? 430  ILE A CG2 1 
ATOM   133  C  CD1 . ILE A 1 22  ? 17.705  24.389  12.765  1.00 27.01  ? 430  ILE A CD1 1 
ATOM   134  N  N   . ASN A 1 23  ? 21.449  25.912  17.230  1.00 20.68  ? 431  ASN A N   1 
ATOM   135  C  CA  . ASN A 1 23  ? 21.702  26.519  18.531  1.00 21.05  ? 431  ASN A CA  1 
ATOM   136  C  C   . ASN A 1 23  ? 20.745  27.683  18.797  1.00 21.21  ? 431  ASN A C   1 
ATOM   137  O  O   . ASN A 1 23  ? 20.420  28.442  17.887  1.00 22.21  ? 431  ASN A O   1 
ATOM   138  C  CB  . ASN A 1 23  ? 23.158  26.975  18.671  1.00 21.91  ? 431  ASN A CB  1 
ATOM   139  C  CG  . ASN A 1 23  ? 23.503  27.402  20.092  1.00 21.26  ? 431  ASN A CG  1 
ATOM   140  O  OD1 . ASN A 1 23  ? 23.047  26.805  21.077  1.00 21.42  ? 431  ASN A OD1 1 
ATOM   141  N  ND2 . ASN A 1 23  ? 24.314  28.442  20.207  1.00 22.76  ? 431  ASN A ND2 1 
ATOM   142  N  N   . THR A 1 24  ? 20.261  27.779  20.032  1.00 22.35  ? 432  THR A N   1 
ATOM   143  C  CA  . THR A 1 24  ? 19.563  28.992  20.500  1.00 23.21  ? 432  THR A CA  1 
ATOM   144  C  C   . THR A 1 24  ? 20.219  29.512  21.781  1.00 24.66  ? 432  THR A C   1 
ATOM   145  O  O   . THR A 1 24  ? 20.979  28.798  22.448  1.00 24.18  ? 432  THR A O   1 
ATOM   146  C  CB  . THR A 1 24  ? 18.046  28.776  20.751  1.00 22.86  ? 432  THR A CB  1 
ATOM   147  O  OG1 . THR A 1 24  ? 17.840  28.053  21.976  1.00 23.85  ? 432  THR A OG1 1 
ATOM   148  C  CG2 . THR A 1 24  ? 17.364  28.061  19.588  1.00 22.67  ? 432  THR A CG2 1 
ATOM   149  N  N   . LEU A 1 25  ? 19.926  30.756  22.139  1.00 26.92  ? 433  LEU A N   1 
ATOM   150  C  CA  . LEU A 1 25  ? 20.474  31.321  23.366  1.00 27.67  ? 433  LEU A CA  1 
ATOM   151  C  C   . LEU A 1 25  ? 19.746  30.729  24.568  1.00 27.52  ? 433  LEU A C   1 
ATOM   152  O  O   . LEU A 1 25  ? 18.561  30.988  24.776  1.00 30.05  ? 433  LEU A O   1 
ATOM   153  C  CB  . LEU A 1 25  ? 20.366  32.853  23.344  1.00 29.77  ? 433  LEU A CB  1 
ATOM   154  C  CG  . LEU A 1 25  ? 21.018  33.536  22.133  1.00 31.78  ? 433  LEU A CG  1 
ATOM   155  C  CD1 . LEU A 1 25  ? 20.500  34.955  21.951  1.00 32.86  ? 433  LEU A CD1 1 
ATOM   156  C  CD2 . LEU A 1 25  ? 22.541  33.503  22.225  1.00 32.33  ? 433  LEU A CD2 1 
ATOM   157  N  N   . GLY A 1 26  ? 20.444  29.914  25.349  1.00 26.71  ? 434  GLY A N   1 
ATOM   158  C  CA  . GLY A 1 26  ? 19.828  29.278  26.516  1.00 27.13  ? 434  GLY A CA  1 
ATOM   159  C  C   . GLY A 1 26  ? 19.319  27.870  26.280  1.00 26.28  ? 434  GLY A C   1 
ATOM   160  O  O   . GLY A 1 26  ? 19.089  27.131  27.240  1.00 28.34  ? 434  GLY A O   1 
ATOM   161  N  N   . SER A 1 27  ? 19.150  27.486  25.013  1.00 25.40  ? 435  SER A N   1 
ATOM   162  C  CA  . SER A 1 27  ? 18.789  26.107  24.667  1.00 24.59  ? 435  SER A CA  1 
ATOM   163  C  C   . SER A 1 27  ? 19.301  25.727  23.264  1.00 22.52  ? 435  SER A C   1 
ATOM   164  O  O   . SER A 1 27  ? 20.316  26.257  22.790  1.00 23.01  ? 435  SER A O   1 
ATOM   165  C  CB  . SER A 1 27  ? 17.266  25.902  24.785  1.00 25.02  ? 435  SER A CB  1 
ATOM   166  O  OG  . SER A 1 27  ? 16.894  24.530  24.807  1.00 26.30  ? 435  SER A OG  1 
ATOM   167  N  N   . PHE A 1 28  ? 18.593  24.808  22.620  1.00 21.52  ? 436  PHE A N   1 
ATOM   168  C  CA  . PHE A 1 28  ? 18.845  24.412  21.232  1.00 20.77  ? 436  PHE A CA  1 
ATOM   169  C  C   . PHE A 1 28  ? 17.558  23.798  20.692  1.00 20.75  ? 436  PHE A C   1 
ATOM   170  O  O   . PHE A 1 28  ? 16.609  23.553  21.454  1.00 20.06  ? 436  PHE A O   1 
ATOM   171  C  CB  . PHE A 1 28  ? 20.014  23.392  21.136  1.00 20.85  ? 436  PHE A CB  1 
ATOM   172  C  CG  . PHE A 1 28  ? 19.709  22.036  21.744  1.00 20.91  ? 436  PHE A CG  1 
ATOM   173  C  CD1 . PHE A 1 28  ? 19.850  21.818  23.120  1.00 21.94  ? 436  PHE A CD1 1 
ATOM   174  C  CD2 . PHE A 1 28  ? 19.315  20.970  20.943  1.00 20.89  ? 436  PHE A CD2 1 
ATOM   175  C  CE1 . PHE A 1 28  ? 19.573  20.579  23.676  1.00 21.82  ? 436  PHE A CE1 1 
ATOM   176  C  CE2 . PHE A 1 28  ? 19.039  19.727  21.494  1.00 21.42  ? 436  PHE A CE2 1 
ATOM   177  C  CZ  . PHE A 1 28  ? 19.179  19.528  22.859  1.00 21.54  ? 436  PHE A CZ  1 
ATOM   178  N  N   . GLU A 1 29  ? 17.526  23.550  19.388  1.00 20.34  ? 437  GLU A N   1 
ATOM   179  C  CA  . GLU A 1 29  ? 16.398  22.852  18.768  1.00 22.60  ? 437  GLU A CA  1 
ATOM   180  C  C   . GLU A 1 29  ? 16.881  21.851  17.719  1.00 21.85  ? 437  GLU A C   1 
ATOM   181  O  O   . GLU A 1 29  ? 17.982  22.000  17.170  1.00 22.11  ? 437  GLU A O   1 
ATOM   182  C  CB  . GLU A 1 29  ? 15.377  23.850  18.180  1.00 24.26  ? 437  GLU A CB  1 
ATOM   183  C  CG  . GLU A 1 29  ? 15.923  24.724  17.055  1.00 27.39  ? 437  GLU A CG  1 
ATOM   184  C  CD  . GLU A 1 29  ? 15.050  25.938  16.729  1.00 31.79  ? 437  GLU A CD  1 
ATOM   185  O  OE1 . GLU A 1 29  ? 14.051  26.187  17.443  1.00 34.34  ? 437  GLU A OE1 1 
ATOM   186  O  OE2 . GLU A 1 29  ? 15.374  26.644  15.748  1.00 32.81  ? 437  GLU A OE2 1 
ATOM   187  N  N   . CYS A 1 30  ? 16.064  20.831  17.467  1.00 21.73  ? 438  CYS A N   1 
ATOM   188  C  CA  . CYS A 1 30  ? 16.370  19.815  16.468  1.00 22.15  ? 438  CYS A CA  1 
ATOM   189  C  C   . CYS A 1 30  ? 15.444  19.896  15.267  1.00 23.13  ? 438  CYS A C   1 
ATOM   190  O  O   . CYS A 1 30  ? 14.218  19.947  15.412  1.00 24.05  ? 438  CYS A O   1 
ATOM   191  C  CB  . CYS A 1 30  ? 16.318  18.408  17.068  1.00 21.72  ? 438  CYS A CB  1 
ATOM   192  S  SG  . CYS A 1 30  ? 17.569  18.121  18.321  1.00 21.55  ? 438  CYS A SG  1 
ATOM   193  N  N   . GLN A 1 31  ? 16.045  19.915  14.085  1.00 23.06  ? 439  GLN A N   1 
ATOM   194  C  CA  . GLN A 1 31  ? 15.291  19.860  12.854  1.00 23.12  ? 439  GLN A CA  1 
ATOM   195  C  C   . GLN A 1 31  ? 15.368  18.429  12.346  1.00 22.80  ? 439  GLN A C   1 
ATOM   196  O  O   . GLN A 1 31  ? 16.386  18.010  11.777  1.00 21.92  ? 439  GLN A O   1 
ATOM   197  C  CB  . GLN A 1 31  ? 15.885  20.820  11.848  1.00 24.47  ? 439  GLN A CB  1 
ATOM   198  C  CG  . GLN A 1 31  ? 15.073  20.987  10.589  1.00 24.97  ? 439  GLN A CG  1 
ATOM   199  C  CD  . GLN A 1 31  ? 15.700  22.021  9.703   1.00 26.26  ? 439  GLN A CD  1 
ATOM   200  O  OE1 . GLN A 1 31  ? 15.245  23.166  9.640   1.00 27.00  ? 439  GLN A OE1 1 
ATOM   201  N  NE2 . GLN A 1 31  ? 16.784  21.648  9.055   1.00 25.73  ? 439  GLN A NE2 1 
ATOM   202  N  N   . CYS A 1 32  ? 14.289  17.692  12.568  1.00 22.84  ? 440  CYS A N   1 
ATOM   203  C  CA  . CYS A 1 32  ? 14.271  16.247  12.313  1.00 23.65  ? 440  CYS A CA  1 
ATOM   204  C  C   . CYS A 1 32  ? 14.144  15.899  10.830  1.00 24.18  ? 440  CYS A C   1 
ATOM   205  O  O   . CYS A 1 32  ? 13.523  16.632  10.048  1.00 24.70  ? 440  CYS A O   1 
ATOM   206  C  CB  . CYS A 1 32  ? 13.158  15.574  13.131  1.00 23.90  ? 440  CYS A CB  1 
ATOM   207  S  SG  . CYS A 1 32  ? 13.313  15.801  14.922  1.00 26.17  ? 440  CYS A SG  1 
ATOM   208  N  N   . LEU A 1 33  ? 14.734  14.771  10.443  1.00 22.83  ? 441  LEU A N   1 
ATOM   209  C  CA  . LEU A 1 33  ? 14.489  14.212  9.115   1.00 23.12  ? 441  LEU A CA  1 
ATOM   210  C  C   . LEU A 1 33  ? 13.061  13.676  9.052   1.00 22.47  ? 441  LEU A C   1 
ATOM   211  O  O   . LEU A 1 33  ? 12.458  13.357  10.087  1.00 22.23  ? 441  LEU A O   1 
ATOM   212  C  CB  . LEU A 1 33  ? 15.506  13.105  8.797   1.00 23.79  ? 441  LEU A CB  1 
ATOM   213  C  CG  . LEU A 1 33  ? 16.994  13.477  8.727   1.00 25.62  ? 441  LEU A CG  1 
ATOM   214  C  CD1 . LEU A 1 33  ? 17.835  12.248  8.385   1.00 24.77  ? 441  LEU A CD1 1 
ATOM   215  C  CD2 . LEU A 1 33  ? 17.235  14.578  7.701   1.00 26.19  ? 441  LEU A CD2 1 
ATOM   216  N  N   . GLN A 1 34  ? 12.508  13.596  7.844   1.00 23.35  ? 442  GLN A N   1 
ATOM   217  C  CA  . GLN A 1 34  ? 11.147  13.107  7.664   1.00 23.76  ? 442  GLN A CA  1 
ATOM   218  C  C   . GLN A 1 34  ? 10.967  11.713  8.262   1.00 23.27  ? 442  GLN A C   1 
ATOM   219  O  O   . GLN A 1 34  ? 11.785  10.823  8.031   1.00 24.47  ? 442  GLN A O   1 
ATOM   220  C  CB  . GLN A 1 34  ? 10.762  13.109  6.188   1.00 26.40  ? 442  GLN A CB  1 
ATOM   221  C  CG  . GLN A 1 34  ? 9.264   12.949  5.969   1.00 29.46  ? 442  GLN A CG  1 
ATOM   222  C  CD  . GLN A 1 34  ? 8.798   13.484  4.631   1.00 32.08  ? 442  GLN A CD  1 
ATOM   223  O  OE1 . GLN A 1 34  ? 9.540   14.182  3.933   1.00 36.04  ? 442  GLN A OE1 1 
ATOM   224  N  NE2 . GLN A 1 34  ? 7.560   13.169  4.272   1.00 31.93  ? 442  GLN A NE2 1 
ATOM   225  N  N   . GLY A 1 35  ? 9.905   11.538  9.040   1.00 21.29  ? 443  GLY A N   1 
ATOM   226  C  CA  . GLY A 1 35  ? 9.634   10.266  9.696   1.00 21.45  ? 443  GLY A CA  1 
ATOM   227  C  C   . GLY A 1 35  ? 10.136  10.168  11.121  1.00 20.20  ? 443  GLY A C   1 
ATOM   228  O  O   . GLY A 1 35  ? 9.958   9.143   11.768  1.00 20.87  ? 443  GLY A O   1 
ATOM   229  N  N   . TYR A 1 36  ? 10.784  11.219  11.613  1.00 20.41  ? 444  TYR A N   1 
ATOM   230  C  CA  . TYR A 1 36  ? 11.229  11.241  13.004  1.00 21.52  ? 444  TYR A CA  1 
ATOM   231  C  C   . TYR A 1 36  ? 10.582  12.386  13.783  1.00 23.13  ? 444  TYR A C   1 
ATOM   232  O  O   . TYR A 1 36  ? 10.378  13.479  13.254  1.00 22.80  ? 444  TYR A O   1 
ATOM   233  C  CB  . TYR A 1 36  ? 12.754  11.306  13.101  1.00 21.98  ? 444  TYR A CB  1 
ATOM   234  C  CG  . TYR A 1 36  ? 13.424  10.118  12.459  1.00 21.86  ? 444  TYR A CG  1 
ATOM   235  C  CD1 . TYR A 1 36  ? 13.503  8.907   13.134  1.00 22.93  ? 444  TYR A CD1 1 
ATOM   236  C  CD2 . TYR A 1 36  ? 13.964  10.198  11.170  1.00 22.29  ? 444  TYR A CD2 1 
ATOM   237  C  CE1 . TYR A 1 36  ? 14.111  7.802   12.553  1.00 23.26  ? 444  TYR A CE1 1 
ATOM   238  C  CE2 . TYR A 1 36  ? 14.570  9.100   10.578  1.00 22.75  ? 444  TYR A CE2 1 
ATOM   239  C  CZ  . TYR A 1 36  ? 14.637  7.905   11.277  1.00 22.94  ? 444  TYR A CZ  1 
ATOM   240  O  OH  . TYR A 1 36  ? 15.244  6.802   10.707  1.00 24.52  ? 444  TYR A OH  1 
ATOM   241  N  N   . THR A 1 37  ? 10.284  12.113  15.045  1.00 24.67  ? 445  THR A N   1 
ATOM   242  C  CA  . THR A 1 37  ? 9.596   13.070  15.899  1.00 27.70  ? 445  THR A CA  1 
ATOM   243  C  C   . THR A 1 37  ? 10.189  13.070  17.308  1.00 26.61  ? 445  THR A C   1 
ATOM   244  O  O   . THR A 1 37  ? 11.011  12.206  17.650  1.00 26.81  ? 445  THR A O   1 
ATOM   245  C  CB  . THR A 1 37  ? 8.067   12.799  15.926  1.00 28.81  ? 445  THR A CB  1 
ATOM   246  O  OG1 . THR A 1 37  ? 7.403   13.885  16.577  1.00 31.77  ? 445  THR A OG1 1 
ATOM   247  C  CG2 . THR A 1 37  ? 7.733   11.493  16.646  1.00 29.33  ? 445  THR A CG2 1 
ATOM   248  N  N   . GLY A 1 38  ? 9.760   14.027  18.127  1.00 27.13  ? 446  GLY A N   1 
ATOM   249  C  CA  . GLY A 1 38  ? 10.310  14.191  19.469  1.00 27.36  ? 446  GLY A CA  1 
ATOM   250  C  C   . GLY A 1 38  ? 11.258  15.375  19.538  1.00 27.18  ? 446  GLY A C   1 
ATOM   251  O  O   . GLY A 1 38  ? 11.734  15.848  18.499  1.00 27.57  ? 446  GLY A O   1 
ATOM   252  N  N   . PRO A 1 39  ? 11.534  15.871  20.758  1.00 27.91  ? 447  PRO A N   1 
ATOM   253  C  CA  . PRO A 1 39  ? 12.385  17.054  20.933  1.00 28.18  ? 447  PRO A CA  1 
ATOM   254  C  C   . PRO A 1 39  ? 13.780  16.823  20.353  1.00 26.63  ? 447  PRO A C   1 
ATOM   255  O  O   . PRO A 1 39  ? 14.403  17.760  19.837  1.00 26.69  ? 447  PRO A O   1 
ATOM   256  C  CB  . PRO A 1 39  ? 12.454  17.230  22.457  1.00 29.31  ? 447  PRO A CB  1 
ATOM   257  C  CG  . PRO A 1 39  ? 11.281  16.482  22.990  1.00 29.92  ? 447  PRO A CG  1 
ATOM   258  C  CD  . PRO A 1 39  ? 11.066  15.336  22.049  1.00 29.12  ? 447  PRO A CD  1 
ATOM   259  N  N   . ARG A 1 40  ? 14.248  15.582  20.423  1.00 24.99  ? 448  ARG A N   1 
ATOM   260  C  CA  . ARG A 1 40  ? 15.562  15.245  19.887  1.00 24.50  ? 448  ARG A CA  1 
ATOM   261  C  C   . ARG A 1 40  ? 15.464  14.199  18.770  1.00 23.43  ? 448  ARG A C   1 
ATOM   262  O  O   . ARG A 1 40  ? 16.423  13.474  18.496  1.00 22.95  ? 448  ARG A O   1 
ATOM   263  C  CB  . ARG A 1 40  ? 16.513  14.804  21.011  1.00 26.01  ? 448  ARG A CB  1 
ATOM   264  C  CG  . ARG A 1 40  ? 16.758  15.883  22.064  1.00 27.60  ? 448  ARG A CG  1 
ATOM   265  C  CD  . ARG A 1 40  ? 17.799  15.485  23.104  1.00 29.72  ? 448  ARG A CD  1 
ATOM   266  N  NE  . ARG A 1 40  ? 17.529  14.174  23.684  1.00 32.75  ? 448  ARG A NE  1 
ATOM   267  C  CZ  . ARG A 1 40  ? 18.203  13.057  23.401  1.00 34.64  ? 448  ARG A CZ  1 
ATOM   268  N  NH1 . ARG A 1 40  ? 19.213  13.066  22.533  1.00 33.93  ? 448  ARG A NH1 1 
ATOM   269  N  NH2 . ARG A 1 40  ? 17.861  11.920  23.988  1.00 36.00  ? 448  ARG A NH2 1 
ATOM   270  N  N   . CYS A 1 41  ? 14.308  14.148  18.108  1.00 22.70  ? 449  CYS A N   1 
ATOM   271  C  CA  . CYS A 1 41  ? 14.072  13.221  16.992  1.00 23.01  ? 449  CYS A CA  1 
ATOM   272  C  C   . CYS A 1 41  ? 14.193  11.758  17.413  1.00 23.16  ? 449  CYS A C   1 
ATOM   273  O  O   . CYS A 1 41  ? 14.532  10.904  16.592  1.00 23.41  ? 449  CYS A O   1 
ATOM   274  C  CB  . CYS A 1 41  ? 15.050  13.499  15.831  1.00 22.67  ? 449  CYS A CB  1 
ATOM   275  S  SG  . CYS A 1 41  ? 15.236  15.239  15.356  1.00 22.35  ? 449  CYS A SG  1 
ATOM   276  N  N   . GLU A 1 42  ? 13.903  11.475  18.683  1.00 23.54  ? 450  GLU A N   1 
ATOM   277  C  CA  . GLU A 1 42  ? 14.119  10.140  19.254  1.00 26.82  ? 450  GLU A CA  1 
ATOM   278  C  C   . GLU A 1 42  ? 13.214  9.074   18.645  1.00 27.28  ? 450  GLU A C   1 
ATOM   279  O  O   . GLU A 1 42  ? 13.588  7.896   18.587  1.00 30.05  ? 450  GLU A O   1 
ATOM   280  C  CB  . GLU A 1 42  ? 13.898  10.141  20.775  1.00 28.64  ? 450  GLU A CB  1 
ATOM   281  C  CG  . GLU A 1 42  ? 14.656  11.198  21.557  1.00 31.19  ? 450  GLU A CG  1 
ATOM   282  C  CD  . GLU A 1 42  ? 13.816  12.431  21.856  1.00 31.85  ? 450  GLU A CD  1 
ATOM   283  O  OE1 . GLU A 1 42  ? 13.085  12.906  20.960  1.00 31.41  ? 450  GLU A OE1 1 
ATOM   284  O  OE2 . GLU A 1 42  ? 13.904  12.934  22.997  1.00 34.41  ? 450  GLU A OE2 1 
ATOM   285  N  N   . ILE A 1 43  ? 12.032  9.481   18.197  1.00 27.39  ? 451  ILE A N   1 
ATOM   286  C  CA  . ILE A 1 43  ? 11.014  8.521   17.795  1.00 27.82  ? 451  ILE A CA  1 
ATOM   287  C  C   . ILE A 1 43  ? 10.902  8.314   16.291  1.00 26.17  ? 451  ILE A C   1 
ATOM   288  O  O   . ILE A 1 43  ? 10.756  9.267   15.517  1.00 25.32  ? 451  ILE A O   1 
ATOM   289  C  CB  . ILE A 1 43  ? 9.631   8.885   18.350  1.00 28.90  ? 451  ILE A CB  1 
ATOM   290  C  CG1 . ILE A 1 43  ? 9.702   9.149   19.858  1.00 30.16  ? 451  ILE A CG1 1 
ATOM   291  C  CG2 . ILE A 1 43  ? 8.637   7.762   18.059  1.00 29.40  ? 451  ILE A CG2 1 
ATOM   292  C  CD1 . ILE A 1 43  ? 8.464   9.830   20.389  1.00 31.79  ? 451  ILE A CD1 1 
ATOM   293  N  N   . ASP A 1 44  ? 10.972  7.050   15.893  1.00 25.06  ? 452  ASP A N   1 
ATOM   294  C  CA  . ASP A 1 44  ? 10.661  6.640   14.533  1.00 24.56  ? 452  ASP A CA  1 
ATOM   295  C  C   . ASP A 1 44  ? 9.137   6.561   14.448  1.00 24.39  ? 452  ASP A C   1 
ATOM   296  O  O   . ASP A 1 44  ? 8.545   5.600   14.936  1.00 25.28  ? 452  ASP A O   1 
ATOM   297  C  CB  . ASP A 1 44  ? 11.280  5.264   14.264  1.00 24.46  ? 452  ASP A CB  1 
ATOM   298  C  CG  . ASP A 1 44  ? 10.981  4.731   12.868  1.00 25.04  ? 452  ASP A CG  1 
ATOM   299  O  OD1 . ASP A 1 44  ? 10.112  5.287   12.168  1.00 23.68  ? 452  ASP A OD1 1 
ATOM   300  O  OD2 . ASP A 1 44  ? 11.621  3.734   12.471  1.00 25.14  ? 452  ASP A OD2 1 
ATOM   301  N  N   . VAL A 1 45  ? 8.502   7.571   13.850  1.00 23.82  ? 453  VAL A N   1 
ATOM   302  C  CA  . VAL A 1 45  ? 7.047   7.548   13.640  1.00 22.71  ? 453  VAL A CA  1 
ATOM   303  C  C   . VAL A 1 45  ? 6.604   6.193   13.056  1.00 22.35  ? 453  VAL A C   1 
ATOM   304  O  O   . VAL A 1 45  ? 7.234   5.672   12.134  1.00 21.06  ? 453  VAL A O   1 
ATOM   305  C  CB  . VAL A 1 45  ? 6.564   8.702   12.721  1.00 23.17  ? 453  VAL A CB  1 
ATOM   306  C  CG1 . VAL A 1 45  ? 5.052   8.648   12.521  1.00 23.63  ? 453  VAL A CG1 1 
ATOM   307  C  CG2 . VAL A 1 45  ? 6.951   10.055  13.297  1.00 23.03  ? 453  VAL A CG2 1 
ATOM   308  N  N   . ASN A 1 46  ? 5.558   5.608   13.636  1.00 22.98  ? 454  ASN A N   1 
ATOM   309  C  CA  . ASN A 1 46  ? 4.909   4.426   13.063  1.00 22.53  ? 454  ASN A CA  1 
ATOM   310  C  C   . ASN A 1 46  ? 3.815   4.839   12.070  1.00 22.51  ? 454  ASN A C   1 
ATOM   311  O  O   . ASN A 1 46  ? 2.685   5.155   12.467  1.00 24.43  ? 454  ASN A O   1 
ATOM   312  C  CB  . ASN A 1 46  ? 4.334   3.541   14.180  1.00 24.10  ? 454  ASN A CB  1 
ATOM   313  C  CG  . ASN A 1 46  ? 3.650   2.283   13.657  1.00 25.06  ? 454  ASN A CG  1 
ATOM   314  O  OD1 . ASN A 1 46  ? 3.726   1.962   12.474  1.00 25.38  ? 454  ASN A OD1 1 
ATOM   315  N  ND2 . ASN A 1 46  ? 2.973   1.562   14.554  1.00 25.81  ? 454  ASN A ND2 1 
ATOM   316  N  N   . GLU A 1 47  ? 4.145   4.838   10.781  1.00 21.48  ? 455  GLU A N   1 
ATOM   317  C  CA  . GLU A 1 47  ? 3.185   5.258   9.747   1.00 21.37  ? 455  GLU A CA  1 
ATOM   318  C  C   . GLU A 1 47  ? 2.037   4.258   9.551   1.00 22.09  ? 455  GLU A C   1 
ATOM   319  O  O   . GLU A 1 47  ? 1.077   4.530   8.827   1.00 23.29  ? 455  GLU A O   1 
ATOM   320  C  CB  . GLU A 1 47  ? 3.889   5.547   8.418   1.00 21.20  ? 455  GLU A CB  1 
ATOM   321  C  CG  . GLU A 1 47  ? 4.640   6.883   8.374   1.00 21.56  ? 455  GLU A CG  1 
ATOM   322  C  CD  . GLU A 1 47  ? 6.020   6.832   9.015   1.00 22.06  ? 455  GLU A CD  1 
ATOM   323  O  OE1 . GLU A 1 47  ? 6.497   5.718   9.354   1.00 22.43  ? 455  GLU A OE1 1 
ATOM   324  O  OE2 . GLU A 1 47  ? 6.633   7.913   9.195   1.00 20.79  ? 455  GLU A OE2 1 
ATOM   325  N  N   . CYS A 1 48  ? 2.137   3.111   10.217  1.00 23.38  ? 456  CYS A N   1 
ATOM   326  C  CA  . CYS A 1 48  ? 1.124   2.061   10.146  1.00 24.81  ? 456  CYS A CA  1 
ATOM   327  C  C   . CYS A 1 48  ? 0.123   2.114   11.311  1.00 25.34  ? 456  CYS A C   1 
ATOM   328  O  O   . CYS A 1 48  ? -0.840  1.348   11.338  1.00 26.16  ? 456  CYS A O   1 
ATOM   329  C  CB  . CYS A 1 48  ? 1.817   0.695   10.109  1.00 23.52  ? 456  CYS A CB  1 
ATOM   330  S  SG  . CYS A 1 48  ? 2.747   0.387   8.585   1.00 25.45  ? 456  CYS A SG  1 
ATOM   331  N  N   . VAL A 1 49  ? 0.342   3.030   12.256  1.00 26.84  ? 457  VAL A N   1 
ATOM   332  C  CA  . VAL A 1 49  ? -0.417  3.070   13.521  1.00 27.37  ? 457  VAL A CA  1 
ATOM   333  C  C   . VAL A 1 49  ? -1.924  3.345   13.357  1.00 28.89  ? 457  VAL A C   1 
ATOM   334  O  O   . VAL A 1 49  ? -2.725  3.002   14.231  1.00 29.22  ? 457  VAL A O   1 
ATOM   335  C  CB  . VAL A 1 49  ? 0.220   4.058   14.535  1.00 27.56  ? 457  VAL A CB  1 
ATOM   336  C  CG1 . VAL A 1 49  ? -0.266  5.488   14.308  1.00 28.25  ? 457  VAL A CG1 1 
ATOM   337  C  CG2 . VAL A 1 49  ? -0.044  3.612   15.970  1.00 28.18  ? 457  VAL A CG2 1 
ATOM   338  N  N   . SER A 1 50  ? -2.300  3.954   12.236  1.00 29.28  ? 458  SER A N   1 
ATOM   339  C  CA  . SER A 1 50  ? -3.699  4.259   11.937  1.00 28.77  ? 458  SER A CA  1 
ATOM   340  C  C   . SER A 1 50  ? -4.308  3.218   10.992  1.00 27.87  ? 458  SER A C   1 
ATOM   341  O  O   . SER A 1 50  ? -5.368  3.438   10.416  1.00 27.76  ? 458  SER A O   1 
ATOM   342  C  CB  . SER A 1 50  ? -3.793  5.648   11.311  1.00 31.82  ? 458  SER A CB  1 
ATOM   343  O  OG  . SER A 1 50  ? -2.974  5.720   10.148  1.00 35.82  ? 458  SER A OG  1 
ATOM   344  N  N   . ASN A 1 51  ? -3.635  2.077   10.853  1.00 27.12  ? 459  ASN A N   1 
ATOM   345  C  CA  . ASN A 1 51  ? -4.061  0.997   9.955   1.00 27.52  ? 459  ASN A CA  1 
ATOM   346  C  C   . ASN A 1 51  ? -4.469  1.461   8.547   1.00 26.44  ? 459  ASN A C   1 
ATOM   347  O  O   . ASN A 1 51  ? -5.655  1.392   8.196   1.00 26.37  ? 459  ASN A O   1 
ATOM   348  C  CB  . ASN A 1 51  ? -5.185  0.181   10.601  1.00 28.43  ? 459  ASN A CB  1 
ATOM   349  C  CG  . ASN A 1 51  ? -4.735  -0.509  11.868  1.00 30.08  ? 459  ASN A CG  1 
ATOM   350  O  OD1 . ASN A 1 51  ? -4.013  -1.500  11.812  1.00 32.76  ? 459  ASN A OD1 1 
ATOM   351  N  ND2 . ASN A 1 51  ? -5.147  0.018   13.021  1.00 30.21  ? 459  ASN A ND2 1 
ATOM   352  N  N   . PRO A 1 52  ? -3.490  1.939   7.744   1.00 25.14  ? 460  PRO A N   1 
ATOM   353  C  CA  . PRO A 1 52  ? -3.785  2.439   6.395   1.00 25.55  ? 460  PRO A CA  1 
ATOM   354  C  C   . PRO A 1 52  ? -3.921  1.351   5.322   1.00 25.93  ? 460  PRO A C   1 
ATOM   355  O  O   . PRO A 1 52  ? -4.484  1.610   4.263   1.00 26.82  ? 460  PRO A O   1 
ATOM   356  C  CB  . PRO A 1 52  ? -2.584  3.335   6.087   1.00 25.58  ? 460  PRO A CB  1 
ATOM   357  C  CG  . PRO A 1 52  ? -1.465  2.720   6.858   1.00 24.67  ? 460  PRO A CG  1 
ATOM   358  C  CD  . PRO A 1 52  ? -2.085  2.188   8.122   1.00 25.10  ? 460  PRO A CD  1 
ATOM   359  N  N   . CYS A 1 53  ? -3.402  0.153   5.585   1.00 26.43  ? 461  CYS A N   1 
ATOM   360  C  CA  . CYS A 1 53  ? -3.477  -0.935  4.613   1.00 26.76  ? 461  CYS A CA  1 
ATOM   361  C  C   . CYS A 1 53  ? -4.734  -1.771  4.813   1.00 27.36  ? 461  CYS A C   1 
ATOM   362  O  O   . CYS A 1 53  ? -4.901  -2.419  5.844   1.00 28.14  ? 461  CYS A O   1 
ATOM   363  C  CB  . CYS A 1 53  ? -2.224  -1.812  4.686   1.00 27.13  ? 461  CYS A CB  1 
ATOM   364  S  SG  . CYS A 1 53  ? -0.710  -0.860  4.448   1.00 26.18  ? 461  CYS A SG  1 
ATOM   365  N  N   . GLN A 1 54  ? -5.595  -1.769  3.803   1.00 26.97  ? 462  GLN A N   1 
ATOM   366  C  CA  . GLN A 1 54  ? -6.925  -2.370  3.897   1.00 27.70  ? 462  GLN A CA  1 
ATOM   367  C  C   . GLN A 1 54  ? -6.973  -3.831  3.453   1.00 27.35  ? 462  GLN A C   1 
ATOM   368  O  O   . GLN A 1 54  ? -6.027  -4.347  2.855   1.00 26.55  ? 462  GLN A O   1 
ATOM   369  C  CB  . GLN A 1 54  ? -7.910  -1.564  3.052   1.00 27.88  ? 462  GLN A CB  1 
ATOM   370  C  CG  . GLN A 1 54  ? -8.018  -0.100  3.437   1.00 29.03  ? 462  GLN A CG  1 
ATOM   371  C  CD  . GLN A 1 54  ? -9.076  0.633   2.642   1.00 30.92  ? 462  GLN A CD  1 
ATOM   372  O  OE1 . GLN A 1 54  ? -9.940  0.013   2.016   1.00 30.79  ? 462  GLN A OE1 1 
ATOM   373  N  NE2 . GLN A 1 54  ? -9.019  1.970   2.663   1.00 31.71  ? 462  GLN A NE2 1 
ATOM   374  N  N   . ASN A 1 55  ? -8.100  -4.481  3.744   1.00 27.59  ? 463  ASN A N   1 
ATOM   375  C  CA  . ASN A 1 55  ? -8.394  -5.835  3.255   1.00 27.91  ? 463  ASN A CA  1 
ATOM   376  C  C   . ASN A 1 55  ? -7.318  -6.872  3.590   1.00 28.65  ? 463  ASN A C   1 
ATOM   377  O  O   . ASN A 1 55  ? -6.895  -7.653  2.729   1.00 28.93  ? 463  ASN A O   1 
ATOM   378  C  CB  . ASN A 1 55  ? -8.706  -5.804  1.751   1.00 27.45  ? 463  ASN A CB  1 
ATOM   379  C  CG  . ASN A 1 55  ? -9.832  -4.849  1.420   1.00 27.56  ? 463  ASN A CG  1 
ATOM   380  O  OD1 . ASN A 1 55  ? -9.653  -3.904  0.655   1.00 29.10  ? 463  ASN A OD1 1 
ATOM   381  N  ND2 . ASN A 1 55  ? -10.993 -5.067  2.026   1.00 27.15  ? 463  ASN A ND2 1 
ATOM   382  N  N   . ASP A 1 56  ? -6.889  -6.858  4.852   1.00 29.31  ? 464  ASP A N   1 
ATOM   383  C  CA  . ASP A 1 56  ? -5.893  -7.798  5.385   1.00 31.02  ? 464  ASP A CA  1 
ATOM   384  C  C   . ASP A 1 56  ? -4.508  -7.703  4.754   1.00 29.71  ? 464  ASP A C   1 
ATOM   385  O  O   . ASP A 1 56  ? -3.719  -8.647  4.805   1.00 28.55  ? 464  ASP A O   1 
ATOM   386  C  CB  . ASP A 1 56  ? -6.429  -9.233  5.357   1.00 35.68  ? 464  ASP A CB  1 
ATOM   387  C  CG  . ASP A 1 56  ? -7.475  -9.467  6.421   1.00 39.11  ? 464  ASP A CG  1 
ATOM   388  O  OD1 . ASP A 1 56  ? -7.131  -9.356  7.618   1.00 43.50  ? 464  ASP A OD1 1 
ATOM   389  O  OD2 . ASP A 1 56  ? -8.634  -9.757  6.068   1.00 44.16  ? 464  ASP A OD2 1 
ATOM   390  N  N   . ALA A 1 57  ? -4.210  -6.541  4.182   1.00 27.95  ? 465  ALA A N   1 
ATOM   391  C  CA  . ALA A 1 57  ? -2.887  -6.264  3.665   1.00 27.72  ? 465  ALA A CA  1 
ATOM   392  C  C   . ALA A 1 57  ? -1.870  -6.160  4.803   1.00 27.81  ? 465  ALA A C   1 
ATOM   393  O  O   . ALA A 1 57  ? -2.238  -5.923  5.947   1.00 28.71  ? 465  ALA A O   1 
ATOM   394  C  CB  . ALA A 1 57  ? -2.908  -4.976  2.852   1.00 25.91  ? 465  ALA A CB  1 
ATOM   395  N  N   . THR A 1 58  ? -0.602  -6.356  4.466   1.00 28.80  ? 466  THR A N   1 
ATOM   396  C  CA  . THR A 1 58  ? 0.511   -6.149  5.393   1.00 29.68  ? 466  THR A CA  1 
ATOM   397  C  C   . THR A 1 58  ? 1.025   -4.711  5.275   1.00 28.97  ? 466  THR A C   1 
ATOM   398  O  O   . THR A 1 58  ? 1.352   -4.257  4.173   1.00 27.24  ? 466  THR A O   1 
ATOM   399  C  CB  . THR A 1 58  ? 1.642   -7.152  5.094   1.00 32.90  ? 466  THR A CB  1 
ATOM   400  O  OG1 . THR A 1 58  ? 1.177   -8.469  5.413   1.00 35.93  ? 466  THR A OG1 1 
ATOM   401  C  CG2 . THR A 1 58  ? 2.916   -6.830  5.898   1.00 32.23  ? 466  THR A CG2 1 
ATOM   402  N  N   . CYS A 1 59  ? 1.092   -4.007  6.408   1.00 27.69  ? 467  CYS A N   1 
ATOM   403  C  CA  . CYS A 1 59  ? 1.660   -2.651  6.446   1.00 27.05  ? 467  CYS A CA  1 
ATOM   404  C  C   . CYS A 1 59  ? 3.141   -2.651  6.804   1.00 26.27  ? 467  CYS A C   1 
ATOM   405  O  O   . CYS A 1 59  ? 3.533   -3.222  7.822   1.00 28.64  ? 467  CYS A O   1 
ATOM   406  C  CB  . CYS A 1 59  ? 0.906   -1.766  7.437   1.00 27.25  ? 467  CYS A CB  1 
ATOM   407  S  SG  . CYS A 1 59  ? 1.279   0.000   7.228   1.00 26.99  ? 467  CYS A SG  1 
ATOM   408  N  N   . LEU A 1 60  ? 3.957   -2.031  5.955   1.00 25.11  ? 468  LEU A N   1 
ATOM   409  C  CA  . LEU A 1 60  ? 5.379   -1.848  6.235   1.00 23.67  ? 468  LEU A CA  1 
ATOM   410  C  C   . LEU A 1 60  ? 5.643   -0.435  6.752   1.00 23.55  ? 468  LEU A C   1 
ATOM   411  O  O   . LEU A 1 60  ? 5.430   0.561   6.043   1.00 22.41  ? 468  LEU A O   1 
ATOM   412  C  CB  . LEU A 1 60  ? 6.236   -2.131  4.998   1.00 23.36  ? 468  LEU A CB  1 
ATOM   413  C  CG  . LEU A 1 60  ? 6.047   -3.477  4.286   1.00 24.29  ? 468  LEU A CG  1 
ATOM   414  C  CD1 . LEU A 1 60  ? 6.899   -3.517  3.029   1.00 24.54  ? 468  LEU A CD1 1 
ATOM   415  C  CD2 . LEU A 1 60  ? 6.360   -4.657  5.196   1.00 24.90  ? 468  LEU A CD2 1 
ATOM   416  N  N   . ASP A 1 61  ? 6.136   -0.378  7.985   1.00 23.20  ? 469  ASP A N   1 
ATOM   417  C  CA  . ASP A 1 61  ? 6.458   0.863   8.678   1.00 23.93  ? 469  ASP A CA  1 
ATOM   418  C  C   . ASP A 1 61  ? 7.901   1.226   8.348   1.00 23.74  ? 469  ASP A C   1 
ATOM   419  O  O   . ASP A 1 61  ? 8.850   0.617   8.858   1.00 23.45  ? 469  ASP A O   1 
ATOM   420  C  CB  . ASP A 1 61  ? 6.238   0.681   10.190  1.00 24.10  ? 469  ASP A CB  1 
ATOM   421  C  CG  . ASP A 1 61  ? 6.734   1.861   11.021  1.00 25.63  ? 469  ASP A CG  1 
ATOM   422  O  OD1 . ASP A 1 61  ? 6.906   2.973   10.475  1.00 25.23  ? 469  ASP A OD1 1 
ATOM   423  O  OD2 . ASP A 1 61  ? 6.940   1.674   12.241  1.00 25.74  ? 469  ASP A OD2 1 
ATOM   424  N  N   . GLN A 1 62  ? 8.051   2.203   7.466   1.00 21.55  ? 470  GLN A N   1 
ATOM   425  C  CA  . GLN A 1 62  ? 9.340   2.573   6.931   1.00 21.45  ? 470  GLN A CA  1 
ATOM   426  C  C   . GLN A 1 62  ? 9.731   3.966   7.401   1.00 21.00  ? 470  GLN A C   1 
ATOM   427  O  O   . GLN A 1 62  ? 9.015   4.593   8.182   1.00 20.31  ? 470  GLN A O   1 
ATOM   428  C  CB  . GLN A 1 62  ? 9.307   2.466   5.408   1.00 21.49  ? 470  GLN A CB  1 
ATOM   429  C  CG  . GLN A 1 62  ? 8.787   1.120   4.918   1.00 21.34  ? 470  GLN A CG  1 
ATOM   430  C  CD  . GLN A 1 62  ? 8.507   1.069   3.427   1.00 23.17  ? 470  GLN A CD  1 
ATOM   431  O  OE1 . GLN A 1 62  ? 8.241   2.091   2.788   1.00 22.73  ? 470  GLN A OE1 1 
ATOM   432  N  NE2 . GLN A 1 62  ? 8.555   -0.136  2.864   1.00 22.21  ? 470  GLN A NE2 1 
ATOM   433  N  N   . ILE A 1 63  ? 10.868  4.451   6.940   1.00 19.91  ? 471  ILE A N   1 
ATOM   434  C  CA  . ILE A 1 63  ? 11.354  5.750   7.371   1.00 20.13  ? 471  ILE A CA  1 
ATOM   435  C  C   . ILE A 1 63  ? 10.572  6.835   6.640   1.00 20.73  ? 471  ILE A C   1 
ATOM   436  O  O   . ILE A 1 63  ? 10.763  7.058   5.453   1.00 21.16  ? 471  ILE A O   1 
ATOM   437  C  CB  . ILE A 1 63  ? 12.871  5.888   7.123   1.00 20.68  ? 471  ILE A CB  1 
ATOM   438  C  CG1 . ILE A 1 63  ? 13.600  4.783   7.911   1.00 21.35  ? 471  ILE A CG1 1 
ATOM   439  C  CG2 . ILE A 1 63  ? 13.359  7.276   7.529   1.00 20.18  ? 471  ILE A CG2 1 
ATOM   440  C  CD1 . ILE A 1 63  ? 15.053  4.556   7.522   1.00 22.52  ? 471  ILE A CD1 1 
ATOM   441  N  N   . GLY A 1 64  ? 9.678   7.500   7.360   1.00 20.86  ? 472  GLY A N   1 
ATOM   442  C  CA  . GLY A 1 64  ? 8.892   8.590   6.771   1.00 21.09  ? 472  GLY A CA  1 
ATOM   443  C  C   . GLY A 1 64  ? 7.803   8.168   5.794   1.00 20.97  ? 472  GLY A C   1 
ATOM   444  O  O   . GLY A 1 64  ? 7.275   9.007   5.048   1.00 22.25  ? 472  GLY A O   1 
ATOM   445  N  N   . GLU A 1 65  ? 7.455   6.883   5.794   1.00 20.69  ? 473  GLU A N   1 
ATOM   446  C  CA  . GLU A 1 65  ? 6.397   6.366   4.916   1.00 22.24  ? 473  GLU A CA  1 
ATOM   447  C  C   . GLU A 1 65  ? 5.914   4.984   5.330   1.00 21.73  ? 473  GLU A C   1 
ATOM   448  O  O   . GLU A 1 65  ? 6.564   4.301   6.137   1.00 21.35  ? 473  GLU A O   1 
ATOM   449  C  CB  . GLU A 1 65  ? 6.859   6.342   3.448   1.00 24.13  ? 473  GLU A CB  1 
ATOM   450  C  CG  . GLU A 1 65  ? 8.025   5.417   3.134   1.00 26.50  ? 473  GLU A CG  1 
ATOM   451  C  CD  . GLU A 1 65  ? 8.527   5.590   1.712   1.00 29.94  ? 473  GLU A CD  1 
ATOM   452  O  OE1 . GLU A 1 65  ? 7.762   5.306   0.765   1.00 31.93  ? 473  GLU A OE1 1 
ATOM   453  O  OE2 . GLU A 1 65  ? 9.689   6.015   1.543   1.00 34.11  ? 473  GLU A OE2 1 
ATOM   454  N  N   . PHE A 1 66  ? 4.761   4.588   4.796   1.00 20.48  ? 474  PHE A N   1 
ATOM   455  C  CA  . PHE A 1 66  ? 4.339   3.187   4.821   1.00 21.14  ? 474  PHE A CA  1 
ATOM   456  C  C   . PHE A 1 66  ? 4.234   2.644   3.392   1.00 21.54  ? 474  PHE A C   1 
ATOM   457  O  O   . PHE A 1 66  ? 4.106   3.415   2.426   1.00 18.99  ? 474  PHE A O   1 
ATOM   458  C  CB  . PHE A 1 66  ? 3.007   3.006   5.561   1.00 21.30  ? 474  PHE A CB  1 
ATOM   459  C  CG  . PHE A 1 66  ? 1.823   3.602   4.837   1.00 21.34  ? 474  PHE A CG  1 
ATOM   460  C  CD1 . PHE A 1 66  ? 1.468   4.923   5.047   1.00 22.04  ? 474  PHE A CD1 1 
ATOM   461  C  CD2 . PHE A 1 66  ? 1.072   2.840   3.938   1.00 21.34  ? 474  PHE A CD2 1 
ATOM   462  C  CE1 . PHE A 1 66  ? 0.390   5.482   4.382   1.00 21.68  ? 474  PHE A CE1 1 
ATOM   463  C  CE2 . PHE A 1 66  ? -0.010  3.392   3.266   1.00 21.55  ? 474  PHE A CE2 1 
ATOM   464  C  CZ  . PHE A 1 66  ? -0.346  4.717   3.487   1.00 21.59  ? 474  PHE A CZ  1 
ATOM   465  N  N   . GLN A 1 67  ? 4.317   1.319   3.273   1.00 21.92  ? 475  GLN A N   1 
ATOM   466  C  CA  . GLN A 1 67  ? 3.948   0.600   2.055   1.00 23.20  ? 475  GLN A CA  1 
ATOM   467  C  C   . GLN A 1 67  ? 3.014   -0.538  2.428   1.00 24.02  ? 475  GLN A C   1 
ATOM   468  O  O   . GLN A 1 67  ? 3.130   -1.121  3.512   1.00 24.26  ? 475  GLN A O   1 
ATOM   469  C  CB  . GLN A 1 67  ? 5.181   0.055   1.323   1.00 24.34  ? 475  GLN A CB  1 
ATOM   470  C  CG  . GLN A 1 67  ? 5.997   1.106   0.594   1.00 27.25  ? 475  GLN A CG  1 
ATOM   471  C  CD  . GLN A 1 67  ? 7.068   0.522   -0.322  1.00 29.56  ? 475  GLN A CD  1 
ATOM   472  O  OE1 . GLN A 1 67  ? 7.868   -0.331  0.083   1.00 30.50  ? 475  GLN A OE1 1 
ATOM   473  N  NE2 . GLN A 1 67  ? 7.104   1.003   -1.559  1.00 29.37  ? 475  GLN A NE2 1 
ATOM   474  N  N   . CYS A 1 68  ? 2.065   -0.831  1.550   1.00 23.10  ? 476  CYS A N   1 
ATOM   475  C  CA  . CYS A 1 68  ? 1.128   -1.934  1.766   1.00 24.29  ? 476  CYS A CA  1 
ATOM   476  C  C   . CYS A 1 68  ? 1.461   -3.104  0.840   1.00 24.63  ? 476  CYS A C   1 
ATOM   477  O  O   . CYS A 1 68  ? 1.849   -2.908  -0.312  1.00 24.46  ? 476  CYS A O   1 
ATOM   478  C  CB  . CYS A 1 68  ? -0.319  -1.482  1.535   1.00 23.83  ? 476  CYS A CB  1 
ATOM   479  S  SG  . CYS A 1 68  ? -0.894  -0.114  2.579   1.00 25.18  ? 476  CYS A SG  1 
ATOM   480  N  N   . ILE A 1 69  ? 1.348   -4.316  1.367   1.00 25.39  ? 477  ILE A N   1 
ATOM   481  C  CA  . ILE A 1 69  ? 1.446   -5.532  0.568   1.00 25.76  ? 477  ILE A CA  1 
ATOM   482  C  C   . ILE A 1 69  ? 0.050   -6.116  0.540   1.00 24.67  ? 477  ILE A C   1 
ATOM   483  O  O   . ILE A 1 69  ? -0.509  -6.446  1.590   1.00 24.86  ? 477  ILE A O   1 
ATOM   484  C  CB  . ILE A 1 69  ? 2.434   -6.556  1.177   1.00 26.97  ? 477  ILE A CB  1 
ATOM   485  C  CG1 . ILE A 1 69  ? 3.777   -5.880  1.485   1.00 27.60  ? 477  ILE A CG1 1 
ATOM   486  C  CG2 . ILE A 1 69  ? 2.600   -7.766  0.250   1.00 26.79  ? 477  ILE A CG2 1 
ATOM   487  C  CD1 . ILE A 1 69  ? 4.752   -6.730  2.274   1.00 29.32  ? 477  ILE A CD1 1 
ATOM   488  N  N   . CYS A 1 70  ? -0.531  -6.203  -0.653  1.00 25.84  ? 478  CYS A N   1 
ATOM   489  C  CA  . CYS A 1 70  ? -1.943  -6.574  -0.781  1.00 25.94  ? 478  CYS A CA  1 
ATOM   490  C  C   . CYS A 1 70  ? -2.144  -8.076  -0.806  1.00 26.18  ? 478  CYS A C   1 
ATOM   491  O  O   . CYS A 1 70  ? -1.276  -8.824  -1.278  1.00 27.53  ? 478  CYS A O   1 
ATOM   492  C  CB  . CYS A 1 70  ? -2.574  -5.955  -2.034  1.00 25.33  ? 478  CYS A CB  1 
ATOM   493  S  SG  . CYS A 1 70  ? -2.354  -4.168  -2.207  1.00 26.01  ? 478  CYS A SG  1 
ATOM   494  N  N   . MET A 1 71  ? -3.283  -8.499  -0.269  1.00 26.75  ? 479  MET A N   1 
ATOM   495  C  CA  . MET A 1 71  ? -3.787  -9.855  -0.458  1.00 27.26  ? 479  MET A CA  1 
ATOM   496  C  C   . MET A 1 71  ? -4.125  -10.028 -1.943  1.00 27.21  ? 479  MET A C   1 
ATOM   497  O  O   . MET A 1 71  ? -4.480  -9.052  -2.604  1.00 24.94  ? 479  MET A O   1 
ATOM   498  C  CB  . MET A 1 71  ? -5.051  -10.063 0.374   1.00 29.46  ? 479  MET A CB  1 
ATOM   499  C  CG  . MET A 1 71  ? -4.826  -10.156 1.875   1.00 32.86  ? 479  MET A CG  1 
ATOM   500  S  SD  . MET A 1 71  ? -4.108  -11.729 2.375   1.00 37.32  ? 479  MET A SD  1 
ATOM   501  C  CE  . MET A 1 71  ? -5.495  -12.834 2.096   1.00 36.02  ? 479  MET A CE  1 
ATOM   502  N  N   . PRO A 1 72  ? -4.035  -11.269 -2.468  1.00 27.71  ? 480  PRO A N   1 
ATOM   503  C  CA  . PRO A 1 72  ? -4.364  -11.482 -3.884  1.00 26.62  ? 480  PRO A CA  1 
ATOM   504  C  C   . PRO A 1 72  ? -5.754  -10.941 -4.224  1.00 25.20  ? 480  PRO A C   1 
ATOM   505  O  O   . PRO A 1 72  ? -6.707  -11.110 -3.455  1.00 24.63  ? 480  PRO A O   1 
ATOM   506  C  CB  . PRO A 1 72  ? -4.326  -13.008 -4.037  1.00 27.07  ? 480  PRO A CB  1 
ATOM   507  C  CG  . PRO A 1 72  ? -3.465  -13.486 -2.917  1.00 28.05  ? 480  PRO A CG  1 
ATOM   508  C  CD  . PRO A 1 72  ? -3.721  -12.539 -1.779  1.00 27.93  ? 480  PRO A CD  1 
ATOM   509  N  N   . GLY A 1 73  ? -5.855  -10.254 -5.355  1.00 25.19  ? 481  GLY A N   1 
ATOM   510  C  CA  . GLY A 1 73  ? -7.139  -9.704  -5.777  1.00 24.07  ? 481  GLY A CA  1 
ATOM   511  C  C   . GLY A 1 73  ? -7.315  -8.244  -5.420  1.00 23.66  ? 481  GLY A C   1 
ATOM   512  O  O   . GLY A 1 73  ? -8.263  -7.604  -5.880  1.00 22.50  ? 481  GLY A O   1 
ATOM   513  N  N   . TYR A 1 74  ? -6.404  -7.715  -4.611  1.00 23.13  ? 482  TYR A N   1 
ATOM   514  C  CA  . TYR A 1 74  ? -6.454  -6.301  -4.236  1.00 24.13  ? 482  TYR A CA  1 
ATOM   515  C  C   . TYR A 1 74  ? -5.243  -5.525  -4.735  1.00 23.66  ? 482  TYR A C   1 
ATOM   516  O  O   . TYR A 1 74  ? -4.175  -6.097  -4.953  1.00 25.16  ? 482  TYR A O   1 
ATOM   517  C  CB  . TYR A 1 74  ? -6.620  -6.151  -2.726  1.00 24.71  ? 482  TYR A CB  1 
ATOM   518  C  CG  . TYR A 1 74  ? -7.917  -6.733  -2.225  1.00 26.15  ? 482  TYR A CG  1 
ATOM   519  C  CD1 . TYR A 1 74  ? -9.078  -5.963  -2.192  1.00 26.60  ? 482  TYR A CD1 1 
ATOM   520  C  CD2 . TYR A 1 74  ? -7.993  -8.069  -1.801  1.00 27.73  ? 482  TYR A CD2 1 
ATOM   521  C  CE1 . TYR A 1 74  ? -10.282 -6.495  -1.748  1.00 28.20  ? 482  TYR A CE1 1 
ATOM   522  C  CE2 . TYR A 1 74  ? -9.191  -8.611  -1.347  1.00 28.85  ? 482  TYR A CE2 1 
ATOM   523  C  CZ  . TYR A 1 74  ? -10.332 -7.822  -1.327  1.00 28.99  ? 482  TYR A CZ  1 
ATOM   524  O  OH  . TYR A 1 74  ? -11.530 -8.334  -0.884  1.00 31.23  ? 482  TYR A OH  1 
ATOM   525  N  N   . GLU A 1 75  ? -5.427  -4.220  -4.931  1.00 23.63  ? 483  GLU A N   1 
ATOM   526  C  CA  . GLU A 1 75  ? -4.371  -3.333  -5.421  1.00 23.58  ? 483  GLU A CA  1 
ATOM   527  C  C   . GLU A 1 75  ? -4.600  -1.910  -4.909  1.00 23.28  ? 483  GLU A C   1 
ATOM   528  O  O   . GLU A 1 75  ? -5.613  -1.622  -4.265  1.00 22.84  ? 483  GLU A O   1 
ATOM   529  C  CB  . GLU A 1 75  ? -4.312  -3.341  -6.964  1.00 24.65  ? 483  GLU A CB  1 
ATOM   530  C  CG  . GLU A 1 75  ? -5.558  -2.789  -7.646  1.00 26.02  ? 483  GLU A CG  1 
ATOM   531  C  CD  . GLU A 1 75  ? -5.458  -2.803  -9.157  1.00 26.55  ? 483  GLU A CD  1 
ATOM   532  O  OE1 . GLU A 1 75  ? -4.844  -1.878  -9.716  1.00 30.87  ? 483  GLU A OE1 1 
ATOM   533  O  OE2 . GLU A 1 75  ? -5.995  -3.728  -9.793  1.00 26.05  ? 483  GLU A OE2 1 
ATOM   534  N  N   . GLY A 1 76  ? -3.663  -1.022  -5.216  1.00 23.54  ? 484  GLY A N   1 
ATOM   535  C  CA  . GLY A 1 76  ? -3.757  0.358   -4.778  1.00 23.85  ? 484  GLY A CA  1 
ATOM   536  C  C   . GLY A 1 76  ? -2.844  0.628   -3.606  1.00 23.35  ? 484  GLY A C   1 
ATOM   537  O  O   . GLY A 1 76  ? -2.349  -0.302  -2.940  1.00 23.44  ? 484  GLY A O   1 
ATOM   538  N  N   . VAL A 1 77  ? -2.631  1.910   -3.331  1.00 24.28  ? 485  VAL A N   1 
ATOM   539  C  CA  . VAL A 1 77  ? -1.717  2.315   -2.270  1.00 24.54  ? 485  VAL A CA  1 
ATOM   540  C  C   . VAL A 1 77  ? -2.171  1.795   -0.911  1.00 23.84  ? 485  VAL A C   1 
ATOM   541  O  O   . VAL A 1 77  ? -1.338  1.457   -0.071  1.00 23.25  ? 485  VAL A O   1 
ATOM   542  C  CB  . VAL A 1 77  ? -1.492  3.842   -2.246  1.00 24.78  ? 485  VAL A CB  1 
ATOM   543  C  CG1 . VAL A 1 77  ? -0.719  4.245   -1.001  1.00 26.19  ? 485  VAL A CG1 1 
ATOM   544  C  CG2 . VAL A 1 77  ? -0.736  4.280   -3.497  1.00 26.60  ? 485  VAL A CG2 1 
ATOM   545  N  N   . HIS A 1 78  ? -3.486  1.714   -0.706  1.00 22.09  ? 486  HIS A N   1 
ATOM   546  C  CA  . HIS A 1 78  ? -4.036  1.208   0.550   1.00 22.85  ? 486  HIS A CA  1 
ATOM   547  C  C   . HIS A 1 78  ? -4.640  -0.163  0.394   1.00 22.37  ? 486  HIS A C   1 
ATOM   548  O  O   . HIS A 1 78  ? -5.325  -0.637  1.305   1.00 22.51  ? 486  HIS A O   1 
ATOM   549  C  CB  . HIS A 1 78  ? -5.104  2.157   1.095   1.00 23.72  ? 486  HIS A CB  1 
ATOM   550  C  CG  . HIS A 1 78  ? -4.592  3.541   1.383   1.00 24.75  ? 486  HIS A CG  1 
ATOM   551  N  ND1 . HIS A 1 78  ? -4.427  4.461   0.417   1.00 26.63  ? 486  HIS A ND1 1 
ATOM   552  C  CD2 . HIS A 1 78  ? -4.190  4.139   2.574   1.00 26.26  ? 486  HIS A CD2 1 
ATOM   553  C  CE1 . HIS A 1 78  ? -3.945  5.598   0.962   1.00 26.94  ? 486  HIS A CE1 1 
ATOM   554  N  NE2 . HIS A 1 78  ? -3.805  5.401   2.282   1.00 26.21  ? 486  HIS A NE2 1 
ATOM   555  N  N   . CYS A 1 79  ? -4.397  -0.794  -0.755  1.00 22.02  ? 487  CYS A N   1 
ATOM   556  C  CA  . CYS A 1 79  ? -4.992  -2.092  -1.106  1.00 22.18  ? 487  CYS A CA  1 
ATOM   557  C  C   . CYS A 1 79  ? -6.515  -2.015  -1.061  1.00 22.60  ? 487  CYS A C   1 
ATOM   558  O  O   . CYS A 1 79  ? -7.204  -2.993  -0.744  1.00 22.86  ? 487  CYS A O   1 
ATOM   559  C  CB  . CYS A 1 79  ? -4.454  -3.194  -0.194  1.00 22.05  ? 487  CYS A CB  1 
ATOM   560  S  SG  . CYS A 1 79  ? -2.663  -3.438  -0.331  1.00 23.24  ? 487  CYS A SG  1 
ATOM   561  N  N   . GLU A 1 80  ? -7.028  -0.840  -1.415  1.00 23.25  ? 488  GLU A N   1 
ATOM   562  C  CA  . GLU A 1 80  ? -8.439  -0.518  -1.299  1.00 23.79  ? 488  GLU A CA  1 
ATOM   563  C  C   . GLU A 1 80  ? -9.227  -0.898  -2.558  1.00 23.55  ? 488  GLU A C   1 
ATOM   564  O  O   . GLU A 1 80  ? -10.454 -0.877  -2.552  1.00 24.43  ? 488  GLU A O   1 
ATOM   565  C  CB  . GLU A 1 80  ? -8.615  0.975   -0.958  1.00 24.45  ? 488  GLU A CB  1 
ATOM   566  C  CG  . GLU A 1 80  ? -8.435  1.963   -2.116  1.00 24.53  ? 488  GLU A CG  1 
ATOM   567  C  CD  . GLU A 1 80  ? -6.984  2.186   -2.553  1.00 26.39  ? 488  GLU A CD  1 
ATOM   568  O  OE1 . GLU A 1 80  ? -6.049  1.601   -1.958  1.00 24.82  ? 488  GLU A OE1 1 
ATOM   569  O  OE2 . GLU A 1 80  ? -6.772  2.955   -3.521  1.00 25.31  ? 488  GLU A OE2 1 
ATOM   570  N  N   . VAL A 1 81  ? -8.516  -1.254  -3.624  1.00 23.24  ? 489  VAL A N   1 
ATOM   571  C  CA  . VAL A 1 81  ? -9.143  -1.551  -4.909  1.00 22.79  ? 489  VAL A CA  1 
ATOM   572  C  C   . VAL A 1 81  ? -9.235  -3.063  -5.121  1.00 22.94  ? 489  VAL A C   1 
ATOM   573  O  O   . VAL A 1 81  ? -8.217  -3.752  -5.151  1.00 22.70  ? 489  VAL A O   1 
ATOM   574  C  CB  . VAL A 1 81  ? -8.366  -0.905  -6.083  1.00 23.04  ? 489  VAL A CB  1 
ATOM   575  C  CG1 . VAL A 1 81  ? -8.923  -1.372  -7.432  1.00 24.50  ? 489  VAL A CG1 1 
ATOM   576  C  CG2 . VAL A 1 81  ? -8.375  0.621   -5.978  1.00 23.30  ? 489  VAL A CG2 1 
ATOM   577  N  N   . ASN A 1 82  ? -10.463 -3.551  -5.255  1.00 22.64  ? 490  ASN A N   1 
ATOM   578  C  CA  . ASN A 1 82  ? -10.738 -4.910  -5.696  1.00 23.13  ? 490  ASN A CA  1 
ATOM   579  C  C   . ASN A 1 82  ? -10.505 -4.940  -7.208  1.00 23.27  ? 490  ASN A C   1 
ATOM   580  O  O   . ASN A 1 82  ? -11.292 -4.365  -7.974  1.00 25.47  ? 490  ASN A O   1 
ATOM   581  C  CB  . ASN A 1 82  ? -12.180 -5.301  -5.315  1.00 23.10  ? 490  ASN A CB  1 
ATOM   582  C  CG  . ASN A 1 82  ? -12.521 -6.751  -5.646  1.00 23.52  ? 490  ASN A CG  1 
ATOM   583  O  OD1 . ASN A 1 82  ? -12.091 -7.294  -6.658  1.00 24.38  ? 490  ASN A OD1 1 
ATOM   584  N  ND2 . ASN A 1 82  ? -13.326 -7.375  -4.794  1.00 23.29  ? 490  ASN A ND2 1 
ATOM   585  N  N   . THR A 1 83  ? -9.393  -5.553  -7.625  1.00 24.06  ? 491  THR A N   1 
ATOM   586  C  CA  . THR A 1 83  ? -8.999  -5.628  -9.039  1.00 23.26  ? 491  THR A CA  1 
ATOM   587  C  C   . THR A 1 83  ? -10.164 -6.171  -9.867  1.00 24.27  ? 491  THR A C   1 
ATOM   588  O  O   . THR A 1 83  ? -10.779 -7.163  -9.504  1.00 22.07  ? 491  THR A O   1 
ATOM   589  C  CB  . THR A 1 83  ? -7.773  -6.550  -9.240  1.00 22.98  ? 491  THR A CB  1 
ATOM   590  O  OG1 . THR A 1 83  ? -6.651  -6.030  -8.512  1.00 22.78  ? 491  THR A OG1 1 
ATOM   591  C  CG2 . THR A 1 83  ? -7.378  -6.642  -10.725 1.00 23.52  ? 491  THR A CG2 1 
ATOM   592  N  N   . ASP A 1 84  ? -10.487 -5.508  -10.971 1.00 23.28  ? 492  ASP A N   1 
ATOM   593  C  CA  . ASP A 1 84  ? -11.579 -5.972  -11.808 1.00 24.69  ? 492  ASP A CA  1 
ATOM   594  C  C   . ASP A 1 84  ? -11.072 -7.007  -12.806 1.00 24.82  ? 492  ASP A C   1 
ATOM   595  O  O   . ASP A 1 84  ? -10.496 -6.656  -13.825 1.00 25.28  ? 492  ASP A O   1 
ATOM   596  C  CB  . ASP A 1 84  ? -12.228 -4.781  -12.522 1.00 25.58  ? 492  ASP A CB  1 
ATOM   597  C  CG  . ASP A 1 84  ? -13.404 -5.181  -13.394 1.00 26.90  ? 492  ASP A CG  1 
ATOM   598  O  OD1 . ASP A 1 84  ? -13.878 -6.335  -13.326 1.00 26.63  ? 492  ASP A OD1 1 
ATOM   599  O  OD2 . ASP A 1 84  ? -13.857 -4.318  -14.165 1.00 27.98  ? 492  ASP A OD2 1 
ATOM   600  N  N   . GLU A 1 85  ? -11.284 -8.289  -12.512 1.00 24.03  ? 493  GLU A N   1 
ATOM   601  C  CA  . GLU A 1 85  ? -10.764 -9.351  -13.377 1.00 24.28  ? 493  GLU A CA  1 
ATOM   602  C  C   . GLU A 1 85  ? -11.520 -9.450  -14.711 1.00 25.23  ? 493  GLU A C   1 
ATOM   603  O  O   . GLU A 1 85  ? -11.112 -10.172 -15.618 1.00 25.37  ? 493  GLU A O   1 
ATOM   604  C  CB  . GLU A 1 85  ? -10.739 -10.702 -12.652 1.00 23.75  ? 493  GLU A CB  1 
ATOM   605  C  CG  . GLU A 1 85  ? -9.546  -10.885 -11.721 1.00 23.84  ? 493  GLU A CG  1 
ATOM   606  C  CD  . GLU A 1 85  ? -9.747  -10.288 -10.339 1.00 23.22  ? 493  GLU A CD  1 
ATOM   607  O  OE1 . GLU A 1 85  ? -10.898 -10.189 -9.862  1.00 23.55  ? 493  GLU A OE1 1 
ATOM   608  O  OE2 . GLU A 1 85  ? -8.739  -9.922  -9.702  1.00 23.79  ? 493  GLU A OE2 1 
ATOM   609  N  N   . CYS A 1 86  ? -12.620 -8.716  -14.812 1.00 25.23  ? 494  CYS A N   1 
ATOM   610  C  CA  . CYS A 1 86  ? -13.414 -8.676  -16.024 1.00 27.78  ? 494  CYS A CA  1 
ATOM   611  C  C   . CYS A 1 86  ? -12.871 -7.615  -16.994 1.00 28.52  ? 494  CYS A C   1 
ATOM   612  O  O   . CYS A 1 86  ? -13.219 -7.624  -18.174 1.00 29.29  ? 494  CYS A O   1 
ATOM   613  C  CB  . CYS A 1 86  ? -14.890 -8.449  -15.678 1.00 27.86  ? 494  CYS A CB  1 
ATOM   614  S  SG  . CYS A 1 86  ? -15.615 -9.882  -14.828 1.00 29.86  ? 494  CYS A SG  1 
ATOM   615  N  N   . ALA A 1 87  ? -11.986 -6.742  -16.500 1.00 28.46  ? 495  ALA A N   1 
ATOM   616  C  CA  . ALA A 1 87  ? -11.387 -5.661  -17.309 1.00 30.28  ? 495  ALA A CA  1 
ATOM   617  C  C   . ALA A 1 87  ? -10.836 -6.094  -18.677 1.00 30.90  ? 495  ALA A C   1 
ATOM   618  O  O   . ALA A 1 87  ? -11.088 -5.419  -19.677 1.00 32.40  ? 495  ALA A O   1 
ATOM   619  C  CB  . ALA A 1 87  ? -10.314 -4.916  -16.517 1.00 30.71  ? 495  ALA A CB  1 
ATOM   620  N  N   . SER A 1 88  ? -10.112 -7.217  -18.726 1.00 31.40  ? 496  SER A N   1 
ATOM   621  C  CA  . SER A 1 88  ? -9.500  -7.698  -19.976 1.00 31.30  ? 496  SER A CA  1 
ATOM   622  C  C   . SER A 1 88  ? -10.454 -8.489  -20.889 1.00 30.69  ? 496  SER A C   1 
ATOM   623  O  O   . SER A 1 88  ? -10.018 -9.087  -21.872 1.00 31.76  ? 496  SER A O   1 
ATOM   624  C  CB  . SER A 1 88  ? -8.222  -8.504  -19.696 1.00 33.32  ? 496  SER A CB  1 
ATOM   625  O  OG  . SER A 1 88  ? -8.493  -9.697  -18.968 1.00 34.81  ? 496  SER A OG  1 
ATOM   626  N  N   . SER A 1 89  ? -11.745 -8.468  -20.567 1.00 29.29  ? 497  SER A N   1 
ATOM   627  C  CA  . SER A 1 89  ? -12.774 -9.198  -21.319 1.00 30.16  ? 497  SER A CA  1 
ATOM   628  C  C   . SER A 1 89  ? -12.422 -10.672 -21.523 1.00 29.56  ? 497  SER A C   1 
ATOM   629  O  O   . SER A 1 89  ? -12.332 -11.131 -22.663 1.00 31.16  ? 497  SER A O   1 
ATOM   630  C  CB  . SER A 1 89  ? -13.047 -8.532  -22.679 1.00 30.80  ? 497  SER A CB  1 
ATOM   631  O  OG  . SER A 1 89  ? -13.561 -7.226  -22.509 1.00 33.58  ? 497  SER A OG  1 
ATOM   632  N  N   . PRO A 1 90  ? -12.217 -11.424 -20.421 1.00 28.15  ? 498  PRO A N   1 
ATOM   633  C  CA  . PRO A 1 90  ? -11.748 -12.807 -20.589 1.00 27.85  ? 498  PRO A CA  1 
ATOM   634  C  C   . PRO A 1 90  ? -12.806 -13.794 -21.123 1.00 27.62  ? 498  PRO A C   1 
ATOM   635  O  O   . PRO A 1 90  ? -12.447 -14.859 -21.619 1.00 28.77  ? 498  PRO A O   1 
ATOM   636  C  CB  . PRO A 1 90  ? -11.302 -13.194 -19.175 1.00 27.05  ? 498  PRO A CB  1 
ATOM   637  C  CG  . PRO A 1 90  ? -12.166 -12.374 -18.275 1.00 26.21  ? 498  PRO A CG  1 
ATOM   638  C  CD  . PRO A 1 90  ? -12.475 -11.089 -19.004 1.00 27.56  ? 498  PRO A CD  1 
ATOM   639  N  N   . CYS A 1 91  ? -14.087 -13.454 -21.019 1.00 27.36  ? 499  CYS A N   1 
ATOM   640  C  CA  . CYS A 1 91  ? -15.155 -14.357 -21.470 1.00 27.85  ? 499  CYS A CA  1 
ATOM   641  C  C   . CYS A 1 91  ? -15.350 -14.271 -22.980 1.00 29.09  ? 499  CYS A C   1 
ATOM   642  O  O   . CYS A 1 91  ? -15.708 -13.207 -23.499 1.00 29.83  ? 499  CYS A O   1 
ATOM   643  C  CB  . CYS A 1 91  ? -16.474 -14.052 -20.753 1.00 27.81  ? 499  CYS A CB  1 
ATOM   644  S  SG  . CYS A 1 91  ? -16.407 -14.053 -18.944 1.00 27.52  ? 499  CYS A SG  1 
ATOM   645  N  N   . LEU A 1 92  ? -15.109 -15.383 -23.679 1.00 29.06  ? 500  LEU A N   1 
ATOM   646  C  CA  . LEU A 1 92  ? -15.368 -15.449 -25.124 1.00 29.81  ? 500  LEU A CA  1 
ATOM   647  C  C   . LEU A 1 92  ? -16.874 -15.420 -25.447 1.00 29.65  ? 500  LEU A C   1 
ATOM   648  O  O   . LEU A 1 92  ? -17.715 -15.630 -24.567 1.00 27.81  ? 500  LEU A O   1 
ATOM   649  C  CB  . LEU A 1 92  ? -14.688 -16.670 -25.764 1.00 30.53  ? 500  LEU A CB  1 
ATOM   650  C  CG  . LEU A 1 92  ? -13.161 -16.836 -25.659 1.00 31.89  ? 500  LEU A CG  1 
ATOM   651  C  CD1 . LEU A 1 92  ? -12.704 -18.167 -26.238 1.00 31.71  ? 500  LEU A CD1 1 
ATOM   652  C  CD2 . LEU A 1 92  ? -12.411 -15.695 -26.329 1.00 31.21  ? 500  LEU A CD2 1 
ATOM   653  N  N   . HIS A 1 93  ? -17.198 -15.135 -26.710 1.00 30.28  ? 501  HIS A N   1 
ATOM   654  C  CA  . HIS A 1 93  ? -18.573 -15.185 -27.229 1.00 30.09  ? 501  HIS A CA  1 
ATOM   655  C  C   . HIS A 1 93  ? -19.573 -14.359 -26.463 1.00 30.57  ? 501  HIS A C   1 
ATOM   656  O  O   . HIS A 1 93  ? -20.684 -14.819 -26.188 1.00 30.94  ? 501  HIS A O   1 
ATOM   657  C  CB  . HIS A 1 93  ? -19.043 -16.635 -27.345 1.00 31.43  ? 501  HIS A CB  1 
ATOM   658  C  CG  . HIS A 1 93  ? -18.149 -17.486 -28.205 1.00 32.16  ? 501  HIS A CG  1 
ATOM   659  N  ND1 . HIS A 1 93  ? -17.352 -18.445 -27.697 1.00 33.54  ? 501  HIS A ND1 1 
ATOM   660  C  CD2 . HIS A 1 93  ? -17.924 -17.474 -29.579 1.00 32.67  ? 501  HIS A CD2 1 
ATOM   661  C  CE1 . HIS A 1 93  ? -16.659 -19.025 -28.692 1.00 33.02  ? 501  HIS A CE1 1 
ATOM   662  N  NE2 . HIS A 1 93  ? -17.008 -18.428 -29.843 1.00 34.18  ? 501  HIS A NE2 1 
ATOM   663  N  N   . ASN A 1 94  ? -19.181 -13.133 -26.112 1.00 30.28  ? 502  ASN A N   1 
ATOM   664  C  CA  . ASN A 1 94  ? -20.048 -12.182 -25.408 1.00 31.98  ? 502  ASN A CA  1 
ATOM   665  C  C   . ASN A 1 94  ? -20.598 -12.702 -24.078 1.00 31.27  ? 502  ASN A C   1 
ATOM   666  O  O   . ASN A 1 94  ? -21.673 -12.291 -23.634 1.00 31.44  ? 502  ASN A O   1 
ATOM   667  C  CB  . ASN A 1 94  ? -21.190 -11.694 -26.319 1.00 34.72  ? 502  ASN A CB  1 
ATOM   668  C  CG  . ASN A 1 94  ? -20.686 -11.091 -27.612 1.00 37.10  ? 502  ASN A CG  1 
ATOM   669  O  OD1 . ASN A 1 94  ? -20.682 -11.749 -28.654 1.00 39.18  ? 502  ASN A OD1 1 
ATOM   670  N  ND2 . ASN A 1 94  ? -20.232 -9.846  -27.550 1.00 37.46  ? 502  ASN A ND2 1 
ATOM   671  N  N   . GLY A 1 95  ? -19.851 -13.598 -23.437 1.00 30.79  ? 503  GLY A N   1 
ATOM   672  C  CA  . GLY A 1 95  ? -20.238 -14.104 -22.123 1.00 30.50  ? 503  GLY A CA  1 
ATOM   673  C  C   . GLY A 1 95  ? -20.304 -12.983 -21.106 1.00 30.59  ? 503  GLY A C   1 
ATOM   674  O  O   . GLY A 1 95  ? -19.532 -12.022 -21.179 1.00 30.08  ? 503  GLY A O   1 
ATOM   675  N  N   . ARG A 1 96  ? -21.233 -13.092 -20.160 1.00 31.03  ? 504  ARG A N   1 
ATOM   676  C  CA  . ARG A 1 96  ? -21.355 -12.099 -19.100 1.00 32.47  ? 504  ARG A CA  1 
ATOM   677  C  C   . ARG A 1 96  ? -20.292 -12.385 -18.053 1.00 31.34  ? 504  ARG A C   1 
ATOM   678  O  O   . ARG A 1 96  ? -20.210 -13.509 -17.553 1.00 29.67  ? 504  ARG A O   1 
ATOM   679  C  CB  . ARG A 1 96  ? -22.752 -12.130 -18.474 1.00 35.27  ? 504  ARG A CB  1 
ATOM   680  C  CG  . ARG A 1 96  ? -22.958 -11.124 -17.351 1.00 37.26  ? 504  ARG A CG  1 
ATOM   681  C  CD  . ARG A 1 96  ? -24.319 -11.291 -16.691 1.00 41.75  ? 504  ARG A CD  1 
ATOM   682  N  NE  . ARG A 1 96  ? -24.451 -10.425 -15.520 1.00 45.12  ? 504  ARG A NE  1 
ATOM   683  C  CZ  . ARG A 1 96  ? -24.757 -10.839 -14.291 1.00 46.05  ? 504  ARG A CZ  1 
ATOM   684  N  NH1 . ARG A 1 96  ? -24.992 -12.126 -14.042 1.00 46.42  ? 504  ARG A NH1 1 
ATOM   685  N  NH2 . ARG A 1 96  ? -24.843 -9.957  -13.303 1.00 46.71  ? 504  ARG A NH2 1 
ATOM   686  N  N   . CYS A 1 97  ? -19.482 -11.379 -17.732 1.00 30.46  ? 505  CYS A N   1 
ATOM   687  C  CA  . CYS A 1 97  ? -18.393 -11.553 -16.764 1.00 29.81  ? 505  CYS A CA  1 
ATOM   688  C  C   . CYS A 1 97  ? -18.778 -11.043 -15.373 1.00 30.12  ? 505  CYS A C   1 
ATOM   689  O  O   . CYS A 1 97  ? -19.241 -9.908  -15.208 1.00 29.92  ? 505  CYS A O   1 
ATOM   690  C  CB  . CYS A 1 97  ? -17.085 -10.915 -17.263 1.00 29.80  ? 505  CYS A CB  1 
ATOM   691  S  SG  . CYS A 1 97  ? -15.605 -11.319 -16.282 1.00 30.69  ? 505  CYS A SG  1 
ATOM   692  N  N   . LEU A 1 98  ? -18.592 -11.909 -14.382 1.00 29.27  ? 506  LEU A N   1 
ATOM   693  C  CA  . LEU A 1 98  ? -18.835 -11.577 -12.985 1.00 29.67  ? 506  LEU A CA  1 
ATOM   694  C  C   . LEU A 1 98  ? -17.505 -11.479 -12.254 1.00 27.65  ? 506  LEU A C   1 
ATOM   695  O  O   . LEU A 1 98  ? -16.714 -12.421 -12.291 1.00 26.53  ? 506  LEU A O   1 
ATOM   696  C  CB  . LEU A 1 98  ? -19.698 -12.657 -12.327 1.00 30.73  ? 506  LEU A CB  1 
ATOM   697  C  CG  . LEU A 1 98  ? -21.156 -12.807 -12.780 1.00 32.88  ? 506  LEU A CG  1 
ATOM   698  C  CD1 . LEU A 1 98  ? -21.764 -14.082 -12.208 1.00 32.93  ? 506  LEU A CD1 1 
ATOM   699  C  CD2 . LEU A 1 98  ? -21.965 -11.598 -12.347 1.00 34.89  ? 506  LEU A CD2 1 
ATOM   700  N  N   . ASP A 1 99  ? -17.255 -10.344 -11.606 1.00 25.77  ? 507  ASP A N   1 
ATOM   701  C  CA  . ASP A 1 99  ? -15.994 -10.149 -10.893 1.00 25.90  ? 507  ASP A CA  1 
ATOM   702  C  C   . ASP A 1 99  ? -16.031 -10.806 -9.513  1.00 25.37  ? 507  ASP A C   1 
ATOM   703  O  O   . ASP A 1 99  ? -17.005 -10.660 -8.788  1.00 27.53  ? 507  ASP A O   1 
ATOM   704  C  CB  . ASP A 1 99  ? -15.662 -8.665  -10.747 1.00 25.78  ? 507  ASP A CB  1 
ATOM   705  C  CG  . ASP A 1 99  ? -14.305 -8.445  -10.113 1.00 25.14  ? 507  ASP A CG  1 
ATOM   706  O  OD1 . ASP A 1 99  ? -13.307 -8.922  -10.693 1.00 23.53  ? 507  ASP A OD1 1 
ATOM   707  O  OD2 . ASP A 1 99  ? -14.230 -7.831  -9.029  1.00 27.32  ? 507  ASP A OD2 1 
ATOM   708  N  N   . LYS A 1 100 ? -14.966 -11.524 -9.164  1.00 25.71  ? 508  LYS A N   1 
ATOM   709  C  CA  . LYS A 1 100 ? -14.839 -12.146 -7.844  1.00 25.46  ? 508  LYS A CA  1 
ATOM   710  C  C   . LYS A 1 100 ? -13.524 -11.696 -7.211  1.00 24.13  ? 508  LYS A C   1 
ATOM   711  O  O   . LYS A 1 100 ? -12.921 -10.742 -7.670  1.00 22.64  ? 508  LYS A O   1 
ATOM   712  C  CB  . LYS A 1 100 ? -14.909 -13.677 -7.950  1.00 26.36  ? 508  LYS A CB  1 
ATOM   713  C  CG  . LYS A 1 100 ? -16.076 -14.232 -8.758  1.00 27.81  ? 508  LYS A CG  1 
ATOM   714  C  CD  . LYS A 1 100 ? -17.394 -14.037 -8.024  1.00 31.20  ? 508  LYS A CD  1 
ATOM   715  C  CE  . LYS A 1 100 ? -18.545 -14.702 -8.757  1.00 33.78  ? 508  LYS A CE  1 
ATOM   716  N  NZ  . LYS A 1 100 ? -19.854 -14.332 -8.153  1.00 36.03  ? 508  LYS A NZ  1 
ATOM   717  N  N   . ILE A 1 101 ? -13.068 -12.367 -6.159  1.00 23.62  ? 509  ILE A N   1 
ATOM   718  C  CA  . ILE A 1 101 ? -11.785 -11.993 -5.561  1.00 23.82  ? 509  ILE A CA  1 
ATOM   719  C  C   . ILE A 1 101 ? -10.669 -12.795 -6.232  1.00 22.76  ? 509  ILE A C   1 
ATOM   720  O  O   . ILE A 1 101 ? -10.618 -14.024 -6.121  1.00 23.33  ? 509  ILE A O   1 
ATOM   721  C  CB  . ILE A 1 101 ? -11.782 -12.150 -4.022  1.00 24.23  ? 509  ILE A CB  1 
ATOM   722  C  CG1 . ILE A 1 101 ? -12.885 -11.286 -3.395  1.00 25.23  ? 509  ILE A CG1 1 
ATOM   723  C  CG2 . ILE A 1 101 ? -10.427 -11.754 -3.436  1.00 24.73  ? 509  ILE A CG2 1 
ATOM   724  C  CD1 . ILE A 1 101 ? -13.292 -11.728 -2.004  1.00 26.48  ? 509  ILE A CD1 1 
ATOM   725  N  N   . ASN A 1 102 ? -9.796  -12.083 -6.953  1.00 21.84  ? 510  ASN A N   1 
ATOM   726  C  CA  . ASN A 1 102 ? -8.701  -12.673 -7.734  1.00 22.38  ? 510  ASN A CA  1 
ATOM   727  C  C   . ASN A 1 102 ? -9.176  -13.765 -8.694  1.00 22.17  ? 510  ASN A C   1 
ATOM   728  O  O   . ASN A 1 102 ? -8.473  -14.742 -8.950  1.00 21.97  ? 510  ASN A O   1 
ATOM   729  C  CB  . ASN A 1 102 ? -7.574  -13.191 -6.830  1.00 22.31  ? 510  ASN A CB  1 
ATOM   730  C  CG  . ASN A 1 102 ? -6.259  -13.340 -7.569  1.00 23.09  ? 510  ASN A CG  1 
ATOM   731  O  OD1 . ASN A 1 102 ? -5.983  -12.615 -8.534  1.00 22.62  ? 510  ASN A OD1 1 
ATOM   732  N  ND2 . ASN A 1 102 ? -5.451  -14.297 -7.143  1.00 22.82  ? 510  ASN A ND2 1 
ATOM   733  N  N   . GLU A 1 103 ? -10.379 -13.570 -9.222  1.00 23.07  ? 511  GLU A N   1 
ATOM   734  C  CA  . GLU A 1 103 ? -11.070 -14.567 -10.027 1.00 23.60  ? 511  GLU A CA  1 
ATOM   735  C  C   . GLU A 1 103 ? -12.248 -13.900 -10.731 1.00 23.18  ? 511  GLU A C   1 
ATOM   736  O  O   . GLU A 1 103 ? -12.650 -12.794 -10.373 1.00 23.12  ? 511  GLU A O   1 
ATOM   737  C  CB  . GLU A 1 103 ? -11.563 -15.717 -9.138  1.00 24.31  ? 511  GLU A CB  1 
ATOM   738  C  CG  . GLU A 1 103 ? -12.153 -16.916 -9.868  1.00 26.31  ? 511  GLU A CG  1 
ATOM   739  C  CD  . GLU A 1 103 ? -11.210 -17.505 -10.899 1.00 27.30  ? 511  GLU A CD  1 
ATOM   740  O  OE1 . GLU A 1 103 ? -10.424 -18.409 -10.549 1.00 30.16  ? 511  GLU A OE1 1 
ATOM   741  O  OE2 . GLU A 1 103 ? -11.253 -17.089 -12.080 1.00 26.90  ? 511  GLU A OE2 1 
ATOM   742  N  N   . PHE A 1 104 ? -12.780 -14.570 -11.747 1.00 23.83  ? 512  PHE A N   1 
ATOM   743  C  CA  . PHE A 1 104 ? -13.985 -14.118 -12.431 1.00 25.09  ? 512  PHE A CA  1 
ATOM   744  C  C   . PHE A 1 104 ? -14.836 -15.337 -12.764 1.00 25.13  ? 512  PHE A C   1 
ATOM   745  O  O   . PHE A 1 104 ? -14.343 -16.467 -12.759 1.00 24.98  ? 512  PHE A O   1 
ATOM   746  C  CB  . PHE A 1 104 ? -13.637 -13.357 -13.724 1.00 24.37  ? 512  PHE A CB  1 
ATOM   747  C  CG  . PHE A 1 104 ? -12.858 -14.181 -14.708 1.00 23.63  ? 512  PHE A CG  1 
ATOM   748  C  CD1 . PHE A 1 104 ? -11.472 -14.219 -14.650 1.00 23.67  ? 512  PHE A CD1 1 
ATOM   749  C  CD2 . PHE A 1 104 ? -13.515 -14.952 -15.669 1.00 22.83  ? 512  PHE A CD2 1 
ATOM   750  C  CE1 . PHE A 1 104 ? -10.754 -15.009 -15.528 1.00 22.99  ? 512  PHE A CE1 1 
ATOM   751  C  CE2 . PHE A 1 104 ? -12.801 -15.738 -16.557 1.00 23.42  ? 512  PHE A CE2 1 
ATOM   752  C  CZ  . PHE A 1 104 ? -11.417 -15.764 -16.486 1.00 24.16  ? 512  PHE A CZ  1 
ATOM   753  N  N   . GLN A 1 105 ? -16.105 -15.086 -13.070 1.00 27.66  ? 513  GLN A N   1 
ATOM   754  C  CA  . GLN A 1 105 ? -17.018 -16.115 -13.557 1.00 29.25  ? 513  GLN A CA  1 
ATOM   755  C  C   . GLN A 1 105 ? -17.625 -15.647 -14.867 1.00 28.63  ? 513  GLN A C   1 
ATOM   756  O  O   . GLN A 1 105 ? -18.060 -14.497 -14.977 1.00 29.29  ? 513  GLN A O   1 
ATOM   757  C  CB  . GLN A 1 105 ? -18.147 -16.357 -12.557 1.00 32.84  ? 513  GLN A CB  1 
ATOM   758  C  CG  . GLN A 1 105 ? -17.899 -17.478 -11.564 1.00 38.02  ? 513  GLN A CG  1 
ATOM   759  C  CD  . GLN A 1 105 ? -19.103 -17.728 -10.667 1.00 39.83  ? 513  GLN A CD  1 
ATOM   760  O  OE1 . GLN A 1 105 ? -20.253 -17.635 -11.106 1.00 41.72  ? 513  GLN A OE1 1 
ATOM   761  N  NE2 . GLN A 1 105 ? -18.841 -18.049 -9.403  1.00 41.95  ? 513  GLN A NE2 1 
ATOM   762  N  N   . CYS A 1 106 ? -17.663 -16.545 -15.844 1.00 27.56  ? 514  CYS A N   1 
ATOM   763  C  CA  . CYS A 1 106 ? -18.339 -16.277 -17.111 1.00 27.96  ? 514  CYS A CA  1 
ATOM   764  C  C   . CYS A 1 106 ? -19.714 -16.931 -17.148 1.00 28.39  ? 514  CYS A C   1 
ATOM   765  O  O   . CYS A 1 106 ? -19.844 -18.131 -16.915 1.00 28.14  ? 514  CYS A O   1 
ATOM   766  C  CB  . CYS A 1 106 ? -17.504 -16.776 -18.283 1.00 27.71  ? 514  CYS A CB  1 
ATOM   767  S  SG  . CYS A 1 106 ? -15.910 -15.953 -18.444 1.00 27.58  ? 514  CYS A SG  1 
ATOM   768  N  N   . GLU A 1 107 ? -20.735 -16.127 -17.433 1.00 29.25  ? 515  GLU A N   1 
ATOM   769  C  CA  . GLU A 1 107 ? -22.067 -16.655 -17.727 1.00 31.63  ? 515  GLU A CA  1 
ATOM   770  C  C   . GLU A 1 107 ? -22.214 -16.692 -19.241 1.00 30.69  ? 515  GLU A C   1 
ATOM   771  O  O   . GLU A 1 107 ? -22.448 -15.666 -19.884 1.00 31.18  ? 515  GLU A O   1 
ATOM   772  C  CB  . GLU A 1 107 ? -23.161 -15.801 -17.087 1.00 35.02  ? 515  GLU A CB  1 
ATOM   773  C  CG  . GLU A 1 107 ? -23.070 -15.712 -15.570 1.00 39.59  ? 515  GLU A CG  1 
ATOM   774  C  CD  . GLU A 1 107 ? -24.377 -15.296 -14.927 1.00 43.88  ? 515  GLU A CD  1 
ATOM   775  O  OE1 . GLU A 1 107 ? -25.060 -14.396 -15.468 1.00 46.49  ? 515  GLU A OE1 1 
ATOM   776  O  OE2 . GLU A 1 107 ? -24.721 -15.872 -13.873 1.00 45.97  ? 515  GLU A OE2 1 
ATOM   777  N  N   . CYS A 1 108 ? -22.047 -17.884 -19.798 1.00 29.79  ? 516  CYS A N   1 
ATOM   778  C  CA  . CYS A 1 108 ? -21.972 -18.080 -21.243 1.00 29.90  ? 516  CYS A CA  1 
ATOM   779  C  C   . CYS A 1 108 ? -23.357 -18.040 -21.884 1.00 30.16  ? 516  CYS A C   1 
ATOM   780  O  O   . CYS A 1 108 ? -24.343 -18.434 -21.254 1.00 30.62  ? 516  CYS A O   1 
ATOM   781  C  CB  . CYS A 1 108 ? -21.280 -19.410 -21.551 1.00 30.87  ? 516  CYS A CB  1 
ATOM   782  S  SG  . CYS A 1 108 ? -19.643 -19.593 -20.792 1.00 31.49  ? 516  CYS A SG  1 
ATOM   783  N  N   . PRO A 1 109 ? -23.439 -17.542 -23.134 1.00 29.91  ? 517  PRO A N   1 
ATOM   784  C  CA  . PRO A 1 109 ? -24.721 -17.578 -23.832 1.00 30.34  ? 517  PRO A CA  1 
ATOM   785  C  C   . PRO A 1 109 ? -25.055 -19.003 -24.261 1.00 31.19  ? 517  PRO A C   1 
ATOM   786  O  O   . PRO A 1 109 ? -24.188 -19.888 -24.209 1.00 29.87  ? 517  PRO A O   1 
ATOM   787  C  CB  . PRO A 1 109 ? -24.481 -16.685 -25.054 1.00 29.92  ? 517  PRO A CB  1 
ATOM   788  C  CG  . PRO A 1 109 ? -23.018 -16.793 -25.302 1.00 30.67  ? 517  PRO A CG  1 
ATOM   789  C  CD  . PRO A 1 109 ? -22.391 -16.892 -23.941 1.00 29.92  ? 517  PRO A CD  1 
ATOM   790  N  N   . THR A 1 110 ? -26.302 -19.218 -24.682 1.00 30.84  ? 518  THR A N   1 
ATOM   791  C  CA  . THR A 1 110 ? -26.755 -20.534 -25.121 1.00 30.47  ? 518  THR A CA  1 
ATOM   792  C  C   . THR A 1 110 ? -25.779 -21.156 -26.118 1.00 31.47  ? 518  THR A C   1 
ATOM   793  O  O   . THR A 1 110 ? -25.337 -20.503 -27.066 1.00 33.14  ? 518  THR A O   1 
ATOM   794  C  CB  . THR A 1 110 ? -28.180 -20.454 -25.713 1.00 29.27  ? 518  THR A CB  1 
ATOM   795  O  OG1 . THR A 1 110 ? -29.069 -19.901 -24.736 1.00 28.05  ? 518  THR A OG1 1 
ATOM   796  C  CG2 . THR A 1 110 ? -28.684 -21.833 -26.112 1.00 31.35  ? 518  THR A CG2 1 
ATOM   797  N  N   . GLY A 1 111 ? -25.408 -22.411 -25.881 1.00 32.94  ? 519  GLY A N   1 
ATOM   798  C  CA  . GLY A 1 111 ? -24.576 -23.141 -26.829 1.00 32.75  ? 519  GLY A CA  1 
ATOM   799  C  C   . GLY A 1 111 ? -23.089 -23.075 -26.551 1.00 33.71  ? 519  GLY A C   1 
ATOM   800  O  O   . GLY A 1 111 ? -22.293 -23.683 -27.272 1.00 34.25  ? 519  GLY A O   1 
ATOM   801  N  N   . PHE A 1 112 ? -22.706 -22.328 -25.516 1.00 33.09  ? 520  PHE A N   1 
ATOM   802  C  CA  . PHE A 1 112 ? -21.296 -22.239 -25.126 1.00 33.60  ? 520  PHE A CA  1 
ATOM   803  C  C   . PHE A 1 112 ? -21.107 -22.581 -23.665 1.00 31.34  ? 520  PHE A C   1 
ATOM   804  O  O   . PHE A 1 112 ? -21.959 -22.274 -22.832 1.00 30.96  ? 520  PHE A O   1 
ATOM   805  C  CB  . PHE A 1 112 ? -20.721 -20.852 -25.422 1.00 34.01  ? 520  PHE A CB  1 
ATOM   806  C  CG  . PHE A 1 112 ? -20.603 -20.552 -26.885 1.00 34.83  ? 520  PHE A CG  1 
ATOM   807  C  CD1 . PHE A 1 112 ? -19.527 -21.036 -27.621 1.00 35.54  ? 520  PHE A CD1 1 
ATOM   808  C  CD2 . PHE A 1 112 ? -21.578 -19.797 -27.531 1.00 35.89  ? 520  PHE A CD2 1 
ATOM   809  C  CE1 . PHE A 1 112 ? -19.425 -20.774 -28.981 1.00 37.19  ? 520  PHE A CE1 1 
ATOM   810  C  CE2 . PHE A 1 112 ? -21.479 -19.527 -28.888 1.00 35.67  ? 520  PHE A CE2 1 
ATOM   811  C  CZ  . PHE A 1 112 ? -20.400 -20.012 -29.611 1.00 36.63  ? 520  PHE A CZ  1 
ATOM   812  N  N   . THR A 1 113 ? -19.985 -23.216 -23.357 1.00 30.59  ? 521  THR A N   1 
ATOM   813  C  CA  . THR A 1 113 ? -19.680 -23.573 -21.983 1.00 30.80  ? 521  THR A CA  1 
ATOM   814  C  C   . THR A 1 113 ? -18.178 -23.495 -21.701 1.00 30.98  ? 521  THR A C   1 
ATOM   815  O  O   . THR A 1 113 ? -17.372 -23.254 -22.614 1.00 30.46  ? 521  THR A O   1 
ATOM   816  C  CB  . THR A 1 113 ? -20.270 -24.953 -21.595 1.00 30.64  ? 521  THR A CB  1 
ATOM   817  O  OG1 . THR A 1 113 ? -20.163 -25.126 -20.178 1.00 32.79  ? 521  THR A OG1 1 
ATOM   818  C  CG2 . THR A 1 113 ? -19.557 -26.095 -22.307 1.00 29.95  ? 521  THR A CG2 1 
ATOM   819  N  N   . GLY A 1 114 ? -17.812 -23.681 -20.436 1.00 30.47  ? 522  GLY A N   1 
ATOM   820  C  CA  . GLY A 1 114 ? -16.424 -23.585 -20.022 1.00 28.72  ? 522  GLY A CA  1 
ATOM   821  C  C   . GLY A 1 114 ? -16.150 -22.286 -19.295 1.00 28.31  ? 522  GLY A C   1 
ATOM   822  O  O   . GLY A 1 114 ? -16.883 -21.306 -19.454 1.00 28.04  ? 522  GLY A O   1 
ATOM   823  N  N   . HIS A 1 115 ? -15.089 -22.287 -18.490 1.00 27.87  ? 523  HIS A N   1 
ATOM   824  C  CA  . HIS A 1 115 ? -14.705 -21.128 -17.689 1.00 28.48  ? 523  HIS A CA  1 
ATOM   825  C  C   . HIS A 1 115 ? -14.598 -19.860 -18.498 1.00 27.55  ? 523  HIS A C   1 
ATOM   826  O  O   . HIS A 1 115 ? -14.936 -18.786 -18.012 1.00 27.62  ? 523  HIS A O   1 
ATOM   827  C  CB  . HIS A 1 115 ? -13.400 -21.422 -16.941 1.00 27.32  ? 523  HIS A CB  1 
ATOM   828  C  CG  . HIS A 1 115 ? -12.947 -20.311 -16.024 1.00 27.75  ? 523  HIS A CG  1 
ATOM   829  N  ND1 . HIS A 1 115 ? -13.802 -19.595 -15.267 1.00 28.14  ? 523  HIS A ND1 1 
ATOM   830  C  CD2 . HIS A 1 115 ? -11.680 -19.827 -15.744 1.00 26.98  ? 523  HIS A CD2 1 
ATOM   831  C  CE1 . HIS A 1 115 ? -13.115 -18.686 -14.553 1.00 27.56  ? 523  HIS A CE1 1 
ATOM   832  N  NE2 . HIS A 1 115 ? -11.815 -18.833 -14.841 1.00 27.91  ? 523  HIS A NE2 1 
ATOM   833  N  N   . LEU A 1 116 ? -14.152 -19.973 -19.746 1.00 27.47  ? 524  LEU A N   1 
ATOM   834  C  CA  . LEU A 1 116 ? -13.996 -18.806 -20.619 1.00 27.98  ? 524  LEU A CA  1 
ATOM   835  C  C   . LEU A 1 116 ? -14.945 -18.868 -21.823 1.00 29.40  ? 524  LEU A C   1 
ATOM   836  O  O   . LEU A 1 116 ? -14.747 -18.161 -22.819 1.00 30.08  ? 524  LEU A O   1 
ATOM   837  C  CB  . LEU A 1 116 ? -12.542 -18.692 -21.089 1.00 28.56  ? 524  LEU A CB  1 
ATOM   838  C  CG  . LEU A 1 116 ? -11.464 -18.618 -20.004 1.00 29.30  ? 524  LEU A CG  1 
ATOM   839  C  CD1 . LEU A 1 116 ? -10.186 -19.280 -20.483 1.00 31.72  ? 524  LEU A CD1 1 
ATOM   840  C  CD2 . LEU A 1 116 ? -11.191 -17.181 -19.610 1.00 30.66  ? 524  LEU A CD2 1 
ATOM   841  N  N   . CYS A 1 117 ? -15.967 -19.716 -21.719 1.00 28.93  ? 525  CYS A N   1 
ATOM   842  C  CA  . CYS A 1 117 ? -16.979 -19.898 -22.763 1.00 29.87  ? 525  CYS A CA  1 
ATOM   843  C  C   . CYS A 1 117 ? -16.390 -20.386 -24.086 1.00 30.20  ? 525  CYS A C   1 
ATOM   844  O  O   . CYS A 1 117 ? -16.916 -20.066 -25.159 1.00 31.17  ? 525  CYS A O   1 
ATOM   845  C  CB  . CYS A 1 117 ? -17.785 -18.607 -22.975 1.00 28.78  ? 525  CYS A CB  1 
ATOM   846  S  SG  . CYS A 1 117 ? -18.606 -17.982 -21.497 1.00 29.46  ? 525  CYS A SG  1 
ATOM   847  N  N   . GLN A 1 118 ? -15.314 -21.170 -23.998 1.00 31.22  ? 526  GLN A N   1 
ATOM   848  C  CA  . GLN A 1 118 ? -14.571 -21.674 -25.160 1.00 32.75  ? 526  GLN A CA  1 
ATOM   849  C  C   . GLN A 1 118 ? -15.294 -22.747 -25.946 1.00 33.76  ? 526  GLN A C   1 
ATOM   850  O  O   . GLN A 1 118 ? -15.188 -22.800 -27.177 1.00 34.19  ? 526  GLN A O   1 
ATOM   851  C  CB  . GLN A 1 118 ? -13.271 -22.329 -24.705 1.00 33.00  ? 526  GLN A CB  1 
ATOM   852  C  CG  . GLN A 1 118 ? -12.106 -21.403 -24.488 1.00 33.88  ? 526  GLN A CG  1 
ATOM   853  C  CD  . GLN A 1 118 ? -10.962 -22.135 -23.849 1.00 33.18  ? 526  GLN A CD  1 
ATOM   854  O  OE1 . GLN A 1 118 ? -10.684 -21.944 -22.671 1.00 34.56  ? 526  GLN A OE1 1 
ATOM   855  N  NE2 . GLN A 1 118 ? -10.305 -23.012 -24.614 1.00 34.10  ? 526  GLN A NE2 1 
ATOM   856  N  N   . VAL A 1 119 ? -15.970 -23.638 -25.226 1.00 33.68  ? 527  VAL A N   1 
ATOM   857  C  CA  . VAL A 1 119 ? -16.517 -24.856 -25.818 1.00 34.30  ? 527  VAL A CA  1 
ATOM   858  C  C   . VAL A 1 119 ? -17.804 -24.563 -26.571 1.00 36.09  ? 527  VAL A C   1 
ATOM   859  O  O   . VAL A 1 119 ? -18.769 -24.053 -26.003 1.00 37.32  ? 527  VAL A O   1 
ATOM   860  C  CB  . VAL A 1 119 ? -16.749 -25.953 -24.756 1.00 33.83  ? 527  VAL A CB  1 
ATOM   861  C  CG1 . VAL A 1 119 ? -17.282 -27.224 -25.402 1.00 33.97  ? 527  VAL A CG1 1 
ATOM   862  C  CG2 . VAL A 1 119 ? -15.459 -26.246 -24.003 1.00 33.50  ? 527  VAL A CG2 1 
ATOM   863  N  N   . ASP A 1 120 ? -17.790 -24.870 -27.863 1.00 39.56  ? 528  ASP A N   1 
ATOM   864  C  CA  . ASP A 1 120 ? -18.955 -24.700 -28.715 1.00 43.44  ? 528  ASP A CA  1 
ATOM   865  C  C   . ASP A 1 120 ? -19.797 -25.975 -28.669 1.00 44.06  ? 528  ASP A C   1 
ATOM   866  O  O   . ASP A 1 120 ? -19.280 -27.078 -28.869 1.00 44.04  ? 528  ASP A O   1 
ATOM   867  C  CB  . ASP A 1 120 ? -18.521 -24.393 -30.154 1.00 45.71  ? 528  ASP A CB  1 
ATOM   868  C  CG  . ASP A 1 120 ? -19.614 -23.719 -30.967 1.00 49.10  ? 528  ASP A CG  1 
ATOM   869  O  OD1 . ASP A 1 120 ? -20.779 -24.169 -30.907 1.00 51.04  ? 528  ASP A OD1 1 
ATOM   870  O  OD2 . ASP A 1 120 ? -19.308 -22.731 -31.671 1.00 50.69  ? 528  ASP A OD2 1 
ATOM   871  N  N   . LEU A 1 121 ? -21.089 -25.812 -28.399 1.00 44.21  ? 529  LEU A N   1 
ATOM   872  C  CA  . LEU A 1 121 ? -22.020 -26.937 -28.332 1.00 46.61  ? 529  LEU A CA  1 
ATOM   873  C  C   . LEU A 1 121 ? -23.114 -26.847 -29.401 1.00 50.78  ? 529  LEU A C   1 
ATOM   874  O  O   . LEU A 1 121 ? -23.999 -27.705 -29.462 1.00 51.28  ? 529  LEU A O   1 
ATOM   875  C  CB  . LEU A 1 121 ? -22.654 -27.024 -26.939 1.00 43.38  ? 529  LEU A CB  1 
ATOM   876  C  CG  . LEU A 1 121 ? -21.754 -27.108 -25.699 1.00 43.15  ? 529  LEU A CG  1 
ATOM   877  C  CD1 . LEU A 1 121 ? -22.555 -26.792 -24.446 1.00 41.53  ? 529  LEU A CD1 1 
ATOM   878  C  CD2 . LEU A 1 121 ? -21.085 -28.468 -25.574 1.00 42.61  ? 529  LEU A CD2 1 
ATOM   879  N  N   . HIS A 1 122 ? -23.043 -25.813 -30.242 1.00 55.43  ? 530  HIS A N   1 
ATOM   880  C  CA  . HIS A 1 122 ? -24.059 -25.549 -31.271 1.00 59.33  ? 530  HIS A CA  1 
ATOM   881  C  C   . HIS A 1 122 ? -24.174 -26.632 -32.311 1.00 61.19  ? 530  HIS A C   1 
ATOM   882  O  O   . HIS A 1 122 ? -25.268 -26.897 -32.817 1.00 61.69  ? 530  HIS A O   1 
ATOM   883  C  CB  . HIS A 1 122 ? -23.801 -24.206 -31.951 1.00 60.91  ? 530  HIS A CB  1 
ATOM   884  C  CG  . HIS A 1 122 ? -24.161 -23.010 -31.101 1.00 63.10  ? 530  HIS A CG  1 
ATOM   885  N  ND1 . HIS A 1 122 ? -25.417 -22.530 -31.022 1.00 63.95  ? 530  HIS A ND1 1 
ATOM   886  C  CD2 . HIS A 1 122 ? -23.378 -22.194 -30.286 1.00 64.09  ? 530  HIS A CD2 1 
ATOM   887  C  CE1 . HIS A 1 122 ? -25.441 -21.463 -30.200 1.00 63.90  ? 530  HIS A CE1 1 
ATOM   888  N  NE2 . HIS A 1 122 ? -24.192 -21.257 -29.750 1.00 63.93  ? 530  HIS A NE2 1 
ATOM   889  N  N   . HIS A 1 123 ? -23.050 -27.263 -32.638 1.00 63.41  ? 531  HIS A N   1 
ATOM   890  C  CA  . HIS A 1 123 ? -23.009 -28.302 -33.667 1.00 66.14  ? 531  HIS A CA  1 
ATOM   891  C  C   . HIS A 1 123 ? -23.627 -29.595 -33.202 1.00 66.81  ? 531  HIS A C   1 
ATOM   892  O  O   . HIS A 1 123 ? -24.152 -30.362 -34.010 1.00 67.68  ? 531  HIS A O   1 
ATOM   893  C  CB  . HIS A 1 123 ? -21.577 -28.525 -34.146 1.00 69.16  ? 531  HIS A CB  1 
ATOM   894  C  CG  . HIS A 1 123 ? -20.653 -29.077 -33.083 1.00 72.73  ? 531  HIS A CG  1 
ATOM   895  N  ND1 . HIS A 1 123 ? -20.218 -28.338 -32.043 1.00 73.55  ? 531  HIS A ND1 1 
ATOM   896  C  CD2 . HIS A 1 123 ? -20.084 -30.343 -32.932 1.00 74.25  ? 531  HIS A CD2 1 
ATOM   897  C  CE1 . HIS A 1 123 ? -19.415 -29.090 -31.266 1.00 73.71  ? 531  HIS A CE1 1 
ATOM   898  N  NE2 . HIS A 1 123 ? -19.333 -30.316 -31.811 1.00 74.50  ? 531  HIS A NE2 1 
ATOM   899  N  N   . ILE A 1 124 ? -23.574 -29.836 -31.893 1.00 66.02  ? 532  ILE A N   1 
ATOM   900  C  CA  . ILE A 1 124 ? -24.144 -31.044 -31.286 1.00 66.41  ? 532  ILE A CA  1 
ATOM   901  C  C   . ILE A 1 124 ? -25.680 -31.001 -31.297 1.00 66.33  ? 532  ILE A C   1 
ATOM   902  O  O   . ILE A 1 124 ? -26.339 -32.042 -31.368 1.00 66.90  ? 532  ILE A O   1 
ATOM   903  C  CB  . ILE A 1 124 ? -23.606 -31.264 -29.850 1.00 67.48  ? 532  ILE A CB  1 
ATOM   904  C  CG1 . ILE A 1 124 ? -22.076 -31.143 -29.828 1.00 66.85  ? 532  ILE A CG1 1 
ATOM   905  C  CG2 . ILE A 1 124 ? -24.030 -32.626 -29.307 1.00 67.12  ? 532  ILE A CG2 1 
ATOM   906  C  CD1 . ILE A 1 124 ? -21.488 -30.865 -28.461 1.00 67.02  ? 532  ILE A CD1 1 
ATOM   907  N  N   . LEU A 1 125 ? -26.239 -29.794 -31.245 1.00 64.46  ? 533  LEU A N   1 
ATOM   908  C  CA  . LEU A 1 125 ? -27.688 -29.605 -31.310 1.00 64.43  ? 533  LEU A CA  1 
ATOM   909  C  C   . LEU A 1 125 ? -28.103 -28.780 -32.527 1.00 64.92  ? 533  LEU A C   1 
ATOM   910  O  O   . LEU A 1 125 ? -27.971 -29.228 -33.667 1.00 63.92  ? 533  LEU A O   1 
ATOM   911  C  CB  . LEU A 1 125 ? -28.217 -28.973 -30.014 1.00 63.41  ? 533  LEU A CB  1 
ATOM   912  C  CG  . LEU A 1 125 ? -27.410 -27.878 -29.302 1.00 61.86  ? 533  LEU A CG  1 
ATOM   913  C  CD1 . LEU A 1 125 ? -27.655 -26.511 -29.916 1.00 61.16  ? 533  LEU A CD1 1 
ATOM   914  C  CD2 . LEU A 1 125 ? -27.727 -27.859 -27.812 1.00 60.05  ? 533  LEU A CD2 1 
HETATM 915  C  C1  . FUC B 2 .   ? 1.770   -9.470  4.558   1.00 43.02  ? 1    FUC B C1  1 
HETATM 916  C  C2  . FUC B 2 .   ? 1.579   -10.753 5.381   1.00 48.27  ? 1    FUC B C2  1 
HETATM 917  C  C3  . FUC B 2 .   ? 0.108   -11.192 5.402   1.00 50.48  ? 1    FUC B C3  1 
HETATM 918  C  C4  . FUC B 2 .   ? -0.531  -11.171 4.006   1.00 47.63  ? 1    FUC B C4  1 
HETATM 919  C  C5  . FUC B 2 .   ? -0.257  -9.829  3.325   1.00 45.61  ? 1    FUC B C5  1 
HETATM 920  C  C6  . FUC B 2 .   ? -0.816  -9.792  1.909   1.00 44.70  ? 1    FUC B C6  1 
HETATM 921  O  O2  . FUC B 2 .   ? 2.009   -10.537 6.710   1.00 48.95  ? 1    FUC B O2  1 
HETATM 922  O  O3  . FUC B 2 .   ? -0.028  -12.461 6.014   1.00 56.22  ? 1    FUC B O3  1 
HETATM 923  O  O4  . FUC B 2 .   ? -0.049  -12.240 3.219   1.00 45.42  ? 1    FUC B O4  1 
HETATM 924  O  O5  . FUC B 2 .   ? 1.141   -9.568  3.285   1.00 44.34  ? 1    FUC B O5  1 
HETATM 925  C  C1  . NAG B 2 .   ? -1.425  -12.668 6.315   1.00 62.16  ? 2    NAG B C1  1 
HETATM 926  C  C2  . NAG B 2 .   ? -1.713  -14.077 6.837   1.00 65.63  ? 2    NAG B C2  1 
HETATM 927  C  C3  . NAG B 2 .   ? -3.228  -14.288 6.998   1.00 66.98  ? 2    NAG B C3  1 
HETATM 928  C  C4  . NAG B 2 .   ? -3.960  -13.073 7.605   1.00 66.87  ? 2    NAG B C4  1 
HETATM 929  C  C5  . NAG B 2 .   ? -3.361  -11.716 7.207   1.00 65.25  ? 2    NAG B C5  1 
HETATM 930  C  C6  . NAG B 2 .   ? -3.840  -10.585 8.112   1.00 65.35  ? 2    NAG B C6  1 
HETATM 931  C  C7  . NAG B 2 .   ? -1.334  -15.548 4.821   1.00 70.05  ? 2    NAG B C7  1 
HETATM 932  C  C8  . NAG B 2 .   ? -0.441  -16.627 4.278   1.00 68.61  ? 2    NAG B C8  1 
HETATM 933  N  N2  . NAG B 2 .   ? -1.033  -15.115 6.054   1.00 68.24  ? 2    NAG B N2  1 
HETATM 934  O  O3  . NAG B 2 .   ? -3.462  -15.424 7.804   1.00 69.58  ? 2    NAG B O3  1 
HETATM 935  O  O4  . NAG B 2 .   ? -5.318  -13.105 7.217   1.00 68.04  ? 2    NAG B O4  1 
HETATM 936  O  O5  . NAG B 2 .   ? -1.948  -11.749 7.249   1.00 63.41  ? 2    NAG B O5  1 
HETATM 937  O  O6  . NAG B 2 .   ? -3.140  -9.402  7.787   1.00 64.11  ? 2    NAG B O6  1 
HETATM 938  O  O7  . NAG B 2 .   ? -2.267  -15.130 4.133   1.00 71.75  ? 2    NAG B O7  1 
HETATM 939  CA CA  . CA  C 3 .   ? 8.487   4.809   10.421  1.00 20.86  ? 1531 CA  A CA  1 
HETATM 940  CA CA  . CA  D 3 .   ? -12.004 -8.768  -8.455  1.00 23.17  ? 1532 CA  A CA  1 
HETATM 941  CA CA  . CA  E 3 .   ? 22.455  27.218  23.365  1.00 24.20  ? 1533 CA  A CA  1 
HETATM 942  CA CA  . CA  F 3 .   ? -9.985  -18.532 -13.275 0.50 20.60  ? 1535 CA  A CA  1 
HETATM 943  O  O   . HOH G 4 .   ? 28.462  29.821  28.830  1.00 54.16  ? 2001 HOH A O   1 
HETATM 944  O  O   . HOH G 4 .   ? 29.679  29.266  22.014  1.00 52.66  ? 2002 HOH A O   1 
HETATM 945  O  O   . HOH G 4 .   ? 23.497  19.408  26.012  1.00 35.69  ? 2003 HOH A O   1 
HETATM 946  O  O   . HOH G 4 .   ? 23.982  14.150  23.489  1.00 42.42  ? 2004 HOH A O   1 
HETATM 947  O  O   . HOH G 4 .   ? 16.328  9.147   6.288   1.00 36.87  ? 2005 HOH A O   1 
HETATM 948  O  O   . HOH G 4 .   ? 20.324  17.309  25.424  1.00 37.28  ? 2006 HOH A O   1 
HETATM 949  O  O   . HOH G 4 .   ? 15.200  17.536  25.004  1.00 32.27  ? 2007 HOH A O   1 
HETATM 950  O  O   . HOH G 4 .   ? 2.258   9.003   10.027  1.00 38.12  ? 2008 HOH A O   1 
HETATM 951  O  O   . HOH G 4 .   ? -13.498 -3.644  -2.334  1.00 33.10  ? 2009 HOH A O   1 
HETATM 952  O  O   . HOH G 4 .   ? -8.217  -11.238 0.953   1.00 55.47  ? 2010 HOH A O   1 
HETATM 953  O  O   . HOH G 4 .   ? -4.966  2.561   -7.625  1.00 46.45  ? 2011 HOH A O   1 
HETATM 954  O  O   . HOH G 4 .   ? -15.265 -3.172  -10.374 1.00 45.77  ? 2012 HOH A O   1 
HETATM 955  O  O   . HOH G 4 .   ? -16.681 -12.727 -5.157  1.00 49.70  ? 2013 HOH A O   1 
HETATM 956  O  O   . HOH G 4 .   ? -16.274 -11.407 -3.689  1.00 54.34  ? 2014 HOH A O   1 
HETATM 957  O  O   . HOH G 4 .   ? -15.251 -18.335 -8.687  1.00 41.15  ? 2015 HOH A O   1 
HETATM 958  O  O   . HOH G 4 .   ? 10.101  4.798   -2.971  1.00 79.34  ? 2016 HOH A O   1 
HETATM 959  O  O   . HOH G 4 .   ? 1.862   -16.752 6.802   1.00 56.18  ? 2017 HOH A O   1 
HETATM 960  O  O   . HOH G 4 .   ? 0.085   -12.846 9.300   1.00 50.91  ? 2018 HOH A O   1 
HETATM 961  O  O   . HOH G 4 .   ? 27.497  33.204  28.439  1.00 45.92  ? 2019 HOH A O   1 
HETATM 962  O  O   . HOH G 4 .   ? 28.189  32.799  25.577  1.00 51.83  ? 2020 HOH A O   1 
HETATM 963  O  O   . HOH G 4 .   ? 29.988  30.982  26.727  1.00 57.02  ? 2021 HOH A O   1 
HETATM 964  O  O   . HOH G 4 .   ? 26.957  30.346  21.973  1.00 46.62  ? 2022 HOH A O   1 
HETATM 965  O  O   . HOH G 4 .   ? 22.050  26.808  25.827  1.00 28.57  ? 2023 HOH A O   1 
HETATM 966  O  O   . HOH G 4 .   ? 23.635  27.648  27.944  1.00 30.83  ? 2024 HOH A O   1 
HETATM 967  O  O   . HOH G 4 .   ? 29.640  26.405  23.782  1.00 36.43  ? 2025 HOH A O   1 
HETATM 968  O  O   . HOH G 4 .   ? 26.064  28.837  17.665  1.00 33.42  ? 2026 HOH A O   1 
HETATM 969  O  O   . HOH G 4 .   ? 30.188  24.587  21.789  1.00 81.25  ? 2027 HOH A O   1 
HETATM 970  O  O   . HOH G 4 .   ? 24.275  18.822  23.268  1.00 37.89  ? 2028 HOH A O   1 
HETATM 971  O  O   . HOH G 4 .   ? 26.974  18.982  19.650  1.00 26.93  ? 2029 HOH A O   1 
HETATM 972  O  O   . HOH G 4 .   ? 20.266  22.302  26.979  1.00 29.63  ? 2030 HOH A O   1 
HETATM 973  O  O   . HOH G 4 .   ? 26.785  18.262  16.599  1.00 48.39  ? 2031 HOH A O   1 
HETATM 974  O  O   . HOH G 4 .   ? 26.127  20.402  14.337  1.00 45.99  ? 2032 HOH A O   1 
HETATM 975  O  O   . HOH G 4 .   ? 28.292  15.911  23.633  1.00 44.08  ? 2033 HOH A O   1 
HETATM 976  O  O   . HOH G 4 .   ? 30.801  17.047  24.768  1.00 35.88  ? 2034 HOH A O   1 
HETATM 977  O  O   . HOH G 4 .   ? 30.567  14.998  16.889  1.00 31.00  ? 2035 HOH A O   1 
HETATM 978  O  O   . HOH G 4 .   ? 25.557  16.376  22.944  1.00 34.82  ? 2036 HOH A O   1 
HETATM 979  O  O   . HOH G 4 .   ? 24.485  12.925  13.857  1.00 32.11  ? 2037 HOH A O   1 
HETATM 980  O  O   . HOH G 4 .   ? 28.048  15.892  15.911  1.00 75.15  ? 2038 HOH A O   1 
HETATM 981  O  O   . HOH G 4 .   ? 22.160  11.869  15.073  1.00 31.23  ? 2039 HOH A O   1 
HETATM 982  O  O   . HOH G 4 .   ? 16.171  13.006  12.371  1.00 22.98  ? 2040 HOH A O   1 
HETATM 983  O  O   . HOH G 4 .   ? 19.043  9.242   10.018  1.00 35.71  ? 2041 HOH A O   1 
HETATM 984  O  O   . HOH G 4 .   ? 18.275  7.103   12.251  1.00 41.92  ? 2042 HOH A O   1 
HETATM 985  O  O   . HOH G 4 .   ? 18.775  4.266   15.377  1.00 34.68  ? 2043 HOH A O   1 
HETATM 986  O  O   . HOH G 4 .   ? 23.754  19.173  13.314  1.00 31.30  ? 2044 HOH A O   1 
HETATM 987  O  O   . HOH G 4 .   ? 23.816  25.085  14.914  1.00 44.50  ? 2045 HOH A O   1 
HETATM 988  O  O   . HOH G 4 .   ? 15.210  28.788  22.876  1.00 41.12  ? 2046 HOH A O   1 
HETATM 989  O  O   . HOH G 4 .   ? 17.482  29.632  29.024  1.00 50.62  ? 2047 HOH A O   1 
HETATM 990  O  O   . HOH G 4 .   ? 13.974  24.085  24.219  1.00 41.90  ? 2048 HOH A O   1 
HETATM 991  O  O   . HOH G 4 .   ? 14.478  19.902  23.581  1.00 39.39  ? 2049 HOH A O   1 
HETATM 992  O  O   . HOH G 4 .   ? 11.808  24.495  16.705  1.00 46.31  ? 2050 HOH A O   1 
HETATM 993  O  O   . HOH G 4 .   ? 13.685  20.549  18.900  1.00 34.50  ? 2051 HOH A O   1 
HETATM 994  O  O   . HOH G 4 .   ? 11.628  18.718  13.585  1.00 28.79  ? 2052 HOH A O   1 
HETATM 995  O  O   . HOH G 4 .   ? 12.149  18.631  10.879  1.00 47.30  ? 2053 HOH A O   1 
HETATM 996  O  O   . HOH G 4 .   ? 10.693  16.608  8.850   1.00 41.12  ? 2054 HOH A O   1 
HETATM 997  O  O   . HOH G 4 .   ? 13.851  10.801  6.075   1.00 27.98  ? 2055 HOH A O   1 
HETATM 998  O  O   . HOH G 4 .   ? 14.158  13.944  5.275   1.00 33.07  ? 2056 HOH A O   1 
HETATM 999  O  O   . HOH G 4 .   ? 11.185  16.445  5.904   1.00 33.75  ? 2057 HOH A O   1 
HETATM 1000 O  O   . HOH G 4 .   ? 8.494   14.286  1.011   1.00 46.39  ? 2058 HOH A O   1 
HETATM 1001 O  O   . HOH G 4 .   ? 5.917   11.245  5.378   1.00 30.23  ? 2059 HOH A O   1 
HETATM 1002 O  O   . HOH G 4 .   ? 9.107   7.111   10.025  1.00 20.28  ? 2060 HOH A O   1 
HETATM 1003 O  O   . HOH G 4 .   ? 16.912  7.764   8.645   1.00 33.82  ? 2061 HOH A O   1 
HETATM 1004 O  O   . HOH G 4 .   ? 17.663  16.687  26.341  1.00 34.01  ? 2062 HOH A O   1 
HETATM 1005 O  O   . HOH G 4 .   ? 11.225  4.873   17.808  1.00 40.44  ? 2063 HOH A O   1 
HETATM 1006 O  O   . HOH G 4 .   ? 8.365   2.943   14.301  1.00 28.42  ? 2064 HOH A O   1 
HETATM 1007 O  O   . HOH G 4 .   ? 6.733   5.086   17.010  1.00 38.01  ? 2065 HOH A O   1 
HETATM 1008 O  O   . HOH G 4 .   ? 10.017  2.993   10.358  1.00 26.71  ? 2066 HOH A O   1 
HETATM 1009 O  O   . HOH G 4 .   ? 4.040   7.134   15.824  1.00 28.28  ? 2067 HOH A O   1 
HETATM 1010 O  O   . HOH G 4 .   ? 1.533   7.771   12.559  1.00 38.79  ? 2068 HOH A O   1 
HETATM 1011 O  O   . HOH G 4 .   ? 1.107   -0.657  13.883  1.00 39.17  ? 2069 HOH A O   1 
HETATM 1012 O  O   . HOH G 4 .   ? 5.925   -0.349  16.296  1.00 42.81  ? 2070 HOH A O   1 
HETATM 1013 O  O   . HOH G 4 .   ? 0.511   7.178   7.725   1.00 32.65  ? 2071 HOH A O   1 
HETATM 1014 O  O   . HOH G 4 .   ? 5.737   10.265  9.071   1.00 30.30  ? 2072 HOH A O   1 
HETATM 1015 O  O   . HOH G 4 .   ? -1.354  -1.362  10.481  1.00 32.44  ? 2073 HOH A O   1 
HETATM 1016 O  O   . HOH G 4 .   ? -7.947  0.346   6.812   1.00 49.04  ? 2074 HOH A O   1 
HETATM 1017 O  O   . HOH G 4 .   ? -2.673  -1.318  7.954   1.00 30.63  ? 2075 HOH A O   1 
HETATM 1018 O  O   . HOH G 4 .   ? -6.920  3.206   4.281   1.00 28.45  ? 2076 HOH A O   1 
HETATM 1019 O  O   . HOH G 4 .   ? -7.036  -2.195  7.725   1.00 60.37  ? 2077 HOH A O   1 
HETATM 1020 O  O   . HOH G 4 .   ? -5.401  -6.519  0.622   1.00 25.58  ? 2078 HOH A O   1 
HETATM 1021 O  O   . HOH G 4 .   ? -12.661 -0.169  1.357   1.00 35.76  ? 2079 HOH A O   1 
HETATM 1022 O  O   . HOH G 4 .   ? -11.916 -2.099  -0.498  1.00 27.84  ? 2080 HOH A O   1 
HETATM 1023 O  O   . HOH G 4 .   ? 0.100   -5.204  8.979   1.00 38.61  ? 2081 HOH A O   1 
HETATM 1024 O  O   . HOH G 4 .   ? 6.632   -2.866  9.765   1.00 34.40  ? 2082 HOH A O   1 
HETATM 1025 O  O   . HOH G 4 .   ? 9.370   2.695   0.223   1.00 51.03  ? 2083 HOH A O   1 
HETATM 1026 O  O   . HOH G 4 .   ? 11.491  4.891   3.553   1.00 34.35  ? 2084 HOH A O   1 
HETATM 1027 O  O   . HOH G 4 .   ? 9.826   9.762   3.203   1.00 47.82  ? 2085 HOH A O   1 
HETATM 1028 O  O   . HOH G 4 .   ? 5.172   3.931   -0.811  1.00 79.68  ? 2086 HOH A O   1 
HETATM 1029 O  O   . HOH G 4 .   ? 2.442   3.478   0.103   1.00 35.09  ? 2087 HOH A O   1 
HETATM 1030 O  O   . HOH G 4 .   ? 1.266   1.118   -0.521  1.00 21.52  ? 2088 HOH A O   1 
HETATM 1031 O  O   . HOH G 4 .   ? 0.400   -1.250  -2.608  1.00 37.84  ? 2089 HOH A O   1 
HETATM 1032 O  O   . HOH G 4 .   ? 1.304   -5.494  -2.959  1.00 44.83  ? 2090 HOH A O   1 
HETATM 1033 O  O   . HOH G 4 .   ? -0.345  -11.404 -1.290  1.00 42.64  ? 2091 HOH A O   1 
HETATM 1034 O  O   . HOH G 4 .   ? -7.413  -12.782 -1.303  1.00 32.28  ? 2092 HOH A O   1 
HETATM 1035 O  O   . HOH G 4 .   ? -3.240  -9.467  -6.688  1.00 44.42  ? 2093 HOH A O   1 
HETATM 1036 O  O   . HOH G 4 .   ? -5.366  -8.337  -8.084  1.00 25.60  ? 2094 HOH A O   1 
HETATM 1037 O  O   . HOH G 4 .   ? -9.852  -9.320  -7.351  1.00 21.92  ? 2095 HOH A O   1 
HETATM 1038 O  O   . HOH G 4 .   ? -1.281  -5.395  -5.542  1.00 32.64  ? 2096 HOH A O   1 
HETATM 1039 O  O   . HOH G 4 .   ? -0.900  -2.504  -5.882  1.00 42.56  ? 2097 HOH A O   1 
HETATM 1040 O  O   . HOH G 4 .   ? -4.367  3.730   -4.736  1.00 30.77  ? 2098 HOH A O   1 
HETATM 1041 O  O   . HOH G 4 .   ? -2.405  7.337   3.647   1.00 34.00  ? 2099 HOH A O   1 
HETATM 1042 O  O   . HOH G 4 .   ? -7.410  5.643   2.814   1.00 47.74  ? 2100 HOH A O   1 
HETATM 1043 O  O   . HOH G 4 .   ? -4.965  5.478   -2.191  1.00 115.76 ? 2101 HOH A O   1 
HETATM 1044 O  O   . HOH G 4 .   ? -12.134 1.232   -3.335  1.00 43.51  ? 2102 HOH A O   1 
HETATM 1045 O  O   . HOH G 4 .   ? -8.769  4.242   -5.203  1.00 37.64  ? 2103 HOH A O   1 
HETATM 1046 O  O   . HOH G 4 .   ? -12.817 -1.753  -5.453  1.00 30.21  ? 2104 HOH A O   1 
HETATM 1047 O  O   . HOH G 4 .   ? -13.913 -5.159  -8.756  1.00 29.97  ? 2105 HOH A O   1 
HETATM 1048 O  O   . HOH G 4 .   ? -15.605 -9.361  -5.006  1.00 36.58  ? 2106 HOH A O   1 
HETATM 1049 O  O   . HOH G 4 .   ? -9.227  -2.901  -11.753 1.00 30.63  ? 2107 HOH A O   1 
HETATM 1050 O  O   . HOH G 4 .   ? -15.108 -5.182  -16.640 1.00 40.52  ? 2108 HOH A O   1 
HETATM 1051 O  O   . HOH G 4 .   ? -6.077  -10.056 -10.053 1.00 21.45  ? 2109 HOH A O   1 
HETATM 1052 O  O   . HOH G 4 .   ? -15.822 -8.166  -19.246 1.00 32.61  ? 2110 HOH A O   1 
HETATM 1053 O  O   . HOH G 4 .   ? -10.131 -5.993  -23.737 1.00 45.34  ? 2111 HOH A O   1 
HETATM 1054 O  O   . HOH G 4 .   ? -8.155  -11.527 -24.677 0.50 39.22  ? 2112 HOH A O   1 
HETATM 1055 O  O   . HOH G 4 .   ? -15.523 -10.906 -20.656 1.00 29.57  ? 2113 HOH A O   1 
HETATM 1056 O  O   . HOH G 4 .   ? -10.043 -14.929 -23.067 1.00 30.98  ? 2114 HOH A O   1 
HETATM 1057 O  O   . HOH G 4 .   ? -17.510 -11.239 -22.940 1.00 34.60  ? 2115 HOH A O   1 
HETATM 1058 O  O   . HOH G 4 .   ? -15.174 -14.767 -29.014 1.00 38.22  ? 2116 HOH A O   1 
HETATM 1059 O  O   . HOH G 4 .   ? -21.781 -15.538 -29.420 1.00 44.03  ? 2117 HOH A O   1 
HETATM 1060 O  O   . HOH G 4 .   ? -16.939 -11.429 -26.602 1.00 48.50  ? 2118 HOH A O   1 
HETATM 1061 O  O   . HOH G 4 .   ? -24.313 -12.916 -24.488 1.00 32.20  ? 2119 HOH A O   1 
HETATM 1062 O  O   . HOH G 4 .   ? -19.151 -9.534  -31.481 1.00 48.12  ? 2120 HOH A O   1 
HETATM 1063 O  O   . HOH G 4 .   ? -19.470 -8.704  -19.128 1.00 34.46  ? 2121 HOH A O   1 
HETATM 1064 O  O   . HOH G 4 .   ? -18.975 -8.233  -11.386 1.00 41.97  ? 2122 HOH A O   1 
HETATM 1065 O  O   . HOH G 4 .   ? -16.271 -7.779  -7.026  1.00 38.37  ? 2123 HOH A O   1 
HETATM 1066 O  O   . HOH G 4 .   ? -14.576 -14.460 -4.510  1.00 30.19  ? 2124 HOH A O   1 
HETATM 1067 O  O   . HOH G 4 .   ? -7.312  -17.361 -8.679  1.00 33.10  ? 2125 HOH A O   1 
HETATM 1068 O  O   . HOH G 4 .   ? -6.399  -15.984 -4.924  1.00 33.00  ? 2126 HOH A O   1 
HETATM 1069 O  O   . HOH G 4 .   ? -2.529  -14.366 -8.344  1.00 33.10  ? 2127 HOH A O   1 
HETATM 1070 O  O   . HOH G 4 .   ? -14.838 -18.684 -11.213 1.00 32.00  ? 2128 HOH A O   1 
HETATM 1071 O  O   . HOH G 4 .   ? -16.484 -19.099 -15.278 1.00 27.77  ? 2129 HOH A O   1 
HETATM 1072 O  O   . HOH G 4 .   ? -18.070 -20.319 -17.192 1.00 29.33  ? 2130 HOH A O   1 
HETATM 1073 O  O   . HOH G 4 .   ? -22.302 -20.281 -18.198 1.00 43.59  ? 2131 HOH A O   1 
HETATM 1074 O  O   . HOH G 4 .   ? -25.407 -14.434 -19.985 1.00 45.42  ? 2132 HOH A O   1 
HETATM 1075 O  O   . HOH G 4 .   ? -26.025 -24.271 -23.865 1.00 41.13  ? 2133 HOH A O   1 
HETATM 1076 O  O   . HOH G 4 .   ? -13.340 -22.110 -21.364 1.00 27.63  ? 2134 HOH A O   1 
HETATM 1077 O  O   . HOH G 4 .   ? -8.831  -19.900 -23.427 1.00 35.74  ? 2135 HOH A O   1 
HETATM 1078 O  O   . HOH G 4 .   ? -17.533 -29.468 -28.399 1.00 47.60  ? 2136 HOH A O   1 
HETATM 1079 O  O   . HOH G 4 .   ? -27.808 -23.649 -31.173 1.00 57.90  ? 2137 HOH A O   1 
HETATM 1080 O  O   . HOH G 4 .   ? -17.950 -26.123 -33.542 1.00 60.30  ? 2138 HOH A O   1 
HETATM 1081 O  O   . HOH G 4 .   ? -28.562 -33.519 -29.888 1.00 36.41  ? 2139 HOH A O   1 
HETATM 1082 O  O   . HOH G 4 .   ? -29.163 -33.027 -32.639 1.00 52.09  ? 2140 HOH A O   1 
HETATM 1083 O  O   . HOH G 4 .   ? 3.188   -11.091 1.854   1.00 51.52  ? 2141 HOH A O   1 
# 
